data_4YZ4
#
_entry.id   4YZ4
#
_cell.length_a   73.380
_cell.length_b   136.090
_cell.length_c   150.440
_cell.angle_alpha   90.000
_cell.angle_beta   90.000
_cell.angle_gamma   90.000
#
_symmetry.space_group_name_H-M   'P 21 21 21'
#
loop_
_entity.id
_entity.type
_entity.pdbx_description
1 polymer 'Sialidase, NanC'
2 non-polymer 'N-acetyl-alpha-neuraminic acid'
3 non-polymer 'SULFATE ION'
4 water water
#
_entity_poly.entity_id   1
_entity_poly.type   'polypeptide(L)'
_entity_poly.pdbx_seq_one_letter_code
;MAHHHHHHSSGLEVLFQGPNTPVLEKNNVTLTGGGENVTKELKDKFTSGDFTVVIKYNQSSEKGLQALFGISNSKPGQQN
SYVDVFLRDNGELGMEARDTSSNKNNLVSRPASVWGKYKQEAVTNTVAVVADSVKKTYSLYANGTKVVEKKVDNFLNIKD
IKGIDYYMLGGVKRAGKTAFGFNGTLENIKFFNSALDEETVKKMTTNAVTGHLIYTANDTTGSNYFRIPVLYTFSNGRVF
SSIDARYGGTHDFLNKINIATSYSDDNGKTWTKPKLTLAFDDFAPVPLEWPREVGGRDLQISGGATYIDSVIVEKKNKQV
LMFADVMPAGVSFREATRKDSGYKQIDGNYYLKLRKQGDTDYNYTIRENGTVYDDRTNRPTEFSVDKNFGIKQNGNYLTV
EQYSVSFENNKKTEYRNGTKVHMNIFYKDALFKVVPTNYIAYISSNDHGESWSAPTLLPPIMGLNRNAPYLGPGRGIIES
STGRILIPSYTGKESAFIYSDDNGASWKVKVVPLPSSWSAEAQFVELSPGVIQAYMRTNNGKIAYLTSKDAGTTWSAPEY
LKFVSNPSYGTQLSIINYSQLIDGKKAVILSTPNSTNGRKHGQIWIGLINDDNTIDWRYHHDVDYSNYGYSYSTLTELPN
HEIGLMFEKFDSWSRNELHMKNVVPYITFKIEDLKKN
;
_entity_poly.pdbx_strand_id   A,B
#
loop_
_chem_comp.id
_chem_comp.type
_chem_comp.name
_chem_comp.formula
SIA D-saccharide, alpha linking 'N-acetyl-alpha-neuraminic acid' 'C11 H19 N O9'
SO4 non-polymer 'SULFATE ION' 'O4 S -2'
#
# COMPACT_ATOMS: atom_id res chain seq x y z
N ASN A 20 -48.70 -29.34 35.92
CA ASN A 20 -49.06 -29.40 34.46
C ASN A 20 -48.78 -30.76 33.79
N THR A 21 -49.80 -31.62 33.69
CA THR A 21 -49.64 -32.97 33.10
C THR A 21 -50.37 -33.12 31.76
N PRO A 22 -49.69 -33.68 30.74
CA PRO A 22 -50.36 -33.97 29.47
C PRO A 22 -51.53 -34.98 29.56
N VAL A 23 -52.63 -34.68 28.88
CA VAL A 23 -53.72 -35.66 28.70
C VAL A 23 -53.39 -36.66 27.58
N LEU A 24 -52.53 -36.27 26.65
CA LEU A 24 -52.00 -37.20 25.65
C LEU A 24 -50.61 -36.77 25.24
N GLU A 25 -49.72 -37.74 25.05
CA GLU A 25 -48.41 -37.51 24.48
C GLU A 25 -48.14 -38.56 23.42
N LYS A 26 -47.68 -38.13 22.26
CA LYS A 26 -47.23 -39.06 21.20
C LYS A 26 -45.82 -38.67 20.72
N ASN A 27 -45.11 -39.62 20.11
CA ASN A 27 -43.75 -39.44 19.65
C ASN A 27 -43.39 -40.11 18.36
N ASN A 28 -42.50 -39.47 17.59
N ASN A 28 -42.50 -39.48 17.59
CA ASN A 28 -41.94 -40.03 16.35
CA ASN A 28 -41.94 -40.04 16.36
C ASN A 28 -43.01 -40.56 15.41
C ASN A 28 -43.02 -40.56 15.42
N VAL A 29 -43.95 -39.66 15.08
CA VAL A 29 -45.08 -39.96 14.24
C VAL A 29 -44.77 -39.39 12.87
N THR A 30 -44.49 -40.29 11.91
CA THR A 30 -44.10 -39.89 10.58
C THR A 30 -45.28 -39.96 9.64
N LEU A 31 -45.51 -38.86 8.94
CA LEU A 31 -46.71 -38.70 8.16
C LEU A 31 -46.37 -38.13 6.79
N THR A 32 -47.11 -38.60 5.80
CA THR A 32 -47.02 -38.02 4.48
C THR A 32 -48.42 -37.80 3.98
N GLY A 33 -49.11 -36.86 4.64
CA GLY A 33 -50.43 -36.41 4.21
C GLY A 33 -51.63 -37.10 4.82
N GLY A 34 -51.47 -38.32 5.30
CA GLY A 34 -52.62 -39.16 5.70
C GLY A 34 -53.16 -38.98 7.11
N GLY A 35 -52.32 -38.45 7.99
CA GLY A 35 -52.70 -38.20 9.38
C GLY A 35 -52.80 -39.42 10.27
N GLU A 36 -53.06 -39.18 11.55
CA GLU A 36 -53.31 -40.23 12.51
C GLU A 36 -54.52 -39.91 13.40
N ASN A 37 -55.44 -40.86 13.50
CA ASN A 37 -56.62 -40.69 14.35
C ASN A 37 -56.26 -40.94 15.81
N VAL A 38 -56.41 -39.94 16.65
CA VAL A 38 -56.30 -40.08 18.11
C VAL A 38 -57.63 -39.79 18.83
N THR A 39 -58.76 -40.07 18.19
CA THR A 39 -60.06 -39.75 18.81
C THR A 39 -60.30 -40.50 20.11
N LYS A 40 -60.01 -41.80 20.11
CA LYS A 40 -60.17 -42.64 21.30
C LYS A 40 -59.44 -42.01 22.51
N GLU A 41 -58.21 -41.57 22.29
CA GLU A 41 -57.35 -41.06 23.39
C GLU A 41 -57.75 -39.69 23.91
N LEU A 42 -58.39 -38.88 23.05
CA LEU A 42 -58.73 -37.48 23.37
C LEU A 42 -60.20 -37.14 23.56
N LYS A 43 -61.10 -37.92 22.97
CA LYS A 43 -62.54 -37.64 23.19
C LYS A 43 -62.74 -37.69 24.71
N ASP A 44 -63.41 -36.69 25.26
CA ASP A 44 -63.71 -36.63 26.71
C ASP A 44 -62.53 -36.31 27.67
N LYS A 45 -61.43 -35.77 27.13
CA LYS A 45 -60.34 -35.23 27.96
C LYS A 45 -60.50 -33.73 28.24
N PHE A 46 -61.14 -32.98 27.35
CA PHE A 46 -61.20 -31.51 27.48
C PHE A 46 -62.47 -31.01 28.19
N THR A 47 -62.49 -31.15 29.51
CA THR A 47 -63.67 -30.80 30.29
C THR A 47 -63.94 -29.26 30.28
N SER A 48 -62.95 -28.44 30.59
CA SER A 48 -63.13 -26.97 30.53
C SER A 48 -63.40 -26.44 29.12
N GLY A 49 -62.76 -27.03 28.10
CA GLY A 49 -62.77 -26.49 26.75
C GLY A 49 -61.45 -25.82 26.39
N ASP A 50 -60.76 -25.22 27.38
CA ASP A 50 -59.41 -24.66 27.21
C ASP A 50 -58.39 -25.71 26.85
N PHE A 51 -57.31 -25.27 26.23
CA PHE A 51 -56.28 -26.21 25.82
C PHE A 51 -54.93 -25.58 25.53
N THR A 52 -53.91 -26.42 25.60
CA THR A 52 -52.57 -26.09 25.20
C THR A 52 -52.05 -27.26 24.40
N VAL A 53 -51.41 -26.99 23.26
CA VAL A 53 -50.83 -28.05 22.51
C VAL A 53 -49.43 -27.61 22.18
N VAL A 54 -48.46 -28.48 22.46
CA VAL A 54 -47.03 -28.21 22.21
C VAL A 54 -46.53 -29.29 21.26
N ILE A 55 -45.99 -28.83 20.14
CA ILE A 55 -45.63 -29.68 19.03
C ILE A 55 -44.17 -29.43 18.63
N LYS A 56 -43.34 -30.45 18.80
CA LYS A 56 -42.00 -30.48 18.22
C LYS A 56 -42.06 -31.28 16.93
N TYR A 57 -41.70 -30.66 15.80
CA TYR A 57 -41.87 -31.28 14.49
C TYR A 57 -40.75 -30.88 13.53
N ASN A 58 -40.68 -31.57 12.41
CA ASN A 58 -39.92 -31.11 11.25
C ASN A 58 -40.69 -31.48 10.01
N GLN A 59 -40.59 -30.67 8.97
CA GLN A 59 -41.36 -30.92 7.74
C GLN A 59 -40.48 -31.62 6.72
N SER A 60 -41.05 -32.61 6.03
CA SER A 60 -40.37 -33.35 4.97
C SER A 60 -40.62 -32.66 3.64
N SER A 61 -41.79 -32.02 3.54
CA SER A 61 -42.18 -31.15 2.41
C SER A 61 -42.94 -29.95 2.98
N GLU A 62 -42.53 -28.75 2.56
CA GLU A 62 -43.15 -27.54 3.10
C GLU A 62 -44.35 -27.03 2.27
N LYS A 63 -44.59 -27.61 1.09
CA LYS A 63 -45.61 -27.06 0.17
C LYS A 63 -47.05 -27.27 0.69
N GLY A 64 -47.88 -26.24 0.51
CA GLY A 64 -49.29 -26.35 0.87
C GLY A 64 -49.56 -26.02 2.32
N LEU A 65 -50.82 -25.74 2.60
CA LEU A 65 -51.24 -25.47 3.94
C LEU A 65 -51.26 -26.80 4.69
N GLN A 66 -50.56 -26.88 5.83
CA GLN A 66 -50.49 -28.14 6.59
C GLN A 66 -50.90 -27.91 8.04
N ALA A 67 -51.79 -28.75 8.55
CA ALA A 67 -52.18 -28.74 9.96
C ALA A 67 -51.34 -29.72 10.78
N LEU A 68 -50.79 -29.26 11.90
CA LEU A 68 -50.08 -30.13 12.85
C LEU A 68 -51.02 -31.05 13.63
N PHE A 69 -52.22 -30.56 13.91
CA PHE A 69 -53.29 -31.38 14.46
C PHE A 69 -54.63 -30.68 14.13
N GLY A 70 -55.72 -31.44 14.26
CA GLY A 70 -57.06 -30.96 13.94
C GLY A 70 -58.07 -31.62 14.85
N ILE A 71 -58.93 -30.81 15.44
CA ILE A 71 -60.01 -31.30 16.30
C ILE A 71 -61.24 -30.80 15.63
N SER A 72 -62.04 -31.71 15.13
CA SER A 72 -63.19 -31.34 14.28
C SER A 72 -64.48 -32.09 14.55
N ASN A 73 -65.57 -31.50 14.04
CA ASN A 73 -66.81 -32.25 13.74
C ASN A 73 -66.65 -32.77 12.31
N SER A 74 -66.55 -34.09 12.16
CA SER A 74 -66.18 -34.70 10.87
C SER A 74 -67.36 -35.07 9.98
N LYS A 75 -68.57 -34.91 10.52
CA LYS A 75 -69.78 -35.30 9.82
C LYS A 75 -70.00 -34.43 8.57
N PRO A 76 -70.69 -34.96 7.56
CA PRO A 76 -71.01 -34.10 6.39
C PRO A 76 -71.88 -32.86 6.77
N GLY A 77 -71.63 -31.74 6.10
CA GLY A 77 -72.23 -30.45 6.47
C GLY A 77 -71.46 -29.61 7.49
N GLN A 78 -70.56 -30.22 8.27
CA GLN A 78 -69.87 -29.52 9.37
C GLN A 78 -68.38 -29.26 9.07
N GLN A 79 -68.07 -28.95 7.81
CA GLN A 79 -66.70 -28.76 7.32
C GLN A 79 -66.01 -27.61 8.02
N ASN A 80 -66.79 -26.62 8.46
CA ASN A 80 -66.27 -25.40 9.11
C ASN A 80 -66.37 -25.42 10.66
N SER A 81 -66.36 -26.64 11.25
CA SER A 81 -66.36 -26.82 12.70
C SER A 81 -65.08 -27.55 13.14
N TYR A 82 -64.05 -26.75 13.42
CA TYR A 82 -62.76 -27.29 13.77
C TYR A 82 -61.82 -26.27 14.40
N VAL A 83 -60.83 -26.81 15.12
CA VAL A 83 -59.66 -26.09 15.60
C VAL A 83 -58.40 -26.75 15.04
N ASP A 84 -57.44 -25.96 14.56
CA ASP A 84 -56.16 -26.50 14.16
C ASP A 84 -55.05 -25.53 14.44
N VAL A 85 -53.83 -26.03 14.37
CA VAL A 85 -52.65 -25.20 14.26
C VAL A 85 -52.10 -25.55 12.88
N PHE A 86 -51.73 -24.53 12.10
CA PHE A 86 -51.22 -24.75 10.72
C PHE A 86 -49.93 -24.03 10.42
N LEU A 87 -49.24 -24.57 9.43
CA LEU A 87 -48.05 -24.01 8.83
C LEU A 87 -48.25 -23.78 7.33
N ARG A 88 -47.74 -22.65 6.86
CA ARG A 88 -47.77 -22.29 5.45
C ARG A 88 -46.39 -22.48 4.87
N ASP A 89 -46.30 -22.55 3.54
CA ASP A 89 -45.01 -22.74 2.88
C ASP A 89 -44.09 -21.50 2.95
N ASN A 90 -44.57 -20.42 3.55
CA ASN A 90 -43.75 -19.24 3.79
C ASN A 90 -43.28 -19.13 5.24
N GLY A 91 -43.57 -20.13 6.07
CA GLY A 91 -43.08 -20.13 7.43
C GLY A 91 -44.05 -19.46 8.37
N GLU A 92 -45.20 -19.06 7.87
CA GLU A 92 -46.24 -18.53 8.79
C GLU A 92 -46.75 -19.65 9.67
N LEU A 93 -46.95 -19.34 10.94
CA LEU A 93 -47.64 -20.20 11.91
C LEU A 93 -48.95 -19.53 12.27
N GLY A 94 -49.99 -20.33 12.35
CA GLY A 94 -51.31 -19.83 12.69
C GLY A 94 -52.17 -20.86 13.38
N MET A 95 -53.36 -20.42 13.77
CA MET A 95 -54.40 -21.32 14.21
C MET A 95 -55.76 -20.86 13.71
N GLU A 96 -56.68 -21.80 13.52
CA GLU A 96 -58.09 -21.50 13.26
C GLU A 96 -58.92 -22.12 14.36
N ALA A 97 -59.99 -21.43 14.71
CA ALA A 97 -61.05 -21.98 15.55
C ALA A 97 -62.37 -21.53 14.97
N ARG A 98 -63.17 -22.48 14.51
CA ARG A 98 -64.35 -22.21 13.69
C ARG A 98 -65.51 -23.07 14.13
N ASP A 99 -66.71 -22.56 13.90
CA ASP A 99 -67.93 -23.30 14.17
C ASP A 99 -68.91 -23.00 13.04
N THR A 100 -69.40 -24.07 12.39
CA THR A 100 -70.23 -23.96 11.21
C THR A 100 -71.57 -23.24 11.46
N SER A 101 -72.34 -23.73 12.43
CA SER A 101 -73.75 -23.32 12.58
C SER A 101 -73.89 -21.86 13.02
N SER A 102 -72.88 -21.35 13.74
CA SER A 102 -72.84 -19.97 14.22
C SER A 102 -72.05 -19.03 13.29
N ASN A 103 -71.49 -19.58 12.21
CA ASN A 103 -70.60 -18.87 11.32
C ASN A 103 -69.58 -17.97 12.03
N LYS A 104 -68.98 -18.50 13.10
CA LYS A 104 -67.84 -17.85 13.77
C LYS A 104 -66.52 -18.47 13.27
N ASN A 105 -65.56 -17.60 12.94
CA ASN A 105 -64.32 -17.99 12.26
C ASN A 105 -63.16 -17.20 12.79
N ASN A 106 -62.42 -17.77 13.75
CA ASN A 106 -61.25 -17.12 14.34
C ASN A 106 -59.99 -17.62 13.65
N LEU A 107 -59.12 -16.67 13.33
CA LEU A 107 -57.83 -16.96 12.76
C LEU A 107 -56.84 -15.99 13.38
N VAL A 108 -55.77 -16.56 13.92
CA VAL A 108 -54.70 -15.84 14.62
C VAL A 108 -53.39 -16.42 14.09
N SER A 109 -52.44 -15.56 13.74
CA SER A 109 -51.21 -16.03 13.12
C SER A 109 -50.14 -14.96 13.15
N ARG A 110 -48.92 -15.36 12.80
CA ARG A 110 -47.86 -14.41 12.52
C ARG A 110 -47.00 -14.95 11.43
N PRO A 111 -46.70 -14.11 10.44
CA PRO A 111 -45.68 -14.46 9.42
C PRO A 111 -44.35 -14.88 10.01
N ALA A 112 -43.58 -15.64 9.23
CA ALA A 112 -42.17 -15.88 9.50
C ALA A 112 -41.90 -16.37 10.93
N SER A 113 -42.70 -17.35 11.34
CA SER A 113 -42.68 -17.90 12.70
C SER A 113 -41.78 -19.12 12.85
N VAL A 114 -41.56 -19.88 11.78
CA VAL A 114 -40.79 -21.13 11.88
C VAL A 114 -39.69 -21.20 10.83
N TRP A 115 -38.77 -22.16 11.00
CA TRP A 115 -37.74 -22.44 9.99
C TRP A 115 -38.16 -23.67 9.19
N GLY A 116 -37.68 -23.76 7.95
CA GLY A 116 -37.97 -24.89 7.06
C GLY A 116 -36.82 -25.89 7.01
N LYS A 117 -35.76 -25.50 6.32
CA LYS A 117 -34.56 -26.32 6.18
C LYS A 117 -33.33 -25.48 6.46
N TYR A 118 -32.29 -26.21 6.82
CA TYR A 118 -31.03 -25.68 7.25
C TYR A 118 -29.96 -26.69 6.84
N LYS A 119 -29.05 -26.26 5.97
CA LYS A 119 -27.89 -27.11 5.61
C LYS A 119 -28.30 -28.51 5.18
N GLN A 120 -29.26 -28.55 4.26
CA GLN A 120 -29.77 -29.80 3.64
C GLN A 120 -30.68 -30.68 4.51
N GLU A 121 -31.06 -30.25 5.70
CA GLU A 121 -31.92 -31.07 6.57
C GLU A 121 -33.09 -30.26 7.06
N ALA A 122 -34.22 -30.94 7.24
CA ALA A 122 -35.42 -30.34 7.78
C ALA A 122 -35.11 -29.83 9.16
N VAL A 123 -35.61 -28.64 9.49
CA VAL A 123 -35.34 -28.08 10.84
C VAL A 123 -36.39 -28.56 11.81
N THR A 124 -35.94 -28.91 13.00
CA THR A 124 -36.84 -29.20 14.09
C THR A 124 -37.29 -27.90 14.74
N ASN A 125 -38.58 -27.64 14.71
CA ASN A 125 -39.18 -26.50 15.42
C ASN A 125 -40.01 -27.00 16.58
N THR A 126 -40.33 -26.10 17.49
CA THR A 126 -41.26 -26.40 18.56
C THR A 126 -42.17 -25.22 18.63
N VAL A 127 -43.46 -25.48 18.49
CA VAL A 127 -44.46 -24.42 18.45
C VAL A 127 -45.50 -24.81 19.46
N ALA A 128 -46.39 -23.88 19.78
CA ALA A 128 -47.44 -24.15 20.75
C ALA A 128 -48.59 -23.18 20.56
N VAL A 129 -49.77 -23.62 20.97
CA VAL A 129 -50.99 -22.80 20.99
C VAL A 129 -51.56 -22.87 22.40
N VAL A 130 -52.07 -21.73 22.88
CA VAL A 130 -52.76 -21.66 24.15
C VAL A 130 -54.11 -21.01 23.89
N ALA A 131 -55.19 -21.70 24.27
CA ALA A 131 -56.54 -21.18 24.16
C ALA A 131 -57.14 -20.99 25.57
N ASP A 132 -57.38 -19.73 25.94
CA ASP A 132 -57.73 -19.32 27.32
C ASP A 132 -59.10 -18.64 27.30
N SER A 133 -60.15 -19.37 27.68
CA SER A 133 -61.51 -18.85 27.60
C SER A 133 -61.83 -17.74 28.60
N VAL A 134 -61.12 -17.68 29.72
CA VAL A 134 -61.31 -16.58 30.69
C VAL A 134 -60.80 -15.26 30.09
N LYS A 135 -59.55 -15.25 29.60
CA LYS A 135 -59.04 -14.07 28.86
C LYS A 135 -59.64 -13.88 27.45
N LYS A 136 -60.31 -14.90 26.93
CA LYS A 136 -60.77 -14.95 25.53
C LYS A 136 -59.63 -14.69 24.54
N THR A 137 -58.50 -15.33 24.78
CA THR A 137 -57.33 -15.16 23.93
C THR A 137 -56.82 -16.46 23.36
N TYR A 138 -56.18 -16.34 22.22
CA TYR A 138 -55.37 -17.36 21.62
C TYR A 138 -53.95 -16.85 21.59
N SER A 139 -53.00 -17.69 21.99
CA SER A 139 -51.59 -17.36 21.88
C SER A 139 -50.84 -18.42 21.11
N LEU A 140 -49.84 -18.00 20.35
CA LEU A 140 -49.01 -18.92 19.58
C LEU A 140 -47.55 -18.65 19.90
N TYR A 141 -46.77 -19.71 19.96
CA TYR A 141 -45.39 -19.66 20.30
C TYR A 141 -44.62 -20.45 19.26
N ALA A 142 -43.42 -19.99 18.98
CA ALA A 142 -42.52 -20.71 18.11
C ALA A 142 -41.09 -20.49 18.59
N ASN A 143 -40.40 -21.58 18.90
CA ASN A 143 -38.94 -21.56 19.12
C ASN A 143 -38.49 -20.59 20.21
N GLY A 144 -39.30 -20.45 21.27
CA GLY A 144 -38.99 -19.61 22.42
C GLY A 144 -39.59 -18.24 22.46
N THR A 145 -40.39 -17.88 21.46
CA THR A 145 -40.97 -16.56 21.33
C THR A 145 -42.47 -16.70 21.23
N LYS A 146 -43.19 -15.86 21.96
CA LYS A 146 -44.63 -15.74 21.78
C LYS A 146 -44.88 -14.87 20.56
N VAL A 147 -45.20 -15.52 19.45
CA VAL A 147 -45.24 -14.82 18.17
C VAL A 147 -46.53 -14.02 18.04
N VAL A 148 -47.61 -14.46 18.66
CA VAL A 148 -48.82 -13.63 18.65
C VAL A 148 -49.73 -13.95 19.83
N GLU A 149 -50.44 -12.92 20.31
CA GLU A 149 -51.48 -13.05 21.33
C GLU A 149 -52.66 -12.10 21.02
N LYS A 150 -53.84 -12.66 20.88
CA LYS A 150 -54.99 -11.94 20.37
C LYS A 150 -56.23 -12.24 21.25
N LYS A 151 -56.80 -11.21 21.88
CA LYS A 151 -58.17 -11.29 22.41
C LYS A 151 -59.14 -11.19 21.25
N VAL A 152 -60.07 -12.13 21.16
CA VAL A 152 -61.10 -12.08 20.12
C VAL A 152 -62.50 -12.12 20.74
N ASP A 153 -63.43 -11.37 20.13
CA ASP A 153 -64.81 -11.29 20.61
C ASP A 153 -65.54 -12.63 20.44
N ASN A 154 -65.46 -13.22 19.25
CA ASN A 154 -66.09 -14.53 18.97
C ASN A 154 -65.24 -15.74 19.37
N PHE A 155 -64.69 -15.70 20.57
CA PHE A 155 -63.81 -16.73 21.05
C PHE A 155 -64.50 -18.10 21.05
N LEU A 156 -63.79 -19.11 20.58
CA LEU A 156 -64.27 -20.49 20.58
C LEU A 156 -63.25 -21.39 21.21
N ASN A 157 -63.69 -22.22 22.13
CA ASN A 157 -62.86 -23.33 22.56
C ASN A 157 -63.49 -24.61 22.06
N ILE A 158 -62.94 -25.75 22.47
CA ILE A 158 -63.32 -27.04 21.91
C ILE A 158 -64.78 -27.36 22.20
N LYS A 159 -65.22 -27.09 23.43
CA LYS A 159 -66.62 -27.31 23.83
C LYS A 159 -67.63 -26.36 23.14
N ASP A 160 -67.20 -25.16 22.79
CA ASP A 160 -68.08 -24.19 22.13
C ASP A 160 -68.48 -24.62 20.71
N ILE A 161 -67.65 -25.44 20.07
CA ILE A 161 -67.90 -25.91 18.72
C ILE A 161 -68.80 -27.16 18.77
N LYS A 162 -69.87 -27.12 17.97
CA LYS A 162 -70.94 -28.12 18.06
C LYS A 162 -70.54 -29.47 17.43
N GLY A 163 -70.70 -30.54 18.20
CA GLY A 163 -70.51 -31.91 17.72
C GLY A 163 -69.07 -32.34 17.40
N ILE A 164 -68.08 -31.83 18.14
CA ILE A 164 -66.68 -32.27 17.99
C ILE A 164 -66.68 -33.78 18.28
N ASP A 165 -66.24 -34.55 17.27
CA ASP A 165 -66.20 -36.03 17.33
C ASP A 165 -64.92 -36.68 16.77
N TYR A 166 -63.94 -35.88 16.31
CA TYR A 166 -62.75 -36.38 15.68
C TYR A 166 -61.51 -35.56 16.03
N TYR A 167 -60.45 -36.27 16.43
CA TYR A 167 -59.21 -35.67 16.90
C TYR A 167 -58.11 -36.37 16.15
N MET A 168 -57.31 -35.58 15.44
CA MET A 168 -56.40 -36.06 14.44
C MET A 168 -55.05 -35.39 14.57
N LEU A 169 -53.97 -36.18 14.41
CA LEU A 169 -52.63 -35.62 14.26
C LEU A 169 -52.34 -35.46 12.77
N GLY A 170 -51.79 -34.32 12.40
CA GLY A 170 -51.36 -34.07 11.04
C GLY A 170 -52.43 -33.85 9.98
N GLY A 171 -53.62 -33.40 10.40
CA GLY A 171 -54.68 -33.12 9.47
C GLY A 171 -55.90 -32.61 10.21
N VAL A 172 -56.94 -32.31 9.43
CA VAL A 172 -58.24 -31.95 9.98
C VAL A 172 -59.26 -32.78 9.19
N LYS A 173 -60.06 -33.56 9.90
CA LYS A 173 -61.09 -34.36 9.27
C LYS A 173 -62.33 -33.49 8.98
N ARG A 174 -62.51 -33.15 7.70
CA ARG A 174 -63.65 -32.37 7.23
C ARG A 174 -64.50 -33.21 6.32
N ALA A 175 -65.77 -33.39 6.67
CA ALA A 175 -66.73 -34.19 5.88
C ALA A 175 -66.18 -35.58 5.54
N GLY A 176 -65.64 -36.25 6.55
CA GLY A 176 -65.05 -37.58 6.36
C GLY A 176 -63.77 -37.70 5.51
N LYS A 177 -63.12 -36.58 5.18
CA LYS A 177 -61.89 -36.56 4.39
C LYS A 177 -60.79 -35.77 5.12
N THR A 178 -59.55 -36.15 4.89
CA THR A 178 -58.42 -35.50 5.54
C THR A 178 -58.08 -34.24 4.77
N ALA A 179 -58.05 -33.12 5.47
CA ALA A 179 -57.62 -31.84 4.91
C ALA A 179 -56.32 -31.34 5.58
N PHE A 180 -55.60 -30.48 4.87
CA PHE A 180 -54.36 -29.83 5.35
C PHE A 180 -53.35 -30.88 5.86
N GLY A 181 -53.18 -31.95 5.10
CA GLY A 181 -52.35 -33.07 5.50
C GLY A 181 -50.90 -32.64 5.70
N PHE A 182 -50.36 -32.94 6.88
CA PHE A 182 -48.97 -32.64 7.25
C PHE A 182 -47.99 -33.67 6.66
N ASN A 183 -46.84 -33.18 6.22
CA ASN A 183 -45.78 -34.00 5.64
C ASN A 183 -44.49 -33.79 6.48
N GLY A 184 -44.15 -34.78 7.29
CA GLY A 184 -43.00 -34.65 8.17
C GLY A 184 -43.15 -35.59 9.35
N THR A 185 -42.45 -35.25 10.42
CA THR A 185 -42.43 -36.07 11.62
C THR A 185 -42.84 -35.20 12.78
N LEU A 186 -43.83 -35.62 13.54
CA LEU A 186 -44.15 -35.03 14.83
C LEU A 186 -43.26 -35.77 15.81
N GLU A 187 -42.16 -35.13 16.19
CA GLU A 187 -41.17 -35.70 17.07
C GLU A 187 -41.77 -35.94 18.45
N ASN A 188 -42.50 -34.96 18.94
CA ASN A 188 -43.22 -35.06 20.20
C ASN A 188 -44.39 -34.10 20.14
N ILE A 189 -45.56 -34.54 20.60
CA ILE A 189 -46.72 -33.67 20.70
C ILE A 189 -47.42 -33.91 22.03
N LYS A 190 -47.75 -32.82 22.74
CA LYS A 190 -48.42 -32.90 24.04
C LYS A 190 -49.72 -32.08 24.05
N PHE A 191 -50.80 -32.71 24.49
CA PHE A 191 -52.08 -32.03 24.64
C PHE A 191 -52.30 -31.86 26.12
N PHE A 192 -52.65 -30.65 26.55
CA PHE A 192 -53.09 -30.37 27.91
C PHE A 192 -54.50 -29.82 27.83
N ASN A 193 -55.31 -30.15 28.83
CA ASN A 193 -56.70 -29.71 28.89
C ASN A 193 -56.88 -28.39 29.69
N SER A 194 -55.87 -27.53 29.64
CA SER A 194 -55.92 -26.20 30.23
C SER A 194 -54.94 -25.28 29.54
N ALA A 195 -55.10 -23.98 29.80
CA ALA A 195 -54.19 -22.94 29.32
C ALA A 195 -52.98 -22.82 30.24
N LEU A 196 -51.80 -23.18 29.74
CA LEU A 196 -50.55 -23.01 30.52
C LEU A 196 -50.04 -21.58 30.41
N ASP A 197 -49.18 -21.20 31.35
CA ASP A 197 -48.73 -19.81 31.47
C ASP A 197 -47.57 -19.51 30.50
N GLU A 198 -47.44 -18.22 30.17
CA GLU A 198 -46.49 -17.75 29.17
C GLU A 198 -45.06 -18.31 29.36
N GLU A 199 -44.53 -18.22 30.58
CA GLU A 199 -43.10 -18.56 30.78
C GLU A 199 -42.88 -20.06 30.64
N THR A 200 -43.85 -20.87 31.08
CA THR A 200 -43.80 -22.34 30.88
C THR A 200 -43.73 -22.71 29.41
N VAL A 201 -44.60 -22.10 28.61
CA VAL A 201 -44.67 -22.43 27.19
C VAL A 201 -43.45 -21.89 26.41
N LYS A 202 -42.99 -20.69 26.72
CA LYS A 202 -41.73 -20.16 26.11
C LYS A 202 -40.59 -21.14 26.32
N LYS A 203 -40.42 -21.55 27.57
CA LYS A 203 -39.43 -22.54 27.93
C LYS A 203 -39.66 -23.86 27.22
N MET A 204 -40.89 -24.37 27.18
CA MET A 204 -41.12 -25.63 26.45
C MET A 204 -40.81 -25.53 24.95
N THR A 205 -40.85 -24.34 24.37
CA THR A 205 -40.64 -24.19 22.91
C THR A 205 -39.19 -23.84 22.52
N THR A 206 -38.34 -23.62 23.53
CA THR A 206 -36.93 -23.24 23.35
C THR A 206 -36.18 -24.41 22.76
N ASN A 207 -35.30 -24.15 21.80
CA ASN A 207 -34.57 -25.22 21.13
C ASN A 207 -33.36 -24.64 20.41
N ALA A 208 -32.71 -25.43 19.56
CA ALA A 208 -31.54 -24.93 18.78
C ALA A 208 -31.84 -23.67 17.95
N VAL A 209 -33.08 -23.51 17.43
CA VAL A 209 -33.40 -22.33 16.60
C VAL A 209 -33.24 -21.06 17.44
N THR A 210 -33.70 -21.13 18.69
CA THR A 210 -33.65 -20.02 19.64
C THR A 210 -32.22 -19.49 19.84
N GLY A 211 -31.22 -20.38 19.84
CA GLY A 211 -29.81 -19.98 19.98
C GLY A 211 -29.16 -19.20 18.83
N HIS A 212 -29.84 -19.03 17.72
CA HIS A 212 -29.31 -18.27 16.59
C HIS A 212 -29.53 -16.76 16.64
N LEU A 213 -30.17 -16.27 17.71
CA LEU A 213 -30.30 -14.84 17.93
C LEU A 213 -29.12 -14.24 18.69
N ILE A 214 -28.54 -13.21 18.13
CA ILE A 214 -27.56 -12.39 18.81
C ILE A 214 -28.28 -11.25 19.54
N TYR A 215 -29.20 -10.59 18.84
CA TYR A 215 -29.99 -9.53 19.44
C TYR A 215 -31.39 -10.11 19.63
N THR A 216 -31.95 -9.96 20.81
CA THR A 216 -33.26 -10.48 21.12
C THR A 216 -34.11 -9.37 21.68
N ALA A 217 -35.41 -9.48 21.46
CA ALA A 217 -36.38 -8.48 21.92
C ALA A 217 -36.27 -8.27 23.42
N ASN A 218 -36.17 -7.00 23.79
CA ASN A 218 -36.06 -6.53 25.15
C ASN A 218 -34.81 -7.05 25.85
N ASP A 219 -33.71 -7.22 25.10
CA ASP A 219 -32.40 -7.52 25.69
C ASP A 219 -31.80 -6.23 26.30
N THR A 220 -30.47 -6.20 26.49
CA THR A 220 -29.78 -5.03 27.06
CA THR A 220 -29.80 -5.04 27.07
C THR A 220 -30.12 -3.75 26.34
N THR A 221 -30.39 -3.82 25.03
CA THR A 221 -30.67 -2.59 24.28
C THR A 221 -32.01 -1.95 24.64
N GLY A 222 -32.96 -2.71 25.18
CA GLY A 222 -34.27 -2.19 25.51
C GLY A 222 -35.21 -2.14 24.32
N SER A 223 -34.74 -2.61 23.15
CA SER A 223 -35.57 -2.59 21.94
C SER A 223 -36.30 -3.90 21.74
N ASN A 224 -37.58 -3.85 21.38
CA ASN A 224 -38.27 -5.05 20.90
C ASN A 224 -37.95 -5.45 19.46
N TYR A 225 -37.30 -4.55 18.68
CA TYR A 225 -37.15 -4.79 17.23
C TYR A 225 -35.75 -4.41 16.74
N PHE A 226 -35.38 -5.05 15.65
CA PHE A 226 -34.08 -4.87 15.03
C PHE A 226 -34.28 -5.01 13.55
N ARG A 227 -33.48 -4.26 12.80
CA ARG A 227 -33.33 -4.41 11.38
C ARG A 227 -31.90 -4.04 10.98
N ILE A 228 -31.50 -4.42 9.78
CA ILE A 228 -30.27 -3.94 9.17
C ILE A 228 -29.03 -4.44 9.87
N PRO A 229 -28.85 -5.76 9.86
CA PRO A 229 -27.67 -6.36 10.49
C PRO A 229 -26.38 -6.11 9.66
N VAL A 230 -25.23 -5.93 10.35
CA VAL A 230 -23.91 -5.88 9.76
C VAL A 230 -22.94 -6.75 10.55
N LEU A 231 -22.14 -7.57 9.86
CA LEU A 231 -21.04 -8.37 10.44
C LEU A 231 -19.70 -7.92 9.87
N TYR A 232 -18.65 -7.91 10.69
CA TYR A 232 -17.33 -7.63 10.21
C TYR A 232 -16.33 -8.43 11.02
N THR A 233 -15.28 -8.95 10.38
CA THR A 233 -14.17 -9.60 11.13
C THR A 233 -12.98 -8.72 11.19
N PHE A 234 -12.48 -8.48 12.41
CA PHE A 234 -11.30 -7.67 12.61
C PHE A 234 -10.05 -8.53 12.49
N SER A 235 -8.92 -7.84 12.35
CA SER A 235 -7.62 -8.46 12.09
C SER A 235 -7.20 -9.34 13.26
N ASN A 236 -7.47 -8.86 14.48
CA ASN A 236 -7.30 -9.70 15.67
C ASN A 236 -8.14 -11.02 15.78
N GLY A 237 -9.08 -11.27 14.89
CA GLY A 237 -9.95 -12.45 15.01
C GLY A 237 -11.26 -12.20 15.79
N ARG A 238 -11.47 -11.00 16.30
CA ARG A 238 -12.82 -10.62 16.73
C ARG A 238 -13.75 -10.50 15.53
N VAL A 239 -14.95 -11.00 15.74
CA VAL A 239 -16.06 -10.86 14.84
C VAL A 239 -17.00 -9.85 15.51
N PHE A 240 -17.30 -8.80 14.76
CA PHE A 240 -18.07 -7.70 15.22
C PHE A 240 -19.42 -7.66 14.49
N SER A 241 -20.48 -7.35 15.24
CA SER A 241 -21.82 -7.07 14.68
C SER A 241 -22.37 -5.73 15.12
N SER A 242 -23.01 -5.02 14.18
CA SER A 242 -23.89 -3.90 14.51
C SER A 242 -25.27 -4.14 13.92
N ILE A 243 -26.24 -3.39 14.46
CA ILE A 243 -27.61 -3.51 14.03
C ILE A 243 -28.38 -2.24 14.38
N ASP A 244 -29.42 -1.98 13.60
CA ASP A 244 -30.40 -0.99 13.97
C ASP A 244 -31.34 -1.54 15.13
N ALA A 245 -31.30 -0.91 16.31
CA ALA A 245 -32.27 -1.11 17.39
C ALA A 245 -33.37 -0.10 17.14
N ARG A 246 -34.48 -0.60 16.64
CA ARG A 246 -35.62 0.20 16.23
C ARG A 246 -36.73 0.02 17.28
N TYR A 247 -37.06 1.08 17.98
CA TYR A 247 -37.86 0.97 19.23
C TYR A 247 -39.36 1.10 19.01
N GLY A 248 -39.76 1.93 18.05
CA GLY A 248 -41.18 2.10 17.70
C GLY A 248 -41.61 1.22 16.54
N GLY A 249 -41.65 -0.08 16.76
CA GLY A 249 -41.65 -1.04 15.67
C GLY A 249 -40.47 -0.95 14.67
N THR A 250 -40.64 -1.58 13.50
CA THR A 250 -39.58 -1.69 12.47
C THR A 250 -39.58 -0.62 11.37
N HIS A 251 -40.48 0.35 11.46
CA HIS A 251 -40.54 1.45 10.46
C HIS A 251 -39.14 2.06 10.21
N ASP A 252 -38.80 2.32 8.94
CA ASP A 252 -37.57 3.11 8.66
C ASP A 252 -37.72 4.50 9.27
N PHE A 253 -38.90 5.08 9.11
CA PHE A 253 -39.24 6.39 9.64
C PHE A 253 -40.78 6.49 9.74
N LEU A 254 -41.32 7.34 10.61
CA LEU A 254 -40.55 8.02 11.66
C LEU A 254 -40.34 6.95 12.73
N ASN A 255 -39.25 7.05 13.48
CA ASN A 255 -38.96 6.03 14.53
C ASN A 255 -37.89 6.62 15.47
N LYS A 256 -37.60 5.85 16.53
CA LYS A 256 -36.54 6.12 17.42
C LYS A 256 -35.62 4.96 17.18
N ILE A 257 -34.45 5.25 16.64
CA ILE A 257 -33.47 4.21 16.28
C ILE A 257 -32.07 4.52 16.82
N ASN A 258 -31.50 3.50 17.47
CA ASN A 258 -30.11 3.48 17.96
C ASN A 258 -29.36 2.43 17.19
N ILE A 259 -28.05 2.58 17.17
CA ILE A 259 -27.17 1.51 16.68
C ILE A 259 -26.63 0.79 17.90
N ALA A 260 -26.90 -0.52 17.96
CA ALA A 260 -26.38 -1.48 18.95
C ALA A 260 -25.26 -2.32 18.36
N THR A 261 -24.38 -2.82 19.23
CA THR A 261 -23.31 -3.69 18.80
C THR A 261 -23.11 -4.84 19.77
N SER A 262 -22.40 -5.87 19.29
CA SER A 262 -22.14 -7.10 19.99
C SER A 262 -21.04 -7.80 19.29
N TYR A 263 -20.20 -8.51 20.00
CA TYR A 263 -19.08 -9.21 19.37
C TYR A 263 -18.76 -10.56 19.98
N SER A 264 -17.97 -11.32 19.24
CA SER A 264 -17.64 -12.67 19.56
C SER A 264 -16.14 -12.83 19.44
N ASP A 265 -15.51 -13.35 20.49
CA ASP A 265 -14.09 -13.70 20.43
C ASP A 265 -13.86 -15.19 20.24
N ASP A 266 -14.84 -15.95 19.78
CA ASP A 266 -14.66 -17.39 19.61
C ASP A 266 -15.31 -17.87 18.31
N ASN A 267 -15.03 -17.20 17.19
CA ASN A 267 -15.58 -17.57 15.87
C ASN A 267 -17.12 -17.62 15.84
N GLY A 268 -17.76 -16.72 16.57
CA GLY A 268 -19.20 -16.60 16.53
C GLY A 268 -19.98 -17.58 17.38
N LYS A 269 -19.32 -18.42 18.18
CA LYS A 269 -20.05 -19.36 19.04
C LYS A 269 -20.78 -18.61 20.13
N THR A 270 -20.09 -17.65 20.75
CA THR A 270 -20.75 -16.78 21.74
C THR A 270 -20.52 -15.30 21.51
N TRP A 271 -21.51 -14.54 21.96
CA TRP A 271 -21.56 -13.12 21.72
C TRP A 271 -21.67 -12.35 23.01
N THR A 272 -21.11 -11.15 23.04
CA THR A 272 -21.40 -10.22 24.14
C THR A 272 -22.85 -9.73 24.20
N LYS A 273 -23.24 -9.34 25.40
CA LYS A 273 -24.55 -8.70 25.59
C LYS A 273 -24.54 -7.39 24.76
N PRO A 274 -25.62 -7.09 24.05
CA PRO A 274 -25.52 -5.89 23.23
C PRO A 274 -25.36 -4.56 24.00
N LYS A 275 -24.52 -3.68 23.43
CA LYS A 275 -24.30 -2.32 23.92
C LYS A 275 -24.92 -1.34 22.96
N LEU A 276 -25.36 -0.19 23.46
CA LEU A 276 -25.74 0.92 22.60
C LEU A 276 -24.45 1.66 22.30
N THR A 277 -24.24 1.95 21.04
CA THR A 277 -23.02 2.53 20.56
C THR A 277 -23.32 3.89 19.96
N LEU A 278 -24.38 4.01 19.17
CA LEU A 278 -24.84 5.34 18.72
C LEU A 278 -26.27 5.57 19.17
N ALA A 279 -26.46 6.51 20.08
CA ALA A 279 -27.80 6.73 20.61
C ALA A 279 -28.00 8.18 21.03
N PHE A 280 -29.24 8.65 20.81
CA PHE A 280 -29.73 9.91 21.37
C PHE A 280 -30.61 9.51 22.60
N ASP A 281 -30.82 10.41 23.56
CA ASP A 281 -31.63 10.15 24.75
C ASP A 281 -32.79 11.13 24.97
N ASP A 282 -33.20 11.79 23.89
CA ASP A 282 -34.48 12.56 23.85
C ASP A 282 -35.71 11.67 24.11
N PHE A 283 -35.64 10.40 23.68
CA PHE A 283 -36.49 9.33 24.15
C PHE A 283 -35.58 8.35 24.84
N ALA A 284 -36.07 7.70 25.92
CA ALA A 284 -35.32 6.60 26.56
C ALA A 284 -35.39 5.29 25.74
N PRO A 285 -34.40 4.37 25.91
CA PRO A 285 -34.35 3.08 25.23
C PRO A 285 -35.14 2.01 25.95
N VAL A 286 -36.45 2.01 25.68
CA VAL A 286 -37.40 1.17 26.42
C VAL A 286 -38.29 0.35 25.45
N PRO A 287 -38.79 -0.82 25.89
CA PRO A 287 -39.51 -1.69 25.01
C PRO A 287 -40.94 -1.18 24.81
N LEU A 288 -41.37 -1.12 23.56
CA LEU A 288 -42.77 -0.82 23.23
C LEU A 288 -43.44 -1.99 22.50
N GLU A 289 -44.69 -2.16 22.76
CA GLU A 289 -45.47 -3.26 22.20
C GLU A 289 -46.18 -2.71 20.95
N TRP A 290 -45.48 -2.73 19.80
CA TRP A 290 -45.95 -1.95 18.66
C TRP A 290 -47.10 -2.66 17.95
N PRO A 291 -48.22 -1.97 17.75
CA PRO A 291 -49.40 -2.69 17.16
C PRO A 291 -49.11 -3.27 15.77
N ARG A 292 -49.55 -4.52 15.55
CA ARG A 292 -49.43 -5.22 14.24
C ARG A 292 -50.73 -5.17 13.43
N GLU A 293 -51.85 -4.81 14.07
CA GLU A 293 -53.13 -4.75 13.40
C GLU A 293 -53.08 -3.67 12.32
N VAL A 294 -53.91 -3.83 11.29
CA VAL A 294 -53.89 -2.95 10.15
C VAL A 294 -54.18 -1.51 10.59
N GLY A 295 -55.05 -1.34 11.58
CA GLY A 295 -55.43 -0.02 12.05
C GLY A 295 -54.45 0.70 12.96
N GLY A 296 -53.40 0.00 13.41
CA GLY A 296 -52.34 0.56 14.27
C GLY A 296 -50.94 0.49 13.70
N ARG A 297 -50.66 -0.49 12.81
CA ARG A 297 -49.30 -0.73 12.35
C ARG A 297 -48.63 0.46 11.64
N ASP A 298 -49.43 1.43 11.20
CA ASP A 298 -48.93 2.66 10.59
C ASP A 298 -48.60 3.78 11.57
N LEU A 299 -49.01 3.62 12.83
CA LEU A 299 -48.48 4.43 13.93
C LEU A 299 -46.97 4.42 13.97
N GLN A 300 -46.44 5.58 14.36
CA GLN A 300 -45.00 5.84 14.40
C GLN A 300 -44.66 6.72 15.61
N ILE A 301 -43.45 6.50 16.16
CA ILE A 301 -42.78 7.49 17.04
C ILE A 301 -42.38 8.74 16.20
N SER A 302 -43.00 9.87 16.51
CA SER A 302 -42.90 11.13 15.75
C SER A 302 -41.60 11.92 15.93
N GLY A 303 -41.31 12.28 17.17
CA GLY A 303 -40.43 13.44 17.42
C GLY A 303 -39.05 13.11 17.94
N GLY A 304 -38.41 12.07 17.39
CA GLY A 304 -37.20 11.45 17.98
C GLY A 304 -35.95 11.38 17.10
N ALA A 305 -34.82 11.89 17.59
CA ALA A 305 -33.53 11.90 16.84
C ALA A 305 -32.96 10.50 16.69
N THR A 306 -32.35 10.24 15.54
CA THR A 306 -32.10 8.88 15.10
C THR A 306 -30.71 8.70 14.47
N TYR A 307 -30.10 7.56 14.78
CA TYR A 307 -29.05 7.00 13.94
C TYR A 307 -29.65 5.81 13.23
N ILE A 308 -29.26 5.62 11.97
CA ILE A 308 -29.73 4.51 11.12
C ILE A 308 -28.69 4.11 10.07
N ASP A 309 -28.67 2.82 9.70
CA ASP A 309 -27.85 2.27 8.56
C ASP A 309 -26.30 2.37 8.77
N SER A 310 -25.75 1.40 9.46
CA SER A 310 -24.36 1.43 9.85
C SER A 310 -23.47 0.81 8.75
N VAL A 311 -22.27 1.39 8.64
CA VAL A 311 -21.19 0.91 7.77
C VAL A 311 -19.92 0.79 8.58
N ILE A 312 -19.27 -0.37 8.53
CA ILE A 312 -18.05 -0.64 9.26
C ILE A 312 -16.84 -0.83 8.35
N VAL A 313 -15.71 -0.26 8.73
CA VAL A 313 -14.46 -0.62 8.08
C VAL A 313 -13.33 -0.59 9.11
N GLU A 314 -12.37 -1.50 8.93
CA GLU A 314 -11.10 -1.50 9.65
C GLU A 314 -10.00 -0.92 8.77
N LYS A 315 -9.35 0.14 9.27
CA LYS A 315 -8.21 0.73 8.61
C LYS A 315 -6.96 -0.14 8.73
N LYS A 316 -5.95 0.22 7.93
CA LYS A 316 -4.70 -0.49 7.88
C LYS A 316 -3.93 -0.48 9.24
N ASN A 317 -3.96 0.67 9.92
CA ASN A 317 -3.43 0.79 11.27
C ASN A 317 -4.27 0.08 12.38
N LYS A 318 -5.31 -0.69 12.02
CA LYS A 318 -6.19 -1.48 12.91
C LYS A 318 -7.20 -0.69 13.71
N GLN A 319 -7.26 0.62 13.51
CA GLN A 319 -8.39 1.42 14.01
C GLN A 319 -9.65 1.07 13.20
N VAL A 320 -10.82 0.98 13.87
CA VAL A 320 -12.09 0.65 13.23
C VAL A 320 -12.89 1.93 13.08
N LEU A 321 -13.54 2.10 11.92
CA LEU A 321 -14.50 3.13 11.73
C LEU A 321 -15.89 2.54 11.62
N MET A 322 -16.86 3.30 12.09
CA MET A 322 -18.28 3.04 11.87
C MET A 322 -18.96 4.34 11.45
N PHE A 323 -19.66 4.31 10.33
CA PHE A 323 -20.47 5.42 9.86
C PHE A 323 -21.95 5.17 10.12
N ALA A 324 -22.72 6.24 10.21
CA ALA A 324 -24.16 6.10 10.29
C ALA A 324 -24.87 7.35 9.74
N ASP A 325 -26.07 7.18 9.25
CA ASP A 325 -26.94 8.30 8.94
C ASP A 325 -27.46 8.88 10.24
N VAL A 326 -27.58 10.21 10.28
CA VAL A 326 -28.08 10.91 11.45
C VAL A 326 -29.27 11.73 10.97
N MET A 327 -30.39 11.58 11.68
CA MET A 327 -31.65 12.26 11.37
C MET A 327 -32.07 13.03 12.60
N PRO A 328 -32.18 14.35 12.49
CA PRO A 328 -32.84 15.11 13.54
C PRO A 328 -34.30 14.66 13.77
N ALA A 329 -34.75 14.90 14.98
CA ALA A 329 -36.11 14.60 15.41
C ALA A 329 -37.10 15.22 14.47
N GLY A 330 -38.07 14.43 14.01
CA GLY A 330 -39.07 14.88 13.01
C GLY A 330 -38.65 15.00 11.54
N VAL A 331 -37.58 14.35 11.15
CA VAL A 331 -37.06 14.45 9.79
C VAL A 331 -37.10 13.05 9.20
N SER A 332 -37.98 12.83 8.21
CA SER A 332 -37.99 11.58 7.42
C SER A 332 -37.01 11.69 6.28
N PHE A 333 -36.60 10.54 5.75
CA PHE A 333 -35.89 10.52 4.47
C PHE A 333 -36.67 11.35 3.43
N ARG A 334 -38.00 11.26 3.41
CA ARG A 334 -38.83 11.99 2.40
C ARG A 334 -38.96 13.49 2.60
N GLU A 335 -38.94 13.95 3.86
CA GLU A 335 -39.16 15.38 4.15
C GLU A 335 -37.90 16.24 4.43
N ALA A 336 -36.76 15.60 4.61
CA ALA A 336 -35.48 16.31 4.60
C ALA A 336 -35.32 17.25 3.40
N THR A 337 -35.06 18.54 3.66
CA THR A 337 -34.64 19.45 2.58
C THR A 337 -33.43 18.91 1.82
N ARG A 338 -33.53 18.88 0.50
CA ARG A 338 -32.48 18.37 -0.39
C ARG A 338 -31.57 19.47 -0.90
N LYS A 339 -31.94 20.72 -0.66
CA LYS A 339 -31.23 21.86 -1.22
C LYS A 339 -30.38 22.57 -0.20
N ASP A 340 -30.05 21.91 0.92
CA ASP A 340 -29.19 22.49 1.94
C ASP A 340 -28.40 21.37 2.67
N SER A 341 -27.08 21.60 2.76
CA SER A 341 -26.19 20.66 3.41
C SER A 341 -26.27 20.75 4.91
N GLY A 342 -26.73 21.88 5.43
CA GLY A 342 -26.70 22.16 6.88
C GLY A 342 -25.44 22.90 7.29
N TYR A 343 -24.58 23.20 6.31
CA TYR A 343 -23.25 23.79 6.53
C TYR A 343 -23.15 25.15 5.80
N LYS A 344 -22.22 25.97 6.26
CA LYS A 344 -22.00 27.31 5.75
C LYS A 344 -20.49 27.46 5.58
N GLN A 345 -20.08 28.10 4.50
CA GLN A 345 -18.65 28.33 4.24
C GLN A 345 -18.27 29.69 4.74
N ILE A 346 -17.30 29.73 5.64
CA ILE A 346 -16.77 31.00 6.16
C ILE A 346 -15.24 30.97 6.06
N ASP A 347 -14.69 31.88 5.26
CA ASP A 347 -13.24 32.02 5.08
C ASP A 347 -12.56 30.68 4.75
N GLY A 348 -13.11 29.96 3.78
CA GLY A 348 -12.58 28.63 3.38
C GLY A 348 -12.97 27.40 4.19
N ASN A 349 -13.38 27.58 5.45
CA ASN A 349 -13.76 26.44 6.30
C ASN A 349 -15.27 26.16 6.22
N TYR A 350 -15.64 24.91 6.41
CA TYR A 350 -17.06 24.53 6.47
C TYR A 350 -17.50 24.42 7.92
N TYR A 351 -18.67 24.97 8.22
CA TYR A 351 -19.16 24.99 9.60
C TYR A 351 -20.66 24.71 9.62
N LEU A 352 -21.07 23.91 10.60
CA LEU A 352 -22.46 23.54 10.74
C LEU A 352 -23.31 24.73 11.19
N LYS A 353 -24.36 25.01 10.43
CA LYS A 353 -25.29 26.11 10.70
C LYS A 353 -26.25 25.75 11.81
N LEU A 354 -26.78 26.78 12.45
CA LEU A 354 -27.77 26.62 13.48
C LEU A 354 -28.78 27.75 13.45
N ARG A 355 -30.04 27.41 13.66
CA ARG A 355 -31.07 28.40 13.83
C ARG A 355 -31.46 28.44 15.29
N LYS A 356 -31.56 29.64 15.83
CA LYS A 356 -32.02 29.88 17.20
C LYS A 356 -33.54 30.03 17.26
N GLN A 357 -34.16 29.52 18.32
CA GLN A 357 -35.61 29.56 18.47
C GLN A 357 -36.13 30.98 18.27
N GLY A 358 -37.21 31.13 17.51
CA GLY A 358 -37.79 32.45 17.26
C GLY A 358 -37.21 33.21 16.07
N ASP A 359 -36.12 32.71 15.49
CA ASP A 359 -35.59 33.23 14.23
C ASP A 359 -36.15 32.45 13.04
N THR A 360 -36.25 33.11 11.90
CA THR A 360 -36.56 32.43 10.66
C THR A 360 -35.27 31.98 9.98
N ASP A 361 -34.21 32.79 10.00
CA ASP A 361 -32.96 32.41 9.31
C ASP A 361 -31.96 31.68 10.20
N TYR A 362 -30.95 31.12 9.55
CA TYR A 362 -29.90 30.38 10.22
C TYR A 362 -28.71 31.31 10.45
N ASN A 363 -28.70 31.92 11.63
CA ASN A 363 -27.80 33.03 11.93
C ASN A 363 -26.53 32.63 12.64
N TYR A 364 -26.35 31.35 12.89
CA TYR A 364 -25.28 30.89 13.79
C TYR A 364 -24.52 29.75 13.19
N THR A 365 -23.29 29.60 13.63
CA THR A 365 -22.43 28.48 13.26
C THR A 365 -21.61 27.95 14.44
N ILE A 366 -21.28 26.66 14.36
CA ILE A 366 -20.40 26.00 15.32
C ILE A 366 -19.03 26.05 14.71
N ARG A 367 -18.10 26.72 15.41
CA ARG A 367 -16.72 26.81 14.93
C ARG A 367 -15.75 26.15 15.95
N GLU A 368 -14.51 26.63 16.01
CA GLU A 368 -13.46 26.03 16.82
C GLU A 368 -13.93 25.77 18.25
N ASN A 369 -13.54 24.60 18.78
CA ASN A 369 -13.87 24.17 20.15
C ASN A 369 -15.38 24.06 20.42
N GLY A 370 -16.19 23.97 19.36
CA GLY A 370 -17.64 23.91 19.50
C GLY A 370 -18.32 25.20 19.88
N THR A 371 -17.58 26.29 19.92
CA THR A 371 -18.14 27.61 20.20
C THR A 371 -19.15 28.04 19.12
N VAL A 372 -20.32 28.45 19.58
CA VAL A 372 -21.36 28.94 18.72
C VAL A 372 -21.14 30.43 18.46
N TYR A 373 -21.02 30.78 17.17
CA TYR A 373 -20.78 32.16 16.69
C TYR A 373 -22.04 32.75 16.09
N ASP A 374 -22.32 34.03 16.36
CA ASP A 374 -23.34 34.78 15.63
C ASP A 374 -22.69 35.23 14.32
N ASP A 375 -23.19 34.71 13.20
CA ASP A 375 -22.63 35.04 11.87
C ASP A 375 -22.85 36.48 11.48
N ARG A 376 -23.90 37.10 12.01
CA ARG A 376 -24.21 38.51 11.76
C ARG A 376 -23.14 39.47 12.27
N THR A 377 -22.59 39.19 13.45
CA THR A 377 -21.52 40.00 14.03
C THR A 377 -20.13 39.37 13.87
N ASN A 378 -20.08 38.12 13.44
CA ASN A 378 -18.81 37.37 13.38
C ASN A 378 -18.08 37.24 14.74
N ARG A 379 -18.85 37.20 15.84
CA ARG A 379 -18.32 37.14 17.18
C ARG A 379 -18.79 35.88 17.88
N PRO A 380 -17.95 35.29 18.76
CA PRO A 380 -18.44 34.17 19.54
C PRO A 380 -19.55 34.57 20.51
N THR A 381 -20.48 33.66 20.76
CA THR A 381 -21.51 33.78 21.78
C THR A 381 -21.02 33.03 23.03
N GLU A 382 -21.83 33.04 24.08
CA GLU A 382 -21.61 32.24 25.29
C GLU A 382 -22.03 30.76 25.18
N PHE A 383 -22.66 30.38 24.07
CA PHE A 383 -23.10 29.02 23.84
C PHE A 383 -22.03 28.20 23.17
N SER A 384 -22.01 26.91 23.49
CA SER A 384 -21.13 25.97 22.81
C SER A 384 -21.80 24.59 22.64
N VAL A 385 -21.23 23.81 21.73
CA VAL A 385 -21.78 22.50 21.42
C VAL A 385 -20.71 21.49 21.75
N ASP A 386 -21.06 20.47 22.53
CA ASP A 386 -20.08 19.48 22.93
C ASP A 386 -19.90 18.44 21.83
N LYS A 387 -18.96 17.55 22.04
CA LYS A 387 -18.66 16.48 21.08
C LYS A 387 -19.78 15.48 20.79
N ASN A 388 -20.79 15.37 21.67
CA ASN A 388 -22.01 14.62 21.40
C ASN A 388 -23.22 15.45 20.99
N PHE A 389 -22.98 16.67 20.55
CA PHE A 389 -23.96 17.61 20.05
C PHE A 389 -24.84 18.25 21.12
N GLY A 390 -24.43 18.15 22.38
CA GLY A 390 -25.14 18.76 23.51
C GLY A 390 -24.85 20.25 23.62
N ILE A 391 -25.85 21.03 24.04
CA ILE A 391 -25.75 22.49 24.08
C ILE A 391 -25.42 22.96 25.50
N LYS A 392 -24.33 23.71 25.59
CA LYS A 392 -23.92 24.37 26.83
C LYS A 392 -24.12 25.90 26.73
N GLN A 393 -24.29 26.51 27.90
CA GLN A 393 -24.34 27.95 28.04
C GLN A 393 -23.44 28.34 29.21
N ASN A 394 -22.42 29.14 28.89
CA ASN A 394 -21.37 29.50 29.83
C ASN A 394 -20.66 28.28 30.44
N GLY A 395 -20.55 27.19 29.67
CA GLY A 395 -19.90 25.96 30.16
C GLY A 395 -20.77 25.01 30.94
N ASN A 396 -22.03 25.35 31.20
CA ASN A 396 -23.02 24.46 31.82
C ASN A 396 -24.09 23.97 30.83
N TYR A 397 -24.52 22.72 30.98
CA TYR A 397 -25.44 22.12 30.04
C TYR A 397 -26.83 22.69 30.19
N LEU A 398 -27.43 22.99 29.04
CA LEU A 398 -28.86 23.20 28.98
C LEU A 398 -29.55 21.84 28.95
N THR A 399 -30.76 21.79 29.49
CA THR A 399 -31.55 20.59 29.52
C THR A 399 -32.91 20.76 28.86
N VAL A 400 -33.49 19.61 28.47
CA VAL A 400 -34.88 19.49 28.03
C VAL A 400 -35.44 18.28 28.73
N GLU A 401 -36.76 18.18 28.79
CA GLU A 401 -37.44 16.97 29.27
C GLU A 401 -37.42 15.88 28.21
N GLN A 402 -37.00 14.67 28.61
CA GLN A 402 -37.11 13.48 27.79
C GLN A 402 -38.60 13.11 27.55
N TYR A 403 -38.85 12.46 26.43
CA TYR A 403 -40.18 11.98 26.06
C TYR A 403 -40.31 10.48 26.34
N SER A 404 -41.54 10.06 26.60
CA SER A 404 -41.95 8.64 26.62
C SER A 404 -43.18 8.39 25.72
N VAL A 405 -43.36 7.11 25.32
CA VAL A 405 -44.50 6.67 24.51
C VAL A 405 -45.45 5.76 25.30
N SER A 406 -46.76 5.99 25.12
CA SER A 406 -47.82 5.22 25.82
C SER A 406 -49.02 4.89 24.91
N PHE A 407 -49.59 3.69 25.09
CA PHE A 407 -50.68 3.14 24.25
C PHE A 407 -51.93 2.84 25.08
N GLU A 408 -52.96 3.68 25.01
CA GLU A 408 -54.17 3.48 25.82
C GLU A 408 -55.48 3.76 25.05
N LYS A 412 -52.24 6.08 20.68
CA LYS A 412 -50.84 6.37 21.07
C LYS A 412 -50.67 7.80 21.57
N THR A 413 -49.86 7.95 22.63
CA THR A 413 -49.58 9.26 23.22
C THR A 413 -48.06 9.38 23.55
N GLU A 414 -47.49 10.55 23.20
CA GLU A 414 -46.09 10.89 23.45
C GLU A 414 -46.02 12.05 24.38
N TYR A 415 -45.33 11.91 25.50
CA TYR A 415 -45.38 12.92 26.55
C TYR A 415 -44.06 13.04 27.30
N ARG A 416 -43.90 14.19 27.91
CA ARG A 416 -42.71 14.50 28.68
C ARG A 416 -42.72 13.77 30.03
N ASN A 417 -41.65 13.06 30.36
CA ASN A 417 -41.63 12.15 31.53
C ASN A 417 -40.96 12.65 32.82
N GLY A 418 -40.54 13.91 32.87
CA GLY A 418 -39.89 14.45 34.09
C GLY A 418 -38.38 14.28 34.17
N THR A 419 -37.81 13.45 33.30
CA THR A 419 -36.37 13.24 33.27
C THR A 419 -35.75 14.34 32.41
N LYS A 420 -34.67 14.92 32.91
CA LYS A 420 -33.91 15.90 32.15
C LYS A 420 -32.73 15.21 31.48
N VAL A 421 -32.51 15.57 30.21
CA VAL A 421 -31.37 15.10 29.46
C VAL A 421 -30.73 16.35 28.84
N HIS A 422 -29.50 16.24 28.37
CA HIS A 422 -28.87 17.41 27.77
C HIS A 422 -29.68 17.89 26.53
N MET A 423 -29.93 19.19 26.46
CA MET A 423 -30.42 19.78 25.22
C MET A 423 -29.40 19.49 24.11
N ASN A 424 -29.86 19.11 22.93
CA ASN A 424 -29.04 18.65 21.84
C ASN A 424 -29.50 19.32 20.55
N ILE A 425 -28.58 19.63 19.64
CA ILE A 425 -28.92 20.32 18.41
C ILE A 425 -29.83 19.50 17.46
N PHE A 426 -29.86 18.18 17.64
CA PHE A 426 -30.70 17.30 16.84
C PHE A 426 -32.11 17.08 17.41
N TYR A 427 -32.48 17.74 18.50
CA TYR A 427 -33.75 17.52 19.14
C TYR A 427 -34.84 18.52 18.69
N LYS A 428 -36.09 18.12 18.91
CA LYS A 428 -37.26 18.93 18.61
C LYS A 428 -37.36 20.14 19.54
N ASP A 429 -36.88 20.01 20.79
CA ASP A 429 -37.03 21.06 21.81
C ASP A 429 -35.80 21.91 22.06
N ALA A 430 -34.85 21.85 21.13
CA ALA A 430 -33.60 22.59 21.25
C ALA A 430 -33.72 24.07 20.96
N LEU A 431 -32.90 24.83 21.68
CA LEU A 431 -32.78 26.26 21.51
C LEU A 431 -32.07 26.60 20.23
N PHE A 432 -31.08 25.79 19.88
CA PHE A 432 -30.39 25.92 18.61
C PHE A 432 -30.60 24.60 17.89
N LYS A 433 -30.97 24.68 16.61
CA LYS A 433 -31.27 23.49 15.81
C LYS A 433 -30.55 23.50 14.50
N VAL A 434 -30.18 22.31 14.07
CA VAL A 434 -29.60 22.08 12.77
C VAL A 434 -30.66 22.21 11.68
N VAL A 435 -30.19 22.31 10.44
CA VAL A 435 -31.10 22.27 9.25
C VAL A 435 -31.77 20.89 9.24
N PRO A 436 -33.12 20.84 9.10
CA PRO A 436 -33.84 19.55 9.09
C PRO A 436 -33.54 18.73 7.82
N THR A 437 -32.38 18.08 7.87
CA THR A 437 -31.95 17.25 6.79
C THR A 437 -31.12 16.11 7.33
N ASN A 438 -30.73 15.17 6.48
CA ASN A 438 -29.95 14.01 6.90
C ASN A 438 -28.46 14.35 6.91
N TYR A 439 -27.71 13.69 7.79
CA TYR A 439 -26.26 13.88 7.93
C TYR A 439 -25.61 12.53 7.98
N ILE A 440 -24.29 12.51 7.89
CA ILE A 440 -23.57 11.30 8.12
C ILE A 440 -22.58 11.58 9.22
N ALA A 441 -22.51 10.64 10.16
CA ALA A 441 -21.54 10.69 11.25
C ALA A 441 -20.68 9.43 11.28
N TYR A 442 -19.49 9.58 11.86
CA TYR A 442 -18.59 8.47 12.06
C TYR A 442 -17.88 8.57 13.36
N ILE A 443 -17.61 7.39 13.89
CA ILE A 443 -16.94 7.20 15.15
C ILE A 443 -15.80 6.22 14.91
N SER A 444 -14.82 6.25 15.79
CA SER A 444 -13.62 5.39 15.63
C SER A 444 -13.30 4.70 16.91
N SER A 445 -12.67 3.54 16.80
CA SER A 445 -12.27 2.74 17.95
C SER A 445 -10.83 2.34 17.80
N ASN A 446 -10.08 2.49 18.89
CA ASN A 446 -8.72 2.00 18.97
C ASN A 446 -8.57 0.65 19.65
N ASP A 447 -9.66 0.01 20.07
CA ASP A 447 -9.56 -1.24 20.81
C ASP A 447 -10.55 -2.24 20.24
N HIS A 448 -10.63 -2.30 18.91
CA HIS A 448 -11.50 -3.26 18.24
C HIS A 448 -12.95 -3.27 18.72
N GLY A 449 -13.45 -2.07 18.90
CA GLY A 449 -14.86 -1.89 19.14
C GLY A 449 -15.28 -2.08 20.56
N GLU A 450 -14.37 -1.98 21.52
CA GLU A 450 -14.78 -1.99 22.96
C GLU A 450 -15.17 -0.61 23.43
N SER A 451 -14.56 0.40 22.83
CA SER A 451 -14.86 1.76 23.12
C SER A 451 -14.76 2.56 21.85
N TRP A 452 -15.48 3.67 21.81
CA TRP A 452 -15.60 4.49 20.63
C TRP A 452 -15.41 5.98 20.92
N SER A 453 -14.86 6.71 19.93
CA SER A 453 -14.81 8.19 19.98
C SER A 453 -16.20 8.79 19.92
N ALA A 454 -16.30 10.07 20.27
CA ALA A 454 -17.51 10.87 19.96
C ALA A 454 -17.69 10.94 18.45
N PRO A 455 -18.93 11.18 17.98
CA PRO A 455 -19.16 11.26 16.54
C PRO A 455 -18.58 12.51 15.87
N THR A 456 -18.14 12.36 14.63
CA THR A 456 -17.73 13.46 13.78
C THR A 456 -18.78 13.49 12.66
N LEU A 457 -19.37 14.66 12.43
CA LEU A 457 -20.28 14.82 11.32
C LEU A 457 -19.42 14.99 10.09
N LEU A 458 -19.80 14.31 9.04
CA LEU A 458 -19.08 14.38 7.78
C LEU A 458 -19.27 15.80 7.19
N PRO A 459 -18.18 16.39 6.63
CA PRO A 459 -18.28 17.67 5.90
C PRO A 459 -19.21 17.58 4.68
N PRO A 460 -19.54 18.74 4.07
CA PRO A 460 -20.52 18.75 3.00
C PRO A 460 -19.86 18.34 1.68
N ILE A 461 -19.54 17.06 1.57
CA ILE A 461 -18.79 16.49 0.44
C ILE A 461 -19.56 16.54 -0.88
N MET A 462 -20.89 16.49 -0.81
CA MET A 462 -21.73 16.61 -2.02
C MET A 462 -21.87 18.05 -2.53
N GLY A 463 -21.54 19.03 -1.69
CA GLY A 463 -21.74 20.44 -1.99
C GLY A 463 -22.54 21.10 -0.88
N LEU A 464 -22.44 22.42 -0.80
CA LEU A 464 -23.17 23.20 0.19
C LEU A 464 -24.66 23.22 0.02
N ASN A 465 -25.13 23.08 -1.21
CA ASN A 465 -26.56 23.21 -1.51
C ASN A 465 -27.22 21.88 -1.83
N ARG A 466 -26.66 20.82 -1.26
CA ARG A 466 -27.18 19.45 -1.37
C ARG A 466 -27.09 18.77 -0.01
N ASN A 467 -28.07 17.92 0.27
CA ASN A 467 -28.04 17.11 1.49
C ASN A 467 -26.99 15.97 1.35
N ALA A 468 -26.63 15.39 2.48
CA ALA A 468 -25.67 14.28 2.51
C ALA A 468 -26.28 13.09 1.81
N PRO A 469 -25.44 12.19 1.29
CA PRO A 469 -25.98 10.97 0.74
C PRO A 469 -26.47 10.03 1.85
N TYR A 470 -27.03 8.92 1.45
CA TYR A 470 -27.46 7.90 2.40
C TYR A 470 -26.51 6.76 2.27
N LEU A 471 -26.12 6.19 3.41
CA LEU A 471 -25.18 5.06 3.40
C LEU A 471 -25.78 3.74 2.85
N GLY A 472 -24.95 2.98 2.15
CA GLY A 472 -25.30 1.60 1.80
C GLY A 472 -24.84 0.72 2.95
N PRO A 473 -25.78 0.19 3.79
CA PRO A 473 -25.37 -0.56 4.95
C PRO A 473 -24.53 -1.80 4.69
N GLY A 474 -23.55 -2.02 5.58
CA GLY A 474 -22.68 -3.15 5.57
C GLY A 474 -21.27 -2.72 5.88
N ARG A 475 -20.33 -3.06 4.99
CA ARG A 475 -18.91 -2.69 5.15
C ARG A 475 -18.42 -1.69 4.13
N GLY A 476 -17.30 -1.05 4.44
CA GLY A 476 -16.50 -0.34 3.46
C GLY A 476 -15.34 -1.25 3.12
N ILE A 477 -14.43 -0.77 2.28
CA ILE A 477 -13.21 -1.54 2.01
C ILE A 477 -11.98 -0.64 1.95
N ILE A 478 -10.83 -1.28 2.06
CA ILE A 478 -9.54 -0.65 1.78
C ILE A 478 -9.08 -1.23 0.46
N GLU A 479 -8.93 -0.40 -0.56
CA GLU A 479 -8.40 -0.87 -1.83
C GLU A 479 -6.91 -1.12 -1.61
N SER A 480 -6.52 -2.38 -1.81
CA SER A 480 -5.15 -2.83 -1.41
C SER A 480 -4.02 -2.08 -2.06
N SER A 481 -4.12 -1.81 -3.37
CA SER A 481 -3.01 -1.16 -4.09
C SER A 481 -2.75 0.31 -3.75
N THR A 482 -3.82 1.08 -3.50
CA THR A 482 -3.71 2.51 -3.16
C THR A 482 -3.85 2.79 -1.69
N GLY A 483 -4.41 1.87 -0.93
CA GLY A 483 -4.85 2.15 0.44
C GLY A 483 -6.07 3.07 0.57
N ARG A 484 -6.79 3.32 -0.52
CA ARG A 484 -7.94 4.20 -0.45
C ARG A 484 -9.04 3.55 0.39
N ILE A 485 -9.61 4.31 1.31
CA ILE A 485 -10.79 3.87 2.07
C ILE A 485 -12.05 4.21 1.25
N LEU A 486 -12.87 3.22 0.97
CA LEU A 486 -14.11 3.44 0.22
C LEU A 486 -15.32 3.11 1.03
N ILE A 487 -16.27 4.05 1.09
CA ILE A 487 -17.54 3.92 1.84
C ILE A 487 -18.71 4.07 0.83
N PRO A 488 -19.59 3.07 0.73
CA PRO A 488 -20.63 3.15 -0.26
C PRO A 488 -21.80 4.02 0.23
N SER A 489 -22.29 4.87 -0.66
CA SER A 489 -23.50 5.64 -0.40
C SER A 489 -24.23 5.96 -1.70
N TYR A 490 -25.35 6.63 -1.56
CA TYR A 490 -26.21 6.93 -2.70
C TYR A 490 -27.14 8.08 -2.36
N THR A 491 -27.69 8.70 -3.41
CA THR A 491 -28.51 9.90 -3.29
C THR A 491 -29.96 9.73 -3.68
N GLY A 492 -30.28 8.65 -4.39
CA GLY A 492 -31.61 8.46 -5.01
C GLY A 492 -31.47 8.37 -6.54
N LYS A 493 -30.66 9.25 -7.12
CA LYS A 493 -30.31 9.31 -8.55
C LYS A 493 -28.83 8.98 -8.95
N GLU A 494 -27.94 8.85 -7.98
CA GLU A 494 -26.49 8.70 -8.23
C GLU A 494 -25.90 7.79 -7.18
N SER A 495 -24.80 7.12 -7.50
CA SER A 495 -23.96 6.54 -6.47
C SER A 495 -23.04 7.65 -5.93
N ALA A 496 -22.79 7.61 -4.61
CA ALA A 496 -21.78 8.47 -3.99
C ALA A 496 -20.78 7.61 -3.25
N PHE A 497 -19.60 7.47 -3.83
CA PHE A 497 -18.57 6.65 -3.23
C PHE A 497 -17.68 7.59 -2.48
N ILE A 498 -17.87 7.56 -1.17
CA ILE A 498 -17.15 8.41 -0.25
C ILE A 498 -15.79 7.75 -0.04
N TYR A 499 -14.73 8.54 -0.08
CA TYR A 499 -13.40 7.96 0.06
C TYR A 499 -12.39 8.88 0.72
N SER A 500 -11.33 8.28 1.24
CA SER A 500 -10.17 8.99 1.81
C SER A 500 -8.85 8.46 1.28
N ASP A 501 -7.98 9.36 0.85
CA ASP A 501 -6.63 9.01 0.38
C ASP A 501 -5.53 9.32 1.39
N ASP A 502 -5.93 9.75 2.59
CA ASP A 502 -4.99 10.06 3.67
C ASP A 502 -5.36 9.31 4.97
N ASN A 503 -5.70 8.03 4.83
N ASN A 503 -5.71 8.03 4.81
CA ASN A 503 -6.06 7.13 5.94
CA ASN A 503 -6.03 7.13 5.93
C ASN A 503 -7.13 7.65 6.90
C ASN A 503 -7.12 7.65 6.90
N GLY A 504 -8.10 8.37 6.35
CA GLY A 504 -9.28 8.79 7.10
C GLY A 504 -9.23 10.13 7.79
N ALA A 505 -8.19 10.91 7.53
CA ALA A 505 -8.11 12.27 8.03
C ALA A 505 -9.08 13.18 7.28
N SER A 506 -9.22 12.97 5.96
CA SER A 506 -10.09 13.78 5.10
C SER A 506 -10.87 12.91 4.13
N TRP A 507 -12.01 13.44 3.66
CA TRP A 507 -13.01 12.66 2.92
C TRP A 507 -13.36 13.41 1.64
N LYS A 508 -13.50 12.68 0.54
CA LYS A 508 -14.04 13.22 -0.69
C LYS A 508 -15.11 12.27 -1.21
N VAL A 509 -15.69 12.60 -2.34
CA VAL A 509 -16.70 11.74 -2.94
C VAL A 509 -16.62 11.68 -4.46
N LYS A 510 -16.78 10.47 -5.02
CA LYS A 510 -17.00 10.29 -6.45
C LYS A 510 -18.48 10.06 -6.65
N VAL A 511 -19.11 11.01 -7.33
CA VAL A 511 -20.54 10.93 -7.61
C VAL A 511 -20.67 10.34 -9.02
N VAL A 512 -21.47 9.28 -9.14
CA VAL A 512 -21.64 8.55 -10.38
C VAL A 512 -23.11 8.52 -10.77
N PRO A 513 -23.49 9.24 -11.84
CA PRO A 513 -24.88 9.22 -12.32
C PRO A 513 -25.33 7.80 -12.69
N LEU A 514 -26.53 7.43 -12.27
CA LEU A 514 -27.05 6.10 -12.56
C LEU A 514 -28.13 6.19 -13.63
N PRO A 515 -28.47 5.07 -14.26
CA PRO A 515 -29.48 5.09 -15.32
C PRO A 515 -30.92 5.44 -14.84
N SER A 516 -31.22 5.30 -13.56
CA SER A 516 -32.56 5.66 -13.02
C SER A 516 -32.49 5.92 -11.52
N SER A 517 -33.65 6.18 -10.92
CA SER A 517 -33.72 6.43 -9.47
C SER A 517 -33.62 5.14 -8.65
N TRP A 518 -32.40 4.61 -8.55
CA TRP A 518 -32.12 3.39 -7.83
C TRP A 518 -31.96 3.76 -6.38
N SER A 519 -32.45 2.95 -5.45
CA SER A 519 -32.03 3.12 -4.06
C SER A 519 -30.72 2.35 -3.99
N ALA A 520 -29.65 2.98 -4.45
CA ALA A 520 -28.40 2.25 -4.82
C ALA A 520 -27.51 1.85 -3.61
N GLU A 521 -28.11 1.13 -2.67
CA GLU A 521 -27.37 0.49 -1.56
C GLU A 521 -26.36 -0.47 -2.24
N ALA A 522 -25.09 -0.24 -1.97
CA ALA A 522 -24.00 -0.94 -2.59
C ALA A 522 -22.98 -1.51 -1.60
N GLN A 523 -22.20 -2.46 -2.11
CA GLN A 523 -21.04 -3.04 -1.44
C GLN A 523 -19.98 -3.27 -2.48
N PHE A 524 -18.73 -3.27 -2.03
CA PHE A 524 -17.60 -3.35 -2.92
C PHE A 524 -16.87 -4.68 -2.86
N VAL A 525 -16.31 -5.14 -3.99
CA VAL A 525 -15.30 -6.15 -3.95
C VAL A 525 -14.07 -5.74 -4.77
N GLU A 526 -12.92 -6.31 -4.40
CA GLU A 526 -11.68 -6.13 -5.16
C GLU A 526 -11.42 -7.39 -5.96
N LEU A 527 -11.26 -7.23 -7.26
CA LEU A 527 -10.98 -8.39 -8.13
C LEU A 527 -9.48 -8.66 -8.22
N SER A 528 -8.69 -7.59 -8.36
CA SER A 528 -7.24 -7.65 -8.47
C SER A 528 -6.74 -6.26 -8.07
N PRO A 529 -5.41 -6.08 -7.95
CA PRO A 529 -4.91 -4.75 -7.57
C PRO A 529 -5.40 -3.61 -8.49
N GLY A 530 -5.95 -2.57 -7.86
CA GLY A 530 -6.52 -1.44 -8.58
C GLY A 530 -7.92 -1.64 -9.14
N VAL A 531 -8.44 -2.88 -9.12
CA VAL A 531 -9.67 -3.22 -9.83
C VAL A 531 -10.78 -3.54 -8.82
N ILE A 532 -11.79 -2.69 -8.77
CA ILE A 532 -12.93 -2.92 -7.83
C ILE A 532 -14.31 -2.92 -8.52
N GLN A 533 -15.27 -3.56 -7.88
CA GLN A 533 -16.66 -3.60 -8.38
C GLN A 533 -17.60 -3.20 -7.29
N ALA A 534 -18.58 -2.39 -7.66
CA ALA A 534 -19.65 -2.03 -6.73
C ALA A 534 -20.92 -2.74 -7.15
N TYR A 535 -21.46 -3.58 -6.28
CA TYR A 535 -22.66 -4.34 -6.53
C TYR A 535 -23.77 -3.62 -5.85
N MET A 536 -24.89 -3.36 -6.52
CA MET A 536 -25.97 -2.55 -5.93
C MET A 536 -27.41 -2.88 -6.35
N ARG A 537 -28.31 -2.42 -5.50
CA ARG A 537 -29.72 -2.47 -5.67
C ARG A 537 -30.07 -1.44 -6.73
N THR A 538 -31.13 -1.75 -7.48
CA THR A 538 -31.67 -0.95 -8.50
C THR A 538 -33.19 -0.83 -8.36
N ASN A 539 -33.82 -0.07 -9.27
CA ASN A 539 -35.30 -0.05 -9.40
C ASN A 539 -35.83 -0.86 -10.60
N ASN A 540 -35.01 -1.76 -11.16
CA ASN A 540 -35.41 -2.52 -12.33
C ASN A 540 -35.55 -4.03 -12.13
N GLY A 541 -35.31 -4.50 -10.93
CA GLY A 541 -35.43 -5.92 -10.61
C GLY A 541 -34.12 -6.70 -10.56
N LYS A 542 -33.02 -6.07 -11.00
CA LYS A 542 -31.73 -6.75 -11.10
C LYS A 542 -30.73 -6.16 -10.13
N ILE A 543 -29.69 -6.91 -9.86
CA ILE A 543 -28.52 -6.41 -9.14
C ILE A 543 -27.58 -5.85 -10.19
N ALA A 544 -27.17 -4.60 -10.03
CA ALA A 544 -26.20 -3.98 -10.94
C ALA A 544 -24.79 -4.08 -10.38
N TYR A 545 -23.80 -4.11 -11.28
CA TYR A 545 -22.40 -3.95 -10.86
C TYR A 545 -21.63 -3.00 -11.79
N LEU A 546 -20.90 -2.05 -11.17
CA LEU A 546 -20.05 -1.08 -11.86
C LEU A 546 -18.64 -1.48 -11.56
N THR A 547 -17.75 -1.33 -12.55
CA THR A 547 -16.36 -1.71 -12.41
C THR A 547 -15.45 -0.49 -12.55
N SER A 548 -14.45 -0.42 -11.67
CA SER A 548 -13.41 0.60 -11.72
C SER A 548 -12.05 -0.08 -11.83
N LYS A 549 -11.25 0.33 -12.79
CA LYS A 549 -9.88 -0.20 -12.91
C LYS A 549 -8.83 0.80 -12.40
N ASP A 550 -9.27 1.87 -11.73
CA ASP A 550 -8.35 2.84 -11.14
C ASP A 550 -8.75 3.14 -9.68
N ALA A 551 -9.01 2.10 -8.92
CA ALA A 551 -9.23 2.22 -7.47
C ALA A 551 -10.40 3.15 -7.07
N GLY A 552 -11.41 3.25 -7.94
CA GLY A 552 -12.62 4.00 -7.63
C GLY A 552 -12.71 5.37 -8.25
N THR A 553 -11.68 5.80 -8.95
CA THR A 553 -11.66 7.15 -9.52
C THR A 553 -12.65 7.35 -10.69
N THR A 554 -12.75 6.36 -11.58
CA THR A 554 -13.73 6.35 -12.67
C THR A 554 -14.38 4.98 -12.75
N TRP A 555 -15.62 4.97 -13.25
CA TRP A 555 -16.49 3.80 -13.20
C TRP A 555 -17.07 3.49 -14.57
N SER A 556 -17.08 2.22 -14.92
CA SER A 556 -17.73 1.77 -16.15
C SER A 556 -19.27 1.95 -16.07
N ALA A 557 -19.91 1.85 -17.24
CA ALA A 557 -21.36 1.70 -17.34
C ALA A 557 -21.83 0.46 -16.56
N PRO A 558 -23.07 0.48 -16.04
CA PRO A 558 -23.53 -0.68 -15.30
C PRO A 558 -23.73 -1.96 -16.12
N GLU A 559 -23.43 -3.10 -15.48
CA GLU A 559 -23.83 -4.42 -15.97
C GLU A 559 -24.73 -5.04 -14.92
N TYR A 560 -25.41 -6.12 -15.28
CA TYR A 560 -26.40 -6.74 -14.42
C TYR A 560 -26.16 -8.23 -14.31
N LEU A 561 -26.30 -8.76 -13.11
CA LEU A 561 -26.26 -10.19 -12.87
C LEU A 561 -27.45 -10.81 -13.56
N LYS A 562 -27.24 -11.93 -14.23
CA LYS A 562 -28.27 -12.57 -15.04
C LYS A 562 -29.05 -13.66 -14.31
N PHE A 563 -28.66 -13.97 -13.09
CA PHE A 563 -29.25 -15.08 -12.37
C PHE A 563 -30.03 -14.66 -11.16
N VAL A 564 -30.11 -13.35 -10.87
CA VAL A 564 -30.95 -12.85 -9.81
C VAL A 564 -32.09 -12.05 -10.43
N SER A 565 -33.30 -12.29 -9.95
CA SER A 565 -34.45 -11.60 -10.47
C SER A 565 -35.41 -11.28 -9.34
N ASN A 566 -35.50 -9.98 -9.04
CA ASN A 566 -36.17 -9.43 -7.85
C ASN A 566 -37.27 -8.47 -8.22
N PRO A 567 -38.15 -8.11 -7.23
CA PRO A 567 -39.13 -7.08 -7.57
C PRO A 567 -38.45 -5.73 -7.83
N SER A 568 -39.17 -4.84 -8.50
CA SER A 568 -38.63 -3.55 -8.97
C SER A 568 -38.06 -2.70 -7.82
N TYR A 569 -38.66 -2.78 -6.64
CA TYR A 569 -38.16 -2.01 -5.48
C TYR A 569 -36.79 -2.43 -4.97
N GLY A 570 -36.40 -3.68 -5.18
CA GLY A 570 -35.07 -4.15 -4.78
C GLY A 570 -34.90 -4.43 -3.29
N THR A 571 -33.73 -5.03 -2.99
CA THR A 571 -33.32 -5.22 -1.62
C THR A 571 -31.84 -4.98 -1.52
N GLN A 572 -31.41 -4.53 -0.34
CA GLN A 572 -29.97 -4.50 -0.04
C GLN A 572 -29.33 -5.89 -0.24
N LEU A 573 -28.05 -5.92 -0.55
CA LEU A 573 -27.32 -7.15 -0.70
C LEU A 573 -26.08 -7.12 0.19
N SER A 574 -25.40 -8.28 0.31
CA SER A 574 -24.06 -8.34 0.85
C SER A 574 -23.12 -9.11 -0.10
N ILE A 575 -21.90 -8.61 -0.31
CA ILE A 575 -20.92 -9.34 -1.04
C ILE A 575 -19.58 -9.03 -0.36
N ILE A 576 -18.76 -10.07 -0.19
CA ILE A 576 -17.44 -9.92 0.42
C ILE A 576 -16.34 -10.62 -0.38
N ASN A 577 -15.13 -10.17 -0.18
CA ASN A 577 -13.97 -10.96 -0.59
C ASN A 577 -13.72 -12.09 0.43
N TYR A 578 -13.28 -13.25 -0.06
CA TYR A 578 -12.96 -14.40 0.77
C TYR A 578 -11.46 -14.60 0.66
N SER A 579 -10.80 -14.85 1.78
CA SER A 579 -9.32 -14.88 1.82
C SER A 579 -8.67 -16.13 1.25
N GLN A 580 -9.41 -17.24 1.19
CA GLN A 580 -8.86 -18.55 0.74
C GLN A 580 -9.31 -18.86 -0.67
N LEU A 581 -8.46 -19.60 -1.40
CA LEU A 581 -8.79 -20.03 -2.74
C LEU A 581 -9.90 -21.08 -2.75
N ILE A 582 -10.77 -21.03 -3.74
CA ILE A 582 -11.79 -22.07 -3.97
C ILE A 582 -11.64 -22.59 -5.39
N ASP A 583 -11.46 -23.91 -5.51
CA ASP A 583 -11.09 -24.57 -6.78
C ASP A 583 -9.87 -23.89 -7.41
N GLY A 584 -8.92 -23.47 -6.57
CA GLY A 584 -7.69 -22.80 -7.01
C GLY A 584 -7.81 -21.34 -7.43
N LYS A 585 -8.98 -20.73 -7.22
CA LYS A 585 -9.26 -19.38 -7.69
C LYS A 585 -9.65 -18.46 -6.54
N LYS A 586 -9.36 -17.18 -6.73
CA LYS A 586 -9.80 -16.14 -5.79
C LYS A 586 -11.35 -16.08 -5.83
N ALA A 587 -11.98 -15.84 -4.69
CA ALA A 587 -13.44 -15.92 -4.61
C ALA A 587 -14.06 -14.73 -3.95
N VAL A 588 -15.30 -14.47 -4.36
CA VAL A 588 -16.18 -13.58 -3.68
C VAL A 588 -17.46 -14.33 -3.33
N ILE A 589 -18.18 -13.78 -2.35
CA ILE A 589 -19.33 -14.43 -1.80
C ILE A 589 -20.43 -13.40 -1.65
N LEU A 590 -21.59 -13.71 -2.26
CA LEU A 590 -22.71 -12.82 -2.35
C LEU A 590 -23.92 -13.43 -1.61
N SER A 591 -24.62 -12.59 -0.83
CA SER A 591 -25.92 -12.88 -0.28
C SER A 591 -27.01 -11.90 -0.74
N THR A 592 -28.14 -12.44 -1.19
CA THR A 592 -29.30 -11.64 -1.68
C THR A 592 -30.53 -12.50 -1.66
N PRO A 593 -31.70 -11.88 -1.46
CA PRO A 593 -32.89 -12.63 -1.94
C PRO A 593 -32.92 -12.74 -3.45
N ASN A 594 -33.77 -13.65 -3.94
CA ASN A 594 -33.85 -13.95 -5.36
C ASN A 594 -35.24 -14.47 -5.65
N SER A 595 -36.17 -13.56 -5.86
CA SER A 595 -37.58 -13.86 -6.07
C SER A 595 -38.32 -12.59 -6.51
N THR A 596 -39.22 -12.71 -7.47
CA THR A 596 -40.09 -11.59 -7.92
C THR A 596 -41.40 -11.51 -7.12
N ASN A 597 -41.61 -12.47 -6.22
CA ASN A 597 -42.83 -12.47 -5.38
C ASN A 597 -42.68 -11.69 -4.09
N GLY A 598 -41.45 -11.33 -3.74
CA GLY A 598 -41.19 -10.61 -2.51
C GLY A 598 -39.74 -10.71 -2.08
N ARG A 599 -39.50 -10.29 -0.86
CA ARG A 599 -38.21 -10.46 -0.23
C ARG A 599 -38.16 -11.86 0.36
N LYS A 600 -37.69 -12.77 -0.48
CA LYS A 600 -37.78 -14.21 -0.28
C LYS A 600 -36.65 -14.92 -0.98
N HIS A 601 -36.52 -16.21 -0.65
CA HIS A 601 -35.67 -17.12 -1.38
C HIS A 601 -34.22 -16.61 -1.33
N GLY A 602 -33.70 -16.48 -0.10
CA GLY A 602 -32.32 -16.11 0.11
C GLY A 602 -31.35 -17.10 -0.48
N GLN A 603 -30.31 -16.57 -1.09
CA GLN A 603 -29.28 -17.39 -1.68
C GLN A 603 -27.91 -16.82 -1.36
N ILE A 604 -26.93 -17.72 -1.19
CA ILE A 604 -25.52 -17.40 -1.11
C ILE A 604 -24.84 -17.93 -2.37
N TRP A 605 -24.18 -17.05 -3.11
CA TRP A 605 -23.49 -17.41 -4.35
C TRP A 605 -21.98 -17.27 -4.17
N ILE A 606 -21.24 -18.25 -4.68
CA ILE A 606 -19.81 -18.19 -4.70
C ILE A 606 -19.39 -17.86 -6.13
N GLY A 607 -18.64 -16.78 -6.26
CA GLY A 607 -18.14 -16.34 -7.53
C GLY A 607 -16.62 -16.45 -7.55
N LEU A 608 -16.09 -17.06 -8.59
CA LEU A 608 -14.67 -17.25 -8.71
C LEU A 608 -14.12 -16.34 -9.77
N ILE A 609 -13.08 -15.60 -9.44
CA ILE A 609 -12.53 -14.58 -10.33
C ILE A 609 -11.59 -15.24 -11.33
N ASN A 610 -11.78 -14.92 -12.60
CA ASN A 610 -10.92 -15.43 -13.68
C ASN A 610 -9.75 -14.49 -13.93
N ASP A 611 -8.77 -14.95 -14.69
CA ASP A 611 -7.59 -14.12 -15.00
C ASP A 611 -7.94 -12.78 -15.68
N ASP A 612 -8.97 -12.78 -16.53
CA ASP A 612 -9.48 -11.57 -17.18
C ASP A 612 -10.39 -10.68 -16.27
N ASN A 613 -10.53 -11.05 -15.00
CA ASN A 613 -11.38 -10.31 -14.05
C ASN A 613 -12.89 -10.40 -14.25
N THR A 614 -13.38 -11.33 -15.07
CA THR A 614 -14.81 -11.70 -15.04
C THR A 614 -14.95 -12.72 -13.94
N ILE A 615 -16.19 -12.89 -13.48
CA ILE A 615 -16.50 -13.80 -12.40
C ILE A 615 -17.26 -15.02 -12.92
N ASP A 616 -16.74 -16.21 -12.60
CA ASP A 616 -17.47 -17.49 -12.76
C ASP A 616 -18.38 -17.75 -11.55
N TRP A 617 -19.67 -17.54 -11.70
CA TRP A 617 -20.62 -17.70 -10.58
C TRP A 617 -21.00 -19.18 -10.45
N ARG A 618 -20.09 -19.94 -9.84
CA ARG A 618 -20.08 -21.40 -9.94
C ARG A 618 -21.03 -22.15 -9.01
N TYR A 619 -21.28 -21.61 -7.82
CA TYR A 619 -22.02 -22.32 -6.78
C TYR A 619 -23.07 -21.39 -6.21
N HIS A 620 -24.19 -21.96 -5.81
CA HIS A 620 -25.10 -21.27 -4.93
C HIS A 620 -25.74 -22.24 -3.93
N HIS A 621 -26.19 -21.69 -2.81
CA HIS A 621 -26.86 -22.41 -1.76
C HIS A 621 -28.12 -21.62 -1.37
N ASP A 622 -29.27 -22.29 -1.34
CA ASP A 622 -30.52 -21.65 -0.90
C ASP A 622 -30.59 -21.66 0.60
N VAL A 623 -30.76 -20.51 1.21
CA VAL A 623 -31.04 -20.39 2.66
C VAL A 623 -32.54 -20.56 2.87
N ASP A 624 -32.89 -21.76 3.34
CA ASP A 624 -34.28 -22.17 3.55
C ASP A 624 -35.08 -22.25 2.26
N TYR A 625 -36.37 -22.59 2.37
CA TYR A 625 -37.25 -22.72 1.22
C TYR A 625 -37.54 -21.40 0.48
N SER A 626 -37.97 -21.57 -0.75
CA SER A 626 -38.05 -20.44 -1.69
C SER A 626 -39.12 -19.43 -1.30
N ASN A 627 -40.18 -19.85 -0.59
CA ASN A 627 -41.19 -18.89 -0.23
C ASN A 627 -41.00 -18.32 1.20
N TYR A 628 -39.91 -18.68 1.88
CA TYR A 628 -39.61 -18.12 3.21
C TYR A 628 -38.96 -16.76 3.03
N GLY A 629 -39.12 -15.90 4.04
CA GLY A 629 -38.68 -14.51 3.98
C GLY A 629 -37.16 -14.33 4.15
N TYR A 630 -36.61 -13.39 3.38
CA TYR A 630 -35.17 -13.09 3.42
C TYR A 630 -34.99 -11.67 2.86
N SER A 631 -34.66 -10.73 3.77
CA SER A 631 -34.53 -9.34 3.41
C SER A 631 -33.05 -8.91 3.47
N TYR A 632 -32.70 -7.91 4.27
CA TYR A 632 -31.33 -7.42 4.32
C TYR A 632 -30.42 -8.47 4.97
N SER A 633 -29.16 -8.51 4.55
CA SER A 633 -28.24 -9.57 4.97
C SER A 633 -26.81 -9.03 5.05
N THR A 634 -25.94 -9.80 5.67
CA THR A 634 -24.56 -9.43 5.87
C THR A 634 -23.79 -10.72 6.04
N LEU A 635 -22.67 -10.78 5.33
CA LEU A 635 -21.73 -11.85 5.36
C LEU A 635 -20.44 -11.38 6.03
N THR A 636 -19.80 -12.27 6.74
CA THR A 636 -18.39 -12.07 7.08
C THR A 636 -17.61 -13.40 7.01
N GLU A 637 -16.30 -13.28 6.75
CA GLU A 637 -15.44 -14.44 6.83
C GLU A 637 -14.98 -14.59 8.29
N LEU A 638 -15.23 -15.75 8.89
CA LEU A 638 -14.73 -16.00 10.25
C LEU A 638 -13.21 -16.23 10.26
N PRO A 639 -12.56 -16.00 11.38
CA PRO A 639 -11.14 -16.36 11.54
C PRO A 639 -10.72 -17.78 11.11
N ASN A 640 -11.57 -18.76 11.37
CA ASN A 640 -11.35 -20.13 10.89
C ASN A 640 -11.72 -20.40 9.42
N HIS A 641 -12.11 -19.35 8.70
CA HIS A 641 -12.45 -19.39 7.27
C HIS A 641 -13.81 -19.98 6.95
N GLU A 642 -14.60 -20.23 7.99
CA GLU A 642 -16.04 -20.37 7.78
C GLU A 642 -16.64 -19.01 7.45
N ILE A 643 -17.90 -19.02 7.12
CA ILE A 643 -18.65 -17.84 6.74
C ILE A 643 -19.79 -17.62 7.74
N GLY A 644 -19.88 -16.40 8.24
CA GLY A 644 -20.97 -15.96 9.10
C GLY A 644 -22.01 -15.17 8.30
N LEU A 645 -23.27 -15.44 8.59
CA LEU A 645 -24.38 -14.78 7.94
C LEU A 645 -25.37 -14.33 9.02
N MET A 646 -25.83 -13.09 8.90
CA MET A 646 -26.95 -12.62 9.69
C MET A 646 -27.89 -11.97 8.68
N PHE A 647 -29.18 -12.13 8.89
CA PHE A 647 -30.15 -11.72 7.90
C PHE A 647 -31.49 -11.52 8.51
N GLU A 648 -32.28 -10.68 7.87
CA GLU A 648 -33.66 -10.47 8.28
C GLU A 648 -34.44 -11.62 7.68
N LYS A 649 -34.84 -12.58 8.52
CA LYS A 649 -35.61 -13.74 8.11
C LYS A 649 -37.11 -13.42 8.11
N PHE A 650 -37.49 -12.50 7.23
CA PHE A 650 -38.87 -12.06 7.03
C PHE A 650 -38.76 -11.15 5.84
N ASP A 651 -39.91 -10.76 5.31
CA ASP A 651 -40.01 -9.81 4.23
C ASP A 651 -40.20 -8.42 4.86
N SER A 652 -39.13 -7.60 4.87
CA SER A 652 -39.13 -6.27 5.49
C SER A 652 -39.75 -5.18 4.62
N TRP A 653 -40.24 -5.54 3.44
CA TRP A 653 -40.97 -4.63 2.56
C TRP A 653 -42.48 -4.70 2.85
N SER A 654 -42.98 -5.93 3.00
CA SER A 654 -44.40 -6.19 3.20
C SER A 654 -44.95 -5.48 4.44
N ARG A 655 -46.09 -4.82 4.24
CA ARG A 655 -46.87 -4.19 5.33
C ARG A 655 -47.50 -5.21 6.22
N ASN A 656 -47.57 -6.45 5.75
CA ASN A 656 -48.03 -7.59 6.59
C ASN A 656 -47.01 -8.16 7.60
N GLU A 657 -45.72 -7.80 7.49
CA GLU A 657 -44.67 -8.42 8.30
C GLU A 657 -43.90 -7.38 9.11
N LEU A 658 -44.55 -6.27 9.38
CA LEU A 658 -43.98 -5.20 10.21
C LEU A 658 -44.02 -5.57 11.69
N HIS A 659 -43.10 -4.99 12.47
CA HIS A 659 -43.18 -5.04 13.95
C HIS A 659 -43.18 -6.47 14.50
N MET A 660 -42.28 -7.27 13.93
CA MET A 660 -42.10 -8.64 14.39
C MET A 660 -40.84 -8.79 15.24
N LYS A 661 -40.97 -9.53 16.33
CA LYS A 661 -39.87 -9.82 17.24
C LYS A 661 -39.05 -11.07 16.89
N ASN A 662 -37.74 -11.01 17.19
CA ASN A 662 -36.88 -12.23 17.14
C ASN A 662 -36.81 -12.91 15.76
N VAL A 663 -36.48 -12.11 14.77
CA VAL A 663 -36.51 -12.51 13.39
C VAL A 663 -35.21 -12.20 12.63
N VAL A 664 -34.10 -11.96 13.34
CA VAL A 664 -32.81 -11.69 12.65
C VAL A 664 -31.75 -12.67 13.17
N PRO A 665 -31.70 -13.89 12.63
CA PRO A 665 -30.78 -14.88 13.12
C PRO A 665 -29.39 -14.76 12.50
N TYR A 666 -28.46 -15.44 13.13
CA TYR A 666 -27.08 -15.56 12.73
C TYR A 666 -26.88 -17.05 12.44
N ILE A 667 -26.20 -17.37 11.34
CA ILE A 667 -25.81 -18.75 10.99
C ILE A 667 -24.38 -18.76 10.45
N THR A 668 -23.67 -19.84 10.76
CA THR A 668 -22.27 -20.08 10.28
C THR A 668 -22.32 -21.17 9.23
N PHE A 669 -21.58 -21.00 8.15
CA PHE A 669 -21.50 -22.00 7.08
C PHE A 669 -20.04 -22.40 6.82
N LYS A 670 -19.82 -23.67 6.44
CA LYS A 670 -18.55 -24.10 5.83
C LYS A 670 -18.66 -23.91 4.34
N ILE A 671 -17.52 -23.74 3.66
CA ILE A 671 -17.56 -23.58 2.20
C ILE A 671 -18.24 -24.75 1.53
N GLU A 672 -17.98 -25.97 2.04
CA GLU A 672 -18.63 -27.17 1.50
C GLU A 672 -20.15 -27.12 1.65
N ASP A 673 -20.65 -26.43 2.66
CA ASP A 673 -22.15 -26.18 2.74
C ASP A 673 -22.66 -25.28 1.61
N LEU A 674 -21.91 -24.24 1.32
CA LEU A 674 -22.28 -23.26 0.29
C LEU A 674 -22.17 -23.79 -1.14
N LYS A 675 -21.40 -24.84 -1.37
CA LYS A 675 -21.34 -25.51 -2.66
C LYS A 675 -22.60 -26.30 -3.02
N LYS A 676 -23.41 -26.62 -2.02
CA LYS A 676 -24.54 -27.54 -2.22
C LYS A 676 -25.84 -26.74 -2.47
N ASN A 677 -26.54 -27.14 -3.57
CA ASN A 677 -27.79 -26.60 -4.25
C ASN A 677 -27.62 -26.08 -5.71
N ASN B 20 66.44 23.81 -6.04
CA ASN B 20 65.35 24.32 -6.97
C ASN B 20 64.85 25.75 -6.64
N THR B 21 65.39 26.76 -7.32
CA THR B 21 65.04 28.17 -7.08
C THR B 21 64.26 28.80 -8.25
N PRO B 22 63.13 29.49 -7.96
CA PRO B 22 62.40 30.20 -9.03
C PRO B 22 63.20 31.33 -9.71
N VAL B 23 63.11 31.39 -11.03
CA VAL B 23 63.65 32.53 -11.80
C VAL B 23 62.70 33.74 -11.72
N LEU B 24 61.42 33.48 -11.49
CA LEU B 24 60.47 34.55 -11.21
C LEU B 24 59.36 34.02 -10.32
N GLU B 25 58.94 34.87 -9.39
CA GLU B 25 57.77 34.59 -8.55
C GLU B 25 56.91 35.84 -8.51
N LYS B 26 55.63 35.68 -8.73
CA LYS B 26 54.66 36.77 -8.54
C LYS B 26 53.51 36.29 -7.63
N ASN B 27 52.79 37.22 -7.02
CA ASN B 27 51.67 36.86 -6.14
C ASN B 27 50.52 37.90 -6.14
N ASN B 28 49.31 37.41 -5.88
N ASN B 28 49.30 37.43 -5.88
CA ASN B 28 48.07 38.22 -5.82
CA ASN B 28 48.13 38.32 -5.76
C ASN B 28 47.91 39.12 -7.02
C ASN B 28 47.96 39.16 -7.04
N VAL B 29 47.94 38.51 -8.20
CA VAL B 29 47.81 39.20 -9.47
C VAL B 29 46.36 38.99 -9.91
N THR B 30 45.56 40.05 -9.87
CA THR B 30 44.17 39.97 -10.21
C THR B 30 43.98 40.47 -11.64
N LEU B 31 43.28 39.66 -12.41
CA LEU B 31 43.14 39.92 -13.81
C LEU B 31 41.69 39.70 -14.22
N THR B 32 41.26 40.51 -15.17
CA THR B 32 40.00 40.29 -15.81
C THR B 32 40.25 40.46 -17.30
N GLY B 33 40.98 39.49 -17.88
CA GLY B 33 41.18 39.38 -19.33
C GLY B 33 42.39 40.07 -19.92
N GLY B 34 42.94 41.07 -19.24
CA GLY B 34 43.97 41.94 -19.84
C GLY B 34 45.43 41.46 -19.75
N GLY B 35 45.71 40.59 -18.79
CA GLY B 35 47.02 40.01 -18.60
C GLY B 35 48.04 40.94 -17.98
N GLU B 36 49.23 40.39 -17.71
CA GLU B 36 50.34 41.18 -17.23
C GLU B 36 51.66 40.83 -17.97
N ASN B 37 52.35 41.84 -18.47
CA ASN B 37 53.59 41.64 -19.17
C ASN B 37 54.73 41.44 -18.17
N VAL B 38 55.34 40.27 -18.21
CA VAL B 38 56.57 39.99 -17.43
C VAL B 38 57.80 39.75 -18.34
N THR B 39 57.84 40.36 -19.54
CA THR B 39 58.92 40.09 -20.47
C THR B 39 60.29 40.48 -19.89
N LYS B 40 60.36 41.65 -19.28
CA LYS B 40 61.61 42.16 -18.67
C LYS B 40 62.19 41.12 -17.72
N GLU B 41 61.31 40.57 -16.87
CA GLU B 41 61.76 39.66 -15.78
C GLU B 41 62.16 38.27 -16.28
N LEU B 42 61.62 37.84 -17.41
CA LEU B 42 61.83 36.48 -17.93
C LEU B 42 62.66 36.35 -19.20
N LYS B 43 62.74 37.43 -19.99
CA LYS B 43 63.60 37.61 -21.14
C LYS B 43 64.79 36.66 -21.25
N ASP B 44 65.71 36.74 -20.32
CA ASP B 44 66.95 35.99 -20.55
C ASP B 44 67.18 34.94 -19.48
N LYS B 45 66.09 34.31 -19.02
CA LYS B 45 66.18 33.34 -17.92
C LYS B 45 66.25 31.88 -18.35
N PHE B 46 65.68 31.51 -19.49
CA PHE B 46 65.56 30.09 -19.86
C PHE B 46 66.71 29.61 -20.77
N THR B 47 67.87 29.39 -20.16
CA THR B 47 69.05 29.03 -20.92
C THR B 47 68.92 27.62 -21.56
N SER B 48 68.56 26.60 -20.78
CA SER B 48 68.36 25.24 -21.36
C SER B 48 67.20 25.17 -22.36
N GLY B 49 66.13 25.90 -22.09
CA GLY B 49 64.87 25.75 -22.85
C GLY B 49 63.80 25.03 -22.04
N ASP B 50 64.21 24.08 -21.18
CA ASP B 50 63.32 23.40 -20.24
C ASP B 50 62.68 24.34 -19.25
N PHE B 51 61.55 23.92 -18.69
CA PHE B 51 60.87 24.76 -17.73
C PHE B 51 59.86 24.03 -16.86
N THR B 52 59.59 24.64 -15.72
CA THR B 52 58.53 24.21 -14.84
C THR B 52 57.76 25.45 -14.42
N VAL B 53 56.44 25.41 -14.45
CA VAL B 53 55.68 26.54 -13.99
C VAL B 53 54.65 25.98 -13.02
N VAL B 54 54.56 26.58 -11.85
CA VAL B 54 53.62 26.17 -10.78
C VAL B 54 52.73 27.38 -10.49
N ILE B 55 51.44 27.17 -10.64
CA ILE B 55 50.45 28.23 -10.59
C ILE B 55 49.34 27.86 -9.58
N LYS B 56 49.25 28.67 -8.53
CA LYS B 56 48.13 28.62 -7.61
C LYS B 56 47.17 29.73 -8.01
N TYR B 57 45.95 29.38 -8.35
CA TYR B 57 44.99 30.37 -8.90
C TYR B 57 43.54 30.06 -8.45
N ASN B 58 42.65 31.02 -8.68
CA ASN B 58 41.23 30.78 -8.65
C ASN B 58 40.61 31.58 -9.76
N GLN B 59 39.52 31.08 -10.35
CA GLN B 59 38.89 31.78 -11.45
C GLN B 59 37.71 32.57 -10.94
N SER B 60 37.58 33.78 -11.45
CA SER B 60 36.46 34.67 -11.15
C SER B 60 35.34 34.40 -12.12
N SER B 61 35.70 34.02 -13.34
CA SER B 61 34.76 33.57 -14.38
C SER B 61 35.42 32.37 -15.10
N GLU B 62 34.66 31.27 -15.22
CA GLU B 62 35.20 30.08 -15.85
C GLU B 62 35.01 30.02 -17.39
N LYS B 63 34.22 30.92 -17.96
CA LYS B 63 33.83 30.80 -19.39
C LYS B 63 35.01 31.07 -20.35
N GLY B 64 35.08 30.29 -21.42
CA GLY B 64 36.06 30.51 -22.46
C GLY B 64 37.40 29.87 -22.16
N LEU B 65 38.20 29.74 -23.21
CA LEU B 65 39.53 29.18 -23.07
C LEU B 65 40.41 30.23 -22.42
N GLN B 66 41.06 29.90 -21.31
CA GLN B 66 41.88 30.88 -20.56
C GLN B 66 43.28 30.34 -20.34
N ALA B 67 44.29 31.15 -20.68
CA ALA B 67 45.69 30.80 -20.42
C ALA B 67 46.14 31.38 -19.06
N LEU B 68 46.76 30.54 -18.23
CA LEU B 68 47.39 31.02 -16.99
C LEU B 68 48.66 31.81 -17.22
N PHE B 69 49.40 31.46 -18.26
CA PHE B 69 50.55 32.25 -18.73
C PHE B 69 50.79 31.87 -20.20
N GLY B 70 51.56 32.73 -20.88
CA GLY B 70 51.85 32.57 -22.29
C GLY B 70 53.22 33.11 -22.60
N ILE B 71 54.01 32.33 -23.33
CA ILE B 71 55.35 32.73 -23.75
C ILE B 71 55.30 32.62 -25.25
N SER B 72 55.42 33.75 -25.94
CA SER B 72 55.17 33.79 -27.37
C SER B 72 56.16 34.63 -28.16
N ASN B 73 56.16 34.38 -29.48
CA ASN B 73 56.60 35.37 -30.47
C ASN B 73 55.35 36.21 -30.82
N SER B 74 55.39 37.49 -30.46
CA SER B 74 54.22 38.35 -30.55
C SER B 74 54.10 39.14 -31.85
N LYS B 75 55.11 39.03 -32.70
CA LYS B 75 55.17 39.77 -33.96
C LYS B 75 54.08 39.31 -34.91
N PRO B 76 53.64 40.20 -35.84
CA PRO B 76 52.63 39.76 -36.82
C PRO B 76 53.17 38.60 -37.69
N GLY B 77 52.29 37.66 -38.06
CA GLY B 77 52.67 36.44 -38.77
C GLY B 77 53.03 35.24 -37.89
N GLN B 78 53.38 35.48 -36.63
CA GLN B 78 53.86 34.41 -35.74
C GLN B 78 52.84 34.01 -34.66
N GLN B 79 51.56 34.03 -35.02
CA GLN B 79 50.44 33.78 -34.09
C GLN B 79 50.52 32.39 -33.50
N ASN B 80 51.12 31.44 -34.25
CA ASN B 80 51.24 30.03 -33.83
C ASN B 80 52.62 29.64 -33.25
N SER B 81 53.31 30.63 -32.65
CA SER B 81 54.61 30.41 -31.97
C SER B 81 54.49 30.79 -30.51
N TYR B 82 54.09 29.80 -29.70
CA TYR B 82 53.85 30.03 -28.28
C TYR B 82 53.78 28.74 -27.46
N VAL B 83 54.00 28.92 -26.15
CA VAL B 83 53.72 27.91 -25.14
C VAL B 83 52.74 28.50 -24.13
N ASP B 84 51.76 27.72 -23.70
CA ASP B 84 50.87 28.15 -22.62
C ASP B 84 50.39 26.98 -21.81
N VAL B 85 49.83 27.29 -20.64
CA VAL B 85 49.03 26.36 -19.90
C VAL B 85 47.63 26.98 -19.91
N PHE B 86 46.60 26.16 -20.19
CA PHE B 86 45.24 26.66 -20.30
C PHE B 86 44.24 25.85 -19.49
N LEU B 87 43.14 26.53 -19.18
CA LEU B 87 41.96 25.96 -18.58
C LEU B 87 40.75 26.16 -19.51
N ARG B 88 39.91 25.15 -19.58
CA ARG B 88 38.62 25.22 -20.26
C ARG B 88 37.48 25.34 -19.26
N ASP B 89 36.30 25.75 -19.73
CA ASP B 89 35.13 25.87 -18.84
C ASP B 89 34.54 24.55 -18.37
N ASN B 90 35.10 23.43 -18.83
CA ASN B 90 34.72 22.12 -18.33
C ASN B 90 35.74 21.53 -17.37
N GLY B 91 36.75 22.29 -16.98
CA GLY B 91 37.69 21.87 -15.97
C GLY B 91 38.88 21.14 -16.57
N GLU B 92 38.95 21.08 -17.88
CA GLU B 92 40.13 20.51 -18.51
C GLU B 92 41.32 21.42 -18.28
N LEU B 93 42.46 20.81 -17.97
CA LEU B 93 43.75 21.46 -17.91
C LEU B 93 44.60 20.94 -19.07
N GLY B 94 45.30 21.84 -19.72
CA GLY B 94 46.13 21.47 -20.84
C GLY B 94 47.30 22.41 -21.03
N MET B 95 48.15 22.07 -22.00
CA MET B 95 49.18 22.96 -22.46
C MET B 95 49.34 22.87 -23.96
N GLU B 96 49.78 23.96 -24.57
CA GLU B 96 50.18 23.95 -25.99
C GLU B 96 51.64 24.37 -26.07
N ALA B 97 52.35 23.80 -27.02
CA ALA B 97 53.68 24.25 -27.41
C ALA B 97 53.73 24.17 -28.94
N ARG B 98 53.89 25.32 -29.57
CA ARG B 98 53.72 25.46 -31.01
C ARG B 98 54.80 26.33 -31.59
N ASP B 99 55.11 26.09 -32.86
CA ASP B 99 56.05 26.90 -33.60
C ASP B 99 55.50 27.08 -35.01
N THR B 100 55.35 28.33 -35.43
CA THR B 100 54.71 28.68 -36.71
C THR B 100 55.46 28.12 -37.95
N SER B 101 56.75 28.44 -38.06
CA SER B 101 57.50 28.21 -39.32
C SER B 101 57.70 26.73 -39.62
N SER B 102 57.77 25.91 -38.57
CA SER B 102 57.95 24.46 -38.67
C SER B 102 56.62 23.69 -38.62
N ASN B 103 55.51 24.41 -38.48
CA ASN B 103 54.20 23.83 -38.30
C ASN B 103 54.15 22.62 -37.34
N LYS B 104 54.87 22.76 -36.21
CA LYS B 104 54.80 21.81 -35.12
C LYS B 104 53.83 22.32 -34.02
N ASN B 105 52.94 21.44 -33.58
CA ASN B 105 51.81 21.83 -32.72
C ASN B 105 51.58 20.75 -31.70
N ASN B 106 52.13 20.92 -30.50
CA ASN B 106 51.94 19.98 -29.39
C ASN B 106 50.81 20.44 -28.48
N LEU B 107 49.95 19.50 -28.14
CA LEU B 107 48.87 19.74 -27.19
C LEU B 107 48.75 18.50 -26.31
N VAL B 108 48.81 18.73 -25.00
CA VAL B 108 48.77 17.70 -23.98
C VAL B 108 47.79 18.19 -22.93
N SER B 109 46.89 17.31 -22.51
CA SER B 109 45.83 17.73 -21.60
C SER B 109 45.15 16.55 -20.95
N ARG B 110 44.35 16.85 -19.94
CA ARG B 110 43.45 15.86 -19.40
C ARG B 110 42.17 16.52 -18.95
N PRO B 111 41.03 15.95 -19.35
CA PRO B 111 39.74 16.42 -18.84
C PRO B 111 39.64 16.42 -17.33
N ALA B 112 38.71 17.24 -16.80
CA ALA B 112 38.28 17.16 -15.43
C ALA B 112 39.49 17.20 -14.43
N SER B 113 40.40 18.14 -14.66
CA SER B 113 41.63 18.28 -13.89
C SER B 113 41.52 19.25 -12.74
N VAL B 114 40.62 20.23 -12.81
CA VAL B 114 40.53 21.25 -11.76
C VAL B 114 39.10 21.41 -11.26
N TRP B 115 38.96 22.11 -10.14
CA TRP B 115 37.65 22.48 -9.61
C TRP B 115 37.35 23.93 -9.99
N GLY B 116 36.07 24.27 -10.07
CA GLY B 116 35.62 25.63 -10.39
C GLY B 116 35.20 26.38 -9.15
N LYS B 117 34.01 26.03 -8.64
CA LYS B 117 33.45 26.65 -7.44
C LYS B 117 32.94 25.59 -6.47
N TYR B 118 32.88 26.01 -5.22
CA TYR B 118 32.60 25.16 -4.09
C TYR B 118 31.89 26.01 -3.06
N LYS B 119 30.64 25.69 -2.76
CA LYS B 119 29.91 26.38 -1.69
C LYS B 119 29.95 27.91 -1.84
N GLN B 120 29.64 28.36 -3.06
CA GLN B 120 29.53 29.79 -3.39
C GLN B 120 30.84 30.56 -3.53
N GLU B 121 31.99 29.89 -3.51
CA GLU B 121 33.29 30.59 -3.69
C GLU B 121 34.12 29.92 -4.78
N ALA B 122 34.89 30.72 -5.51
CA ALA B 122 35.88 30.20 -6.46
C ALA B 122 36.84 29.30 -5.73
N VAL B 123 37.18 28.16 -6.32
CA VAL B 123 38.13 27.23 -5.69
C VAL B 123 39.55 27.59 -6.07
N THR B 124 40.42 27.54 -5.07
CA THR B 124 41.84 27.70 -5.29
C THR B 124 42.40 26.37 -5.73
N ASN B 125 42.95 26.32 -6.92
CA ASN B 125 43.66 25.14 -7.42
C ASN B 125 45.15 25.42 -7.50
N THR B 126 45.95 24.37 -7.60
CA THR B 126 47.38 24.53 -7.87
C THR B 126 47.68 23.54 -8.95
N VAL B 127 48.22 24.04 -10.05
CA VAL B 127 48.51 23.21 -11.21
C VAL B 127 49.94 23.47 -11.58
N ALA B 128 50.49 22.65 -12.47
CA ALA B 128 51.88 22.80 -12.87
C ALA B 128 52.12 22.11 -14.18
N VAL B 129 53.13 22.60 -14.90
CA VAL B 129 53.60 22.00 -16.15
C VAL B 129 55.08 21.76 -16.02
N VAL B 130 55.55 20.65 -16.56
CA VAL B 130 56.97 20.33 -16.63
C VAL B 130 57.31 19.99 -18.07
N ALA B 131 58.28 20.69 -18.64
CA ALA B 131 58.75 20.44 -20.00
C ALA B 131 60.21 19.97 -19.93
N ASP B 132 60.43 18.72 -20.32
CA ASP B 132 61.71 18.02 -20.15
C ASP B 132 62.25 17.59 -21.54
N SER B 133 63.21 18.34 -22.06
CA SER B 133 63.72 18.08 -23.42
C SER B 133 64.54 16.80 -23.56
N VAL B 134 65.15 16.33 -22.47
CA VAL B 134 65.88 15.05 -22.51
C VAL B 134 64.89 13.88 -22.68
N LYS B 135 63.87 13.81 -21.83
CA LYS B 135 62.80 12.80 -21.98
C LYS B 135 61.83 13.10 -23.15
N LYS B 136 61.88 14.32 -23.69
CA LYS B 136 60.92 14.82 -24.70
C LYS B 136 59.46 14.67 -24.23
N THR B 137 59.23 15.06 -22.98
CA THR B 137 57.91 14.92 -22.39
C THR B 137 57.41 16.22 -21.82
N TYR B 138 56.10 16.33 -21.80
CA TYR B 138 55.36 17.36 -21.10
C TYR B 138 54.54 16.65 -20.04
N SER B 139 54.57 17.20 -18.83
CA SER B 139 53.73 16.70 -17.75
C SER B 139 52.89 17.80 -17.17
N LEU B 140 51.68 17.43 -16.74
CA LEU B 140 50.78 18.38 -16.11
C LEU B 140 50.29 17.81 -14.79
N TYR B 141 50.14 18.69 -13.81
CA TYR B 141 49.77 18.33 -12.49
C TYR B 141 48.64 19.23 -12.09
N ALA B 142 47.74 18.69 -11.29
CA ALA B 142 46.69 19.47 -10.68
C ALA B 142 46.41 18.88 -9.30
N ASN B 143 46.50 19.72 -8.29
CA ASN B 143 45.96 19.40 -6.94
C ASN B 143 46.52 18.12 -6.32
N GLY B 144 47.80 17.83 -6.62
CA GLY B 144 48.49 16.66 -6.08
C GLY B 144 48.62 15.45 -6.96
N THR B 145 48.09 15.51 -8.16
CA THR B 145 48.01 14.39 -9.05
C THR B 145 48.67 14.79 -10.36
N LYS B 146 49.52 13.91 -10.91
CA LYS B 146 50.05 14.11 -12.26
C LYS B 146 48.98 13.65 -13.22
N VAL B 147 48.27 14.61 -13.80
CA VAL B 147 47.09 14.30 -14.57
C VAL B 147 47.47 13.78 -15.96
N VAL B 148 48.61 14.18 -16.51
CA VAL B 148 49.03 13.59 -17.76
C VAL B 148 50.54 13.71 -17.95
N GLU B 149 51.13 12.70 -18.62
CA GLU B 149 52.54 12.72 -19.04
C GLU B 149 52.71 12.06 -20.43
N LYS B 150 53.24 12.83 -21.37
CA LYS B 150 53.22 12.45 -22.76
C LYS B 150 54.60 12.70 -23.37
N LYS B 151 55.25 11.64 -23.87
CA LYS B 151 56.39 11.79 -24.79
C LYS B 151 55.84 12.17 -26.15
N VAL B 152 56.36 13.24 -26.74
CA VAL B 152 55.96 13.61 -28.09
C VAL B 152 57.19 13.69 -29.03
N ASP B 153 56.99 13.28 -30.28
CA ASP B 153 58.05 13.29 -31.29
C ASP B 153 58.49 14.71 -31.63
N ASN B 154 57.52 15.58 -31.90
CA ASN B 154 57.81 16.99 -32.23
C ASN B 154 57.95 17.91 -31.01
N PHE B 155 58.71 17.46 -30.03
CA PHE B 155 58.88 18.19 -28.79
C PHE B 155 59.43 19.59 -29.02
N LEU B 156 58.85 20.57 -28.34
CA LEU B 156 59.31 21.94 -28.40
C LEU B 156 59.52 22.48 -27.00
N ASN B 157 60.66 23.09 -26.77
CA ASN B 157 60.80 23.90 -25.58
C ASN B 157 60.90 25.36 -26.01
N ILE B 158 61.19 26.23 -25.06
CA ILE B 158 61.07 27.67 -25.29
C ILE B 158 62.09 28.14 -26.33
N LYS B 159 63.31 27.62 -26.24
CA LYS B 159 64.37 27.93 -27.22
C LYS B 159 64.12 27.38 -28.63
N ASP B 160 63.40 26.26 -28.73
CA ASP B 160 63.12 25.65 -30.04
C ASP B 160 62.17 26.50 -30.89
N ILE B 161 61.35 27.32 -30.24
CA ILE B 161 60.37 28.16 -30.93
C ILE B 161 61.04 29.47 -31.34
N LYS B 162 60.88 29.82 -32.61
CA LYS B 162 61.62 30.91 -33.26
C LYS B 162 61.09 32.30 -32.81
N GLY B 163 62.01 33.13 -32.33
CA GLY B 163 61.73 34.53 -32.02
C GLY B 163 60.83 34.80 -30.82
N ILE B 164 60.93 33.97 -29.78
CA ILE B 164 60.19 34.23 -28.52
C ILE B 164 60.69 35.59 -28.01
N ASP B 165 59.75 36.52 -27.88
CA ASP B 165 60.02 37.90 -27.41
C ASP B 165 59.02 38.47 -26.37
N TYR B 166 58.03 37.66 -25.95
CA TYR B 166 56.99 38.13 -25.04
C TYR B 166 56.57 37.06 -24.03
N TYR B 167 56.50 37.47 -22.76
CA TYR B 167 56.19 36.58 -21.65
C TYR B 167 55.12 37.29 -20.84
N MET B 168 54.01 36.59 -20.66
CA MET B 168 52.80 37.19 -20.19
C MET B 168 52.14 36.31 -19.13
N LEU B 169 51.61 36.93 -18.08
CA LEU B 169 50.72 36.24 -17.13
C LEU B 169 49.30 36.43 -17.58
N GLY B 170 48.53 35.36 -17.59
CA GLY B 170 47.09 35.44 -17.82
C GLY B 170 46.67 35.67 -19.26
N GLY B 171 47.53 35.32 -20.22
CA GLY B 171 47.21 35.46 -21.62
C GLY B 171 48.33 34.97 -22.49
N VAL B 172 48.13 35.06 -23.80
CA VAL B 172 49.19 34.77 -24.80
C VAL B 172 49.15 35.91 -25.80
N LYS B 173 50.27 36.59 -25.98
CA LYS B 173 50.35 37.68 -26.92
C LYS B 173 50.56 37.13 -28.35
N ARG B 174 49.49 37.19 -29.15
CA ARG B 174 49.49 36.75 -30.54
C ARG B 174 49.25 37.92 -31.46
N ALA B 175 50.18 38.18 -32.36
CA ALA B 175 50.09 39.32 -33.30
C ALA B 175 49.75 40.65 -32.59
N GLY B 176 50.49 40.96 -31.53
CA GLY B 176 50.27 42.19 -30.75
C GLY B 176 48.94 42.31 -29.98
N LYS B 177 48.18 41.22 -29.85
CA LYS B 177 46.91 41.23 -29.11
C LYS B 177 46.87 40.10 -28.06
N THR B 178 46.12 40.33 -26.99
CA THR B 178 46.04 39.37 -25.91
C THR B 178 44.99 38.33 -26.25
N ALA B 179 45.40 37.07 -26.22
CA ALA B 179 44.49 35.95 -26.46
C ALA B 179 44.36 35.10 -25.17
N PHE B 180 43.24 34.39 -25.08
CA PHE B 180 42.97 33.45 -24.01
C PHE B 180 43.08 34.13 -22.64
N GLY B 181 42.52 35.33 -22.54
CA GLY B 181 42.65 36.14 -21.34
C GLY B 181 42.06 35.47 -20.10
N PHE B 182 42.85 35.36 -19.05
CA PHE B 182 42.45 34.75 -17.78
C PHE B 182 41.65 35.73 -16.91
N ASN B 183 40.65 35.19 -16.23
CA ASN B 183 39.77 35.95 -15.34
C ASN B 183 39.81 35.34 -13.96
N GLY B 184 40.50 36.00 -13.05
CA GLY B 184 40.70 35.46 -11.71
C GLY B 184 41.94 36.04 -11.07
N THR B 185 42.46 35.32 -10.09
CA THR B 185 43.62 35.79 -9.34
C THR B 185 44.65 34.70 -9.43
N LEU B 186 45.84 35.06 -9.86
CA LEU B 186 47.00 34.20 -9.72
C LEU B 186 47.54 34.49 -8.32
N GLU B 187 47.23 33.59 -7.39
CA GLU B 187 47.60 33.76 -5.98
C GLU B 187 49.11 33.71 -5.85
N ASN B 188 49.72 32.75 -6.55
CA ASN B 188 51.18 32.63 -6.58
C ASN B 188 51.54 31.92 -7.88
N ILE B 189 52.57 32.40 -8.57
CA ILE B 189 53.09 31.72 -9.75
C ILE B 189 54.59 31.68 -9.70
N LYS B 190 55.17 30.52 -9.96
CA LYS B 190 56.63 30.33 -9.98
C LYS B 190 57.14 29.76 -11.29
N PHE B 191 58.14 30.40 -11.86
CA PHE B 191 58.79 29.93 -13.09
C PHE B 191 60.12 29.40 -12.66
N PHE B 192 60.45 28.18 -13.09
CA PHE B 192 61.80 27.62 -12.97
C PHE B 192 62.33 27.35 -14.37
N ASN B 193 63.63 27.52 -14.55
CA ASN B 193 64.29 27.28 -15.84
C ASN B 193 64.85 25.85 -15.98
N SER B 194 64.18 24.89 -15.35
CA SER B 194 64.49 23.48 -15.51
C SER B 194 63.26 22.65 -15.20
N ALA B 195 63.33 21.38 -15.58
CA ALA B 195 62.31 20.37 -15.28
C ALA B 195 62.50 19.83 -13.86
N LEU B 196 61.57 20.12 -12.95
CA LEU B 196 61.61 19.55 -11.60
C LEU B 196 61.00 18.14 -11.57
N ASP B 197 61.31 17.40 -10.51
CA ASP B 197 60.98 15.98 -10.46
C ASP B 197 59.54 15.77 -9.97
N GLU B 198 59.00 14.62 -10.35
CA GLU B 198 57.59 14.30 -10.09
C GLU B 198 57.16 14.54 -8.63
N GLU B 199 57.94 14.04 -7.66
CA GLU B 199 57.49 14.08 -6.26
C GLU B 199 57.51 15.50 -5.71
N THR B 200 58.49 16.30 -6.14
CA THR B 200 58.53 17.73 -5.79
C THR B 200 57.29 18.47 -6.29
N VAL B 201 56.92 18.25 -7.54
CA VAL B 201 55.79 18.96 -8.12
C VAL B 201 54.44 18.47 -7.57
N LYS B 202 54.29 17.17 -7.37
CA LYS B 202 53.08 16.65 -6.68
C LYS B 202 52.87 17.35 -5.35
N LYS B 203 53.93 17.38 -4.56
CA LYS B 203 53.90 18.04 -3.27
C LYS B 203 53.62 19.53 -3.41
N MET B 204 54.27 20.20 -4.37
CA MET B 204 53.96 21.64 -4.55
C MET B 204 52.50 21.91 -4.94
N THR B 205 51.82 20.94 -5.56
CA THR B 205 50.43 21.16 -6.03
C THR B 205 49.34 20.72 -5.04
N THR B 206 49.76 20.07 -3.93
CA THR B 206 48.88 19.52 -2.92
C THR B 206 48.18 20.66 -2.21
N ASN B 207 46.89 20.52 -1.95
CA ASN B 207 46.12 21.61 -1.33
C ASN B 207 44.81 21.06 -0.76
N ALA B 208 43.89 21.92 -0.35
CA ALA B 208 42.60 21.46 0.19
C ALA B 208 41.83 20.51 -0.79
N VAL B 209 41.93 20.72 -2.10
CA VAL B 209 41.19 19.87 -3.06
C VAL B 209 41.64 18.43 -2.90
N THR B 210 42.95 18.24 -2.76
CA THR B 210 43.56 16.92 -2.60
C THR B 210 42.96 16.11 -1.42
N GLY B 211 42.64 16.77 -0.31
CA GLY B 211 42.02 16.13 0.83
C GLY B 211 40.58 15.58 0.68
N HIS B 212 39.92 15.82 -0.44
CA HIS B 212 38.56 15.31 -0.66
C HIS B 212 38.48 13.91 -1.23
N LEU B 213 39.63 13.28 -1.47
CA LEU B 213 39.65 11.87 -1.88
C LEU B 213 39.61 10.90 -0.70
N ILE B 214 38.68 9.95 -0.73
CA ILE B 214 38.66 8.83 0.17
C ILE B 214 39.44 7.67 -0.43
N TYR B 215 39.24 7.40 -1.72
CA TYR B 215 39.98 6.38 -2.41
C TYR B 215 40.90 7.11 -3.38
N THR B 216 42.16 6.75 -3.40
CA THR B 216 43.14 7.39 -4.24
C THR B 216 43.86 6.34 -5.04
N ALA B 217 44.30 6.73 -6.23
CA ALA B 217 45.01 5.83 -7.11
C ALA B 217 46.21 5.20 -6.39
N ASN B 218 46.30 3.88 -6.48
CA ASN B 218 47.37 3.07 -5.98
C ASN B 218 47.43 3.13 -4.47
N ASP B 219 46.29 3.31 -3.80
CA ASP B 219 46.20 3.22 -2.35
C ASP B 219 46.25 1.73 -1.93
N THR B 220 45.76 1.42 -0.72
CA THR B 220 45.75 0.05 -0.21
CA THR B 220 45.71 0.05 -0.19
C THR B 220 45.08 -0.94 -1.15
N THR B 221 44.10 -0.48 -1.91
CA THR B 221 43.42 -1.38 -2.85
C THR B 221 44.30 -1.85 -4.04
N GLY B 222 45.34 -1.09 -4.41
CA GLY B 222 46.14 -1.44 -5.53
C GLY B 222 45.57 -1.01 -6.86
N SER B 223 44.42 -0.32 -6.84
CA SER B 223 43.77 0.10 -8.08
C SER B 223 44.16 1.52 -8.42
N ASN B 224 44.45 1.78 -9.69
CA ASN B 224 44.54 3.16 -10.17
C ASN B 224 43.22 3.88 -10.40
N TYR B 225 42.10 3.13 -10.44
CA TYR B 225 40.80 3.74 -10.87
C TYR B 225 39.64 3.25 -10.00
N PHE B 226 38.61 4.10 -9.95
CA PHE B 226 37.44 3.88 -9.14
C PHE B 226 36.27 4.47 -9.88
N ARG B 227 35.12 3.82 -9.72
CA ARG B 227 33.85 4.31 -10.19
C ARG B 227 32.75 3.80 -9.25
N ILE B 228 31.61 4.42 -9.32
CA ILE B 228 30.39 3.91 -8.65
C ILE B 228 30.50 3.97 -7.15
N PRO B 229 30.61 5.19 -6.63
CA PRO B 229 30.66 5.38 -5.17
C PRO B 229 29.29 5.18 -4.50
N VAL B 230 29.31 4.64 -3.27
CA VAL B 230 28.14 4.48 -2.41
C VAL B 230 28.48 4.92 -1.00
N LEU B 231 27.60 5.74 -0.40
CA LEU B 231 27.67 6.14 1.02
C LEU B 231 26.47 5.63 1.79
N TYR B 232 26.67 5.21 3.03
CA TYR B 232 25.56 4.82 3.90
C TYR B 232 25.93 5.17 5.35
N THR B 233 24.95 5.64 6.14
CA THR B 233 25.19 5.87 7.58
C THR B 233 24.51 4.82 8.39
N PHE B 234 25.28 4.19 9.27
CA PHE B 234 24.75 3.15 10.12
C PHE B 234 24.17 3.76 11.38
N SER B 235 23.38 2.95 12.08
CA SER B 235 22.63 3.39 13.26
C SER B 235 23.58 3.79 14.39
N ASN B 236 24.69 3.07 14.56
CA ASN B 236 25.77 3.52 15.47
C ASN B 236 26.49 4.88 15.15
N GLY B 237 26.21 5.53 14.02
CA GLY B 237 26.90 6.77 13.67
C GLY B 237 28.15 6.58 12.79
N ARG B 238 28.50 5.34 12.50
CA ARG B 238 29.49 5.09 11.45
C ARG B 238 28.91 5.44 10.07
N VAL B 239 29.77 6.09 9.28
CA VAL B 239 29.50 6.41 7.89
C VAL B 239 30.36 5.45 7.11
N PHE B 240 29.71 4.70 6.25
CA PHE B 240 30.31 3.68 5.45
C PHE B 240 30.31 4.07 3.97
N SER B 241 31.41 3.75 3.28
CA SER B 241 31.52 3.89 1.83
C SER B 241 31.98 2.60 1.15
N SER B 242 31.36 2.30 0.00
CA SER B 242 31.86 1.30 -0.91
C SER B 242 32.07 1.92 -2.29
N ILE B 243 32.89 1.24 -3.09
CA ILE B 243 33.22 1.70 -4.40
C ILE B 243 33.73 0.55 -5.26
N ASP B 244 33.52 0.69 -6.56
CA ASP B 244 34.15 -0.16 -7.51
C ASP B 244 35.69 0.21 -7.66
N ALA B 245 36.58 -0.71 -7.33
CA ALA B 245 38.03 -0.64 -7.63
C ALA B 245 38.20 -1.34 -8.97
N ARG B 246 38.38 -0.54 -10.01
CA ARG B 246 38.44 -0.99 -11.39
C ARG B 246 39.89 -0.89 -11.85
N TYR B 247 40.51 -2.03 -12.12
CA TYR B 247 41.99 -2.12 -12.22
C TYR B 247 42.47 -1.89 -13.64
N GLY B 248 41.72 -2.37 -14.62
CA GLY B 248 42.07 -2.20 -16.05
C GLY B 248 41.40 -0.99 -16.65
N GLY B 249 41.81 0.19 -16.22
CA GLY B 249 41.03 1.41 -16.46
C GLY B 249 39.60 1.38 -15.90
N THR B 250 38.77 2.33 -16.35
CA THR B 250 37.39 2.53 -15.84
C THR B 250 36.26 1.80 -16.62
N HIS B 251 36.63 1.00 -17.64
CA HIS B 251 35.63 0.24 -18.43
C HIS B 251 34.65 -0.52 -17.50
N ASP B 252 33.36 -0.46 -17.80
CA ASP B 252 32.41 -1.35 -17.12
C ASP B 252 32.77 -2.81 -17.36
N PHE B 253 33.11 -3.12 -18.60
CA PHE B 253 33.51 -4.44 -19.02
C PHE B 253 34.29 -4.30 -20.35
N LEU B 254 35.16 -5.24 -20.68
CA LEU B 254 35.65 -6.29 -19.75
C LEU B 254 36.64 -5.62 -18.82
N ASN B 255 36.76 -6.12 -17.59
CA ASN B 255 37.67 -5.48 -16.62
C ASN B 255 37.86 -6.45 -15.46
N LYS B 256 38.75 -6.06 -14.55
CA LYS B 256 38.98 -6.75 -13.33
C LYS B 256 38.51 -5.73 -12.30
N ILE B 257 37.44 -6.06 -11.60
CA ILE B 257 36.83 -5.17 -10.61
C ILE B 257 36.57 -5.86 -9.28
N ASN B 258 37.01 -5.16 -8.23
CA ASN B 258 36.79 -5.51 -6.85
C ASN B 258 35.91 -4.44 -6.22
N ILE B 259 35.23 -4.80 -5.16
CA ILE B 259 34.53 -3.82 -4.31
C ILE B 259 35.43 -3.59 -3.12
N ALA B 260 35.79 -2.30 -2.93
CA ALA B 260 36.55 -1.76 -1.80
C ALA B 260 35.64 -1.01 -0.87
N THR B 261 36.03 -0.93 0.40
CA THR B 261 35.29 -0.17 1.36
C THR B 261 36.20 0.63 2.28
N SER B 262 35.60 1.61 2.97
CA SER B 262 36.27 2.55 3.86
C SER B 262 35.24 3.21 4.69
N TYR B 263 35.58 3.55 5.92
CA TYR B 263 34.59 4.18 6.80
C TYR B 263 35.17 5.28 7.69
N SER B 264 34.25 6.06 8.28
CA SER B 264 34.58 7.19 9.09
C SER B 264 33.75 7.07 10.38
N ASP B 265 34.43 7.15 11.51
CA ASP B 265 33.74 7.25 12.81
C ASP B 265 33.66 8.69 13.35
N ASP B 266 33.87 9.70 12.51
CA ASP B 266 33.87 11.07 12.99
C ASP B 266 33.17 11.98 12.02
N ASN B 267 31.97 11.59 11.59
CA ASN B 267 31.17 12.40 10.66
C ASN B 267 31.90 12.74 9.33
N GLY B 268 32.70 11.80 8.84
CA GLY B 268 33.33 11.97 7.57
C GLY B 268 34.60 12.77 7.54
N LYS B 269 35.09 13.22 8.70
CA LYS B 269 36.32 14.03 8.72
C LYS B 269 37.50 13.15 8.33
N THR B 270 37.56 11.94 8.91
CA THR B 270 38.61 11.00 8.54
C THR B 270 38.08 9.64 8.24
N TRP B 271 38.82 8.96 7.37
CA TRP B 271 38.40 7.70 6.79
C TRP B 271 39.41 6.63 7.02
N THR B 272 38.97 5.40 7.16
CA THR B 272 39.93 4.28 7.15
C THR B 272 40.64 4.08 5.79
N LYS B 273 41.79 3.46 5.85
CA LYS B 273 42.45 2.99 4.64
C LYS B 273 41.57 1.97 3.94
N PRO B 274 41.43 2.07 2.62
CA PRO B 274 40.51 1.13 2.00
C PRO B 274 40.89 -0.37 2.10
N LYS B 275 39.86 -1.20 2.33
CA LYS B 275 39.97 -2.67 2.36
C LYS B 275 39.27 -3.24 1.14
N LEU B 276 39.75 -4.38 0.65
CA LEU B 276 39.04 -5.13 -0.37
C LEU B 276 38.01 -5.98 0.40
N THR B 277 36.79 -5.93 -0.05
CA THR B 277 35.67 -6.55 0.61
C THR B 277 35.10 -7.61 -0.28
N LEU B 278 34.93 -7.32 -1.57
CA LEU B 278 34.57 -8.39 -2.51
C LEU B 278 35.62 -8.48 -3.59
N ALA B 279 36.34 -9.60 -3.62
CA ALA B 279 37.43 -9.73 -4.63
C ALA B 279 37.69 -11.18 -5.03
N PHE B 280 38.02 -11.36 -6.32
CA PHE B 280 38.54 -12.60 -6.87
C PHE B 280 40.09 -12.39 -7.00
N ASP B 281 40.87 -13.47 -6.99
CA ASP B 281 42.35 -13.36 -7.10
C ASP B 281 42.95 -14.11 -8.30
N ASP B 282 42.12 -14.37 -9.31
CA ASP B 282 42.59 -14.88 -10.62
C ASP B 282 43.54 -13.92 -11.31
N PHE B 283 43.31 -12.62 -11.10
CA PHE B 283 44.30 -11.55 -11.30
C PHE B 283 44.60 -10.97 -9.95
N ALA B 284 45.86 -10.57 -9.72
CA ALA B 284 46.22 -9.85 -8.46
C ALA B 284 45.77 -8.40 -8.50
N PRO B 285 45.53 -7.77 -7.32
CA PRO B 285 45.14 -6.36 -7.19
C PRO B 285 46.34 -5.41 -7.26
N VAL B 286 46.74 -5.11 -8.51
CA VAL B 286 47.95 -4.33 -8.80
C VAL B 286 47.62 -3.15 -9.72
N PRO B 287 48.38 -2.05 -9.60
CA PRO B 287 48.16 -0.89 -10.40
C PRO B 287 48.60 -1.06 -11.84
N LEU B 288 47.73 -0.67 -12.77
CA LEU B 288 48.07 -0.64 -14.21
C LEU B 288 47.94 0.77 -14.76
N GLU B 289 48.81 1.09 -15.68
CA GLU B 289 48.83 2.42 -16.30
C GLU B 289 48.01 2.33 -17.56
N TRP B 290 46.70 2.51 -17.46
CA TRP B 290 45.82 2.19 -18.59
C TRP B 290 45.89 3.28 -19.69
N PRO B 291 46.13 2.89 -20.96
CA PRO B 291 46.32 3.93 -22.03
C PRO B 291 45.08 4.79 -22.23
N ARG B 292 45.29 6.09 -22.36
CA ARG B 292 44.21 7.08 -22.62
C ARG B 292 44.13 7.49 -24.08
N GLU B 293 45.17 7.17 -24.86
CA GLU B 293 45.21 7.50 -26.29
C GLU B 293 44.09 6.76 -27.00
N VAL B 294 43.64 7.32 -28.12
CA VAL B 294 42.48 6.80 -28.83
C VAL B 294 42.77 5.36 -29.28
N GLY B 295 44.03 5.10 -29.62
CA GLY B 295 44.43 3.78 -30.12
C GLY B 295 44.67 2.69 -29.09
N GLY B 296 44.62 3.05 -27.81
CA GLY B 296 44.74 2.12 -26.68
C GLY B 296 43.57 2.10 -25.71
N ARG B 297 42.85 3.22 -25.58
CA ARG B 297 41.82 3.33 -24.53
C ARG B 297 40.70 2.28 -24.60
N ASP B 298 40.55 1.63 -25.75
CA ASP B 298 39.58 0.54 -25.91
C ASP B 298 40.10 -0.83 -25.49
N LEU B 299 41.42 -0.96 -25.29
CA LEU B 299 41.99 -2.13 -24.60
C LEU B 299 41.29 -2.40 -23.27
N GLN B 300 41.20 -3.70 -22.97
CA GLN B 300 40.50 -4.19 -21.80
C GLN B 300 41.21 -5.41 -21.25
N ILE B 301 41.13 -5.57 -19.92
CA ILE B 301 41.43 -6.85 -19.24
C ILE B 301 40.34 -7.87 -19.61
N SER B 302 40.74 -8.92 -20.33
CA SER B 302 39.85 -9.92 -20.92
C SER B 302 39.28 -10.93 -19.96
N GLY B 303 40.14 -11.65 -19.27
CA GLY B 303 39.76 -12.97 -18.77
C GLY B 303 39.58 -13.04 -17.28
N GLY B 304 38.95 -12.02 -16.68
CA GLY B 304 38.98 -11.81 -15.19
C GLY B 304 37.63 -11.73 -14.48
N ALA B 305 37.43 -12.56 -13.45
CA ALA B 305 36.16 -12.57 -12.67
C ALA B 305 35.96 -11.29 -11.86
N THR B 306 34.72 -10.84 -11.77
CA THR B 306 34.42 -9.51 -11.33
C THR B 306 33.25 -9.43 -10.34
N TYR B 307 33.37 -8.53 -9.36
CA TYR B 307 32.22 -7.96 -8.65
C TYR B 307 32.09 -6.53 -9.12
N ILE B 308 30.86 -6.09 -9.29
CA ILE B 308 30.54 -4.73 -9.74
C ILE B 308 29.17 -4.23 -9.19
N ASP B 309 29.04 -2.93 -8.95
CA ASP B 309 27.77 -2.25 -8.59
C ASP B 309 27.19 -2.69 -7.22
N SER B 310 27.66 -2.05 -6.16
CA SER B 310 27.30 -2.41 -4.83
C SER B 310 26.01 -1.68 -4.36
N VAL B 311 25.26 -2.40 -3.53
CA VAL B 311 24.08 -1.91 -2.85
C VAL B 311 24.19 -2.23 -1.39
N ILE B 312 24.02 -1.23 -0.52
CA ILE B 312 24.09 -1.39 0.93
C ILE B 312 22.71 -1.20 1.61
N VAL B 313 22.38 -2.06 2.57
CA VAL B 313 21.27 -1.75 3.47
C VAL B 313 21.60 -2.26 4.87
N GLU B 314 21.14 -1.51 5.88
CA GLU B 314 21.15 -1.94 7.28
C GLU B 314 19.76 -2.46 7.66
N LYS B 315 19.72 -3.70 8.13
CA LYS B 315 18.51 -4.30 8.66
C LYS B 315 18.14 -3.74 10.04
N LYS B 316 16.92 -4.04 10.45
CA LYS B 316 16.35 -3.59 11.70
C LYS B 316 17.16 -4.09 12.92
N ASN B 317 17.60 -5.35 12.86
CA ASN B 317 18.50 -5.91 13.85
C ASN B 317 19.96 -5.40 13.82
N LYS B 318 20.26 -4.37 13.00
CA LYS B 318 21.58 -3.71 12.87
C LYS B 318 22.66 -4.49 12.12
N GLN B 319 22.31 -5.66 11.59
CA GLN B 319 23.16 -6.35 10.63
C GLN B 319 23.12 -5.58 9.30
N VAL B 320 24.27 -5.49 8.62
CA VAL B 320 24.40 -4.75 7.36
C VAL B 320 24.48 -5.77 6.24
N LEU B 321 23.78 -5.50 5.14
CA LEU B 321 23.89 -6.28 3.93
C LEU B 321 24.56 -5.44 2.87
N MET B 322 25.32 -6.11 2.02
CA MET B 322 25.85 -5.56 0.80
C MET B 322 25.63 -6.57 -0.34
N PHE B 323 25.01 -6.10 -1.41
CA PHE B 323 24.80 -6.89 -2.63
C PHE B 323 25.79 -6.46 -3.69
N ALA B 324 26.07 -7.35 -4.62
CA ALA B 324 26.86 -6.99 -5.77
C ALA B 324 26.56 -7.90 -6.96
N ASP B 325 26.75 -7.39 -8.17
CA ASP B 325 26.70 -8.22 -9.36
C ASP B 325 28.00 -9.01 -9.44
N VAL B 326 27.91 -10.25 -9.92
CA VAL B 326 29.03 -11.14 -10.04
C VAL B 326 29.07 -11.58 -11.47
N MET B 327 30.23 -11.43 -12.09
CA MET B 327 30.49 -11.77 -13.49
C MET B 327 31.62 -12.75 -13.56
N PRO B 328 31.38 -13.93 -14.12
CA PRO B 328 32.48 -14.83 -14.41
C PRO B 328 33.43 -14.23 -15.41
N ALA B 329 34.67 -14.68 -15.33
CA ALA B 329 35.74 -14.28 -16.24
C ALA B 329 35.28 -14.43 -17.66
N GLY B 330 35.49 -13.39 -18.47
CA GLY B 330 35.06 -13.38 -19.89
C GLY B 330 33.58 -13.17 -20.21
N VAL B 331 32.83 -12.65 -19.26
CA VAL B 331 31.39 -12.46 -19.43
C VAL B 331 31.12 -10.98 -19.32
N SER B 332 30.73 -10.35 -20.43
CA SER B 332 30.24 -8.94 -20.42
C SER B 332 28.77 -8.91 -20.07
N PHE B 333 28.28 -7.76 -19.62
CA PHE B 333 26.84 -7.52 -19.58
C PHE B 333 26.18 -7.88 -20.94
N ARG B 334 26.81 -7.54 -22.07
CA ARG B 334 26.24 -7.83 -23.40
C ARG B 334 26.27 -9.30 -23.85
N GLU B 335 27.27 -10.06 -23.42
CA GLU B 335 27.51 -11.44 -23.86
C GLU B 335 26.93 -12.54 -22.95
N ALA B 336 26.61 -12.20 -21.71
CA ALA B 336 25.89 -13.10 -20.83
C ALA B 336 24.64 -13.71 -21.49
N THR B 337 24.55 -15.03 -21.55
CA THR B 337 23.28 -15.67 -21.91
C THR B 337 22.11 -15.16 -21.04
N ARG B 338 21.02 -14.76 -21.69
CA ARG B 338 19.83 -14.23 -21.02
C ARG B 338 18.77 -15.30 -20.80
N LYS B 339 18.96 -16.48 -21.36
CA LYS B 339 17.97 -17.53 -21.33
C LYS B 339 18.34 -18.65 -20.35
N ASP B 340 19.23 -18.37 -19.40
CA ASP B 340 19.61 -19.34 -18.37
C ASP B 340 20.00 -18.63 -17.05
N SER B 341 19.41 -19.09 -15.95
CA SER B 341 19.68 -18.55 -14.66
C SER B 341 21.02 -19.01 -14.10
N GLY B 342 21.53 -20.13 -14.60
CA GLY B 342 22.69 -20.80 -14.02
C GLY B 342 22.34 -21.83 -12.97
N TYR B 343 21.03 -22.00 -12.74
CA TYR B 343 20.48 -22.84 -11.69
C TYR B 343 19.60 -23.96 -12.30
N LYS B 344 19.42 -25.02 -11.53
CA LYS B 344 18.63 -26.18 -11.91
C LYS B 344 17.73 -26.54 -10.72
N GLN B 345 16.49 -26.92 -11.00
CA GLN B 345 15.54 -27.31 -9.94
C GLN B 345 15.54 -28.82 -9.78
N ILE B 346 15.86 -29.26 -8.58
CA ILE B 346 15.84 -30.69 -8.26
C ILE B 346 15.03 -30.86 -6.96
N ASP B 347 13.90 -31.56 -7.07
CA ASP B 347 13.03 -31.90 -5.93
C ASP B 347 12.66 -30.67 -5.11
N GLY B 348 12.24 -29.61 -5.80
CA GLY B 348 11.86 -28.34 -5.14
C GLY B 348 12.95 -27.34 -4.79
N ASN B 349 14.20 -27.79 -4.64
CA ASN B 349 15.32 -26.90 -4.33
C ASN B 349 16.02 -26.37 -5.59
N TYR B 350 16.58 -25.16 -5.49
CA TYR B 350 17.35 -24.59 -6.58
C TYR B 350 18.82 -24.83 -6.31
N TYR B 351 19.55 -25.25 -7.33
CA TYR B 351 20.96 -25.56 -7.17
C TYR B 351 21.75 -25.04 -8.37
N LEU B 352 22.92 -24.49 -8.08
CA LEU B 352 23.76 -23.91 -9.12
C LEU B 352 24.37 -25.00 -10.00
N LYS B 353 24.18 -24.87 -11.30
CA LYS B 353 24.70 -25.83 -12.30
C LYS B 353 26.18 -25.63 -12.52
N LEU B 354 26.82 -26.69 -12.98
CA LEU B 354 28.21 -26.62 -13.36
C LEU B 354 28.48 -27.49 -14.55
N ARG B 355 29.31 -27.00 -15.44
CA ARG B 355 29.81 -27.80 -16.56
C ARG B 355 31.26 -28.17 -16.27
N LYS B 356 31.60 -29.43 -16.47
CA LYS B 356 32.97 -29.94 -16.35
C LYS B 356 33.71 -29.81 -17.67
N GLN B 357 35.00 -29.50 -17.60
CA GLN B 357 35.84 -29.31 -18.81
C GLN B 357 35.69 -30.51 -19.74
N GLY B 358 35.53 -30.25 -21.03
CA GLY B 358 35.38 -31.32 -22.02
C GLY B 358 33.96 -31.82 -22.26
N ASP B 359 33.01 -31.41 -21.41
CA ASP B 359 31.58 -31.66 -21.65
C ASP B 359 30.95 -30.52 -22.41
N THR B 360 29.91 -30.82 -23.17
CA THR B 360 29.11 -29.78 -23.78
C THR B 360 27.96 -29.40 -22.83
N ASP B 361 27.36 -30.36 -22.13
CA ASP B 361 26.22 -30.03 -21.24
C ASP B 361 26.61 -29.77 -19.79
N TYR B 362 25.66 -29.22 -19.05
CA TYR B 362 25.85 -28.89 -17.64
C TYR B 362 25.33 -30.04 -16.80
N ASN B 363 26.24 -30.94 -16.44
CA ASN B 363 25.90 -32.22 -15.88
C ASN B 363 25.98 -32.29 -14.38
N TYR B 364 26.31 -31.18 -13.74
CA TYR B 364 26.62 -31.18 -12.33
C TYR B 364 25.91 -30.07 -11.61
N THR B 365 25.73 -30.27 -10.31
CA THR B 365 25.18 -29.27 -9.43
C THR B 365 25.90 -29.22 -8.09
N ILE B 366 25.88 -28.04 -7.47
CA ILE B 366 26.34 -27.84 -6.11
C ILE B 366 25.14 -27.98 -5.20
N ARG B 367 25.18 -28.94 -4.28
CA ARG B 367 24.09 -29.15 -3.33
C ARG B 367 24.60 -28.97 -1.89
N GLU B 368 23.96 -29.65 -0.94
CA GLU B 368 24.25 -29.49 0.49
C GLU B 368 25.76 -29.55 0.78
N ASN B 369 26.21 -28.66 1.67
CA ASN B 369 27.62 -28.59 2.10
C ASN B 369 28.61 -28.29 0.96
N GLY B 370 28.10 -27.78 -0.18
CA GLY B 370 28.94 -27.50 -1.33
C GLY B 370 29.41 -28.70 -2.13
N THR B 371 28.91 -29.89 -1.79
CA THR B 371 29.20 -31.11 -2.53
C THR B 371 28.68 -31.04 -3.97
N VAL B 372 29.57 -31.37 -4.88
CA VAL B 372 29.26 -31.40 -6.28
C VAL B 372 28.69 -32.76 -6.63
N TYR B 373 27.48 -32.76 -7.19
CA TYR B 373 26.71 -33.98 -7.58
C TYR B 373 26.71 -34.14 -9.10
N ASP B 374 26.87 -35.37 -9.59
CA ASP B 374 26.61 -35.70 -10.98
C ASP B 374 25.09 -35.87 -11.11
N ASP B 375 24.46 -34.97 -11.87
CA ASP B 375 22.99 -35.02 -12.05
C ASP B 375 22.52 -36.24 -12.81
N ARG B 376 23.39 -36.79 -13.65
CA ARG B 376 23.10 -38.00 -14.42
C ARG B 376 22.87 -39.23 -13.55
N THR B 377 23.67 -39.39 -12.51
CA THR B 377 23.53 -40.50 -11.58
C THR B 377 22.82 -40.11 -10.27
N ASN B 378 22.62 -38.82 -10.04
CA ASN B 378 22.07 -38.32 -8.78
C ASN B 378 22.90 -38.70 -7.55
N ARG B 379 24.22 -38.85 -7.74
CA ARG B 379 25.13 -39.25 -6.68
C ARG B 379 26.15 -38.15 -6.42
N PRO B 380 26.59 -37.98 -5.16
CA PRO B 380 27.71 -37.06 -4.93
C PRO B 380 29.02 -37.50 -5.58
N THR B 381 29.83 -36.54 -6.02
CA THR B 381 31.20 -36.75 -6.51
C THR B 381 32.17 -36.48 -5.33
N GLU B 382 33.47 -36.61 -5.59
CA GLU B 382 34.53 -36.21 -4.64
C GLU B 382 34.88 -34.70 -4.63
N PHE B 383 34.29 -33.93 -5.56
CA PHE B 383 34.51 -32.49 -5.66
C PHE B 383 33.53 -31.74 -4.79
N SER B 384 34.00 -30.61 -4.26
CA SER B 384 33.15 -29.69 -3.52
C SER B 384 33.54 -28.24 -3.77
N VAL B 385 32.62 -27.35 -3.45
CA VAL B 385 32.81 -25.93 -3.66
C VAL B 385 32.71 -25.25 -2.31
N ASP B 386 33.71 -24.44 -1.97
CA ASP B 386 33.73 -23.78 -0.69
C ASP B 386 32.85 -22.52 -0.72
N LYS B 387 32.70 -21.90 0.43
CA LYS B 387 31.90 -20.70 0.60
C LYS B 387 32.34 -19.48 -0.23
N ASN B 388 33.60 -19.43 -0.67
CA ASN B 388 34.08 -18.42 -1.63
C ASN B 388 34.19 -18.90 -3.08
N PHE B 389 33.51 -19.99 -3.39
CA PHE B 389 33.39 -20.55 -4.72
C PHE B 389 34.63 -21.30 -5.18
N GLY B 390 35.54 -21.61 -4.25
CA GLY B 390 36.78 -22.36 -4.56
C GLY B 390 36.49 -23.84 -4.72
N ILE B 391 37.21 -24.50 -5.62
CA ILE B 391 37.00 -25.92 -5.92
C ILE B 391 38.01 -26.80 -5.15
N LYS B 392 37.44 -27.74 -4.40
CA LYS B 392 38.20 -28.78 -3.71
C LYS B 392 37.98 -30.15 -4.36
N GLN B 393 38.98 -31.02 -4.17
CA GLN B 393 38.90 -32.40 -4.56
C GLN B 393 39.40 -33.24 -3.41
N ASN B 394 38.50 -34.07 -2.89
CA ASN B 394 38.77 -34.88 -1.69
C ASN B 394 39.16 -34.01 -0.49
N GLY B 395 38.60 -32.81 -0.40
CA GLY B 395 38.88 -31.90 0.71
C GLY B 395 40.13 -31.04 0.58
N ASN B 396 40.91 -31.21 -0.50
CA ASN B 396 42.06 -30.35 -0.81
C ASN B 396 41.78 -29.43 -2.00
N TYR B 397 42.32 -28.21 -1.94
CA TYR B 397 42.06 -27.22 -2.97
C TYR B 397 42.77 -27.53 -4.25
N LEU B 398 42.02 -27.41 -5.35
CA LEU B 398 42.63 -27.36 -6.67
C LEU B 398 43.14 -25.94 -6.89
N THR B 399 44.20 -25.82 -7.67
CA THR B 399 44.81 -24.53 -7.98
C THR B 399 44.88 -24.27 -9.49
N VAL B 400 44.99 -22.99 -9.83
CA VAL B 400 45.29 -22.51 -11.15
C VAL B 400 46.34 -21.46 -10.98
N GLU B 401 47.03 -21.13 -12.07
CA GLU B 401 47.98 -20.01 -12.09
C GLU B 401 47.25 -18.70 -12.21
N GLN B 402 47.59 -17.75 -11.35
CA GLN B 402 47.12 -16.38 -11.45
C GLN B 402 47.68 -15.68 -12.71
N TYR B 403 46.93 -14.71 -13.22
CA TYR B 403 47.32 -13.93 -14.40
C TYR B 403 47.86 -12.57 -13.95
N SER B 404 48.74 -12.02 -14.76
CA SER B 404 49.19 -10.63 -14.71
C SER B 404 49.04 -9.93 -16.09
N VAL B 405 48.99 -8.60 -16.06
CA VAL B 405 48.90 -7.77 -17.25
C VAL B 405 50.19 -6.94 -17.47
N SER B 406 50.62 -6.87 -18.73
CA SER B 406 51.85 -6.14 -19.13
C SER B 406 51.68 -5.39 -20.47
N PHE B 407 52.29 -4.20 -20.55
CA PHE B 407 52.18 -3.28 -21.69
C PHE B 407 53.54 -2.99 -22.34
N GLU B 408 53.83 -3.57 -23.51
CA GLU B 408 55.00 -3.12 -24.31
C GLU B 408 54.54 -2.15 -25.38
N LYS B 411 50.36 -2.09 -26.88
CA LYS B 411 50.68 -3.53 -26.90
C LYS B 411 50.47 -4.16 -25.51
N LYS B 412 49.36 -4.88 -25.35
CA LYS B 412 48.98 -5.46 -24.07
C LYS B 412 49.11 -6.98 -24.09
N THR B 413 49.61 -7.53 -22.98
CA THR B 413 49.80 -8.97 -22.82
C THR B 413 49.30 -9.42 -21.45
N GLU B 414 48.57 -10.53 -21.45
CA GLU B 414 48.08 -11.17 -20.24
C GLU B 414 48.72 -12.53 -20.15
N TYR B 415 49.38 -12.81 -19.03
CA TYR B 415 50.14 -14.04 -18.90
C TYR B 415 50.09 -14.58 -17.48
N ARG B 416 50.36 -15.88 -17.40
CA ARG B 416 50.39 -16.59 -16.14
C ARG B 416 51.69 -16.28 -15.37
N ASN B 417 51.57 -15.88 -14.12
CA ASN B 417 52.72 -15.34 -13.37
C ASN B 417 53.42 -16.27 -12.36
N GLY B 418 53.05 -17.55 -12.30
CA GLY B 418 53.68 -18.50 -11.36
C GLY B 418 53.07 -18.58 -9.97
N THR B 419 52.16 -17.68 -9.64
CA THR B 419 51.46 -17.74 -8.37
C THR B 419 50.25 -18.64 -8.53
N LYS B 420 50.04 -19.52 -7.56
CA LYS B 420 48.91 -20.42 -7.52
C LYS B 420 47.85 -19.82 -6.60
N VAL B 421 46.61 -19.84 -7.05
CA VAL B 421 45.48 -19.38 -6.27
C VAL B 421 44.44 -20.49 -6.36
N HIS B 422 43.44 -20.47 -5.48
CA HIS B 422 42.47 -21.54 -5.53
C HIS B 422 41.73 -21.52 -6.90
N MET B 423 41.60 -22.69 -7.51
CA MET B 423 40.67 -22.83 -8.64
C MET B 423 39.26 -22.46 -8.17
N ASN B 424 38.52 -21.70 -8.98
CA ASN B 424 37.25 -21.10 -8.59
C ASN B 424 36.26 -21.30 -9.75
N ILE B 425 34.98 -21.52 -9.44
CA ILE B 425 33.98 -21.80 -10.46
C ILE B 425 33.72 -20.59 -11.40
N PHE B 426 34.07 -19.37 -10.96
CA PHE B 426 33.94 -18.18 -11.78
C PHE B 426 35.15 -17.88 -12.70
N TYR B 427 36.18 -18.73 -12.71
CA TYR B 427 37.40 -18.47 -13.46
C TYR B 427 37.40 -19.10 -14.88
N LYS B 428 38.25 -18.56 -15.73
CA LYS B 428 38.44 -19.04 -17.06
C LYS B 428 39.09 -20.42 -17.11
N ASP B 429 39.95 -20.72 -16.13
CA ASP B 429 40.74 -21.96 -16.14
C ASP B 429 40.22 -23.05 -15.22
N ALA B 430 38.99 -22.91 -14.77
CA ALA B 430 38.37 -23.85 -13.87
C ALA B 430 37.97 -25.15 -14.52
N LEU B 431 38.07 -26.22 -13.75
CA LEU B 431 37.64 -27.55 -14.13
C LEU B 431 36.13 -27.64 -14.17
N PHE B 432 35.47 -26.97 -13.24
CA PHE B 432 34.02 -26.85 -13.22
C PHE B 432 33.68 -25.39 -13.32
N LYS B 433 32.73 -25.04 -14.20
CA LYS B 433 32.40 -23.65 -14.48
C LYS B 433 30.92 -23.44 -14.42
N VAL B 434 30.56 -22.28 -13.94
CA VAL B 434 29.19 -21.80 -13.96
C VAL B 434 28.75 -21.43 -15.39
N VAL B 435 27.44 -21.28 -15.55
CA VAL B 435 26.86 -20.76 -16.79
C VAL B 435 27.40 -19.36 -16.97
N PRO B 436 27.87 -19.00 -18.20
CA PRO B 436 28.44 -17.66 -18.44
C PRO B 436 27.36 -16.58 -18.48
N THR B 437 26.94 -16.19 -17.28
CA THR B 437 25.92 -15.20 -17.15
C THR B 437 26.20 -14.40 -15.88
N ASN B 438 25.39 -13.36 -15.65
CA ASN B 438 25.53 -12.52 -14.46
C ASN B 438 24.75 -13.12 -13.27
N TYR B 439 25.26 -12.88 -12.06
CA TYR B 439 24.65 -13.34 -10.82
C TYR B 439 24.59 -12.20 -9.85
N ILE B 440 23.87 -12.38 -8.77
CA ILE B 440 23.90 -11.43 -7.70
C ILE B 440 24.32 -12.16 -6.47
N ALA B 441 25.26 -11.54 -5.73
CA ALA B 441 25.71 -12.05 -4.44
C ALA B 441 25.51 -11.02 -3.35
N TYR B 442 25.40 -11.53 -2.11
CA TYR B 442 25.32 -10.68 -0.94
C TYR B 442 26.07 -11.27 0.23
N ILE B 443 26.58 -10.35 1.03
CA ILE B 443 27.37 -10.64 2.20
C ILE B 443 26.75 -9.86 3.35
N SER B 444 27.05 -10.28 4.56
CA SER B 444 26.48 -9.62 5.74
C SER B 444 27.54 -9.37 6.78
N SER B 445 27.32 -8.34 7.59
CA SER B 445 28.25 -7.96 8.64
C SER B 445 27.49 -7.78 9.93
N ASN B 446 28.02 -8.36 11.00
CA ASN B 446 27.50 -8.16 12.35
C ASN B 446 28.19 -7.10 13.14
N ASP B 447 29.20 -6.43 12.58
CA ASP B 447 30.00 -5.46 13.35
C ASP B 447 30.13 -4.16 12.56
N HIS B 448 29.03 -3.74 11.94
CA HIS B 448 29.02 -2.49 11.15
C HIS B 448 30.14 -2.35 10.10
N GLY B 449 30.34 -3.44 9.40
CA GLY B 449 31.19 -3.42 8.25
C GLY B 449 32.66 -3.54 8.56
N GLU B 450 33.05 -4.05 9.73
CA GLU B 450 34.47 -4.34 9.99
C GLU B 450 34.86 -5.70 9.45
N SER B 451 33.90 -6.61 9.44
CA SER B 451 34.12 -7.93 8.92
C SER B 451 32.85 -8.39 8.25
N TRP B 452 33.01 -9.31 7.31
CA TRP B 452 31.89 -9.74 6.47
C TRP B 452 31.83 -11.27 6.32
N SER B 453 30.62 -11.81 6.13
CA SER B 453 30.42 -13.21 5.81
C SER B 453 30.96 -13.52 4.42
N ALA B 454 31.10 -14.81 4.11
CA ALA B 454 31.29 -15.27 2.71
C ALA B 454 30.05 -14.90 1.89
N PRO B 455 30.20 -14.81 0.56
CA PRO B 455 29.05 -14.44 -0.28
C PRO B 455 28.02 -15.54 -0.44
N THR B 456 26.76 -15.14 -0.57
CA THR B 456 25.66 -16.04 -0.88
C THR B 456 25.16 -15.59 -2.23
N LEU B 457 25.09 -16.50 -3.18
CA LEU B 457 24.55 -16.20 -4.48
C LEU B 457 23.05 -16.17 -4.33
N LEU B 458 22.43 -15.18 -4.91
CA LEU B 458 20.97 -15.06 -4.87
C LEU B 458 20.35 -16.20 -5.68
N PRO B 459 19.25 -16.81 -5.15
CA PRO B 459 18.49 -17.78 -5.92
C PRO B 459 17.89 -17.20 -7.22
N PRO B 460 17.36 -18.06 -8.11
CA PRO B 460 16.90 -17.60 -9.42
C PRO B 460 15.50 -17.00 -9.30
N ILE B 461 15.45 -15.82 -8.67
CA ILE B 461 14.20 -15.13 -8.37
C ILE B 461 13.42 -14.70 -9.64
N MET B 462 14.12 -14.43 -10.74
CA MET B 462 13.48 -14.04 -12.02
C MET B 462 12.90 -15.23 -12.79
N GLY B 463 13.30 -16.44 -12.42
CA GLY B 463 12.92 -17.65 -13.11
C GLY B 463 14.15 -18.44 -13.50
N LEU B 464 13.96 -19.73 -13.76
CA LEU B 464 15.05 -20.61 -14.16
C LEU B 464 15.62 -20.33 -15.52
N ASN B 465 14.82 -19.79 -16.42
CA ASN B 465 15.25 -19.56 -17.81
C ASN B 465 15.50 -18.10 -18.14
N ARG B 466 15.86 -17.34 -17.10
CA ARG B 466 16.22 -15.94 -17.21
C ARG B 466 17.45 -15.66 -16.34
N ASN B 467 18.29 -14.76 -16.81
CA ASN B 467 19.46 -14.33 -16.03
C ASN B 467 19.00 -13.45 -14.85
N ALA B 468 19.89 -13.28 -13.88
CA ALA B 468 19.63 -12.38 -12.76
C ALA B 468 19.50 -10.93 -13.26
N PRO B 469 18.77 -10.09 -12.52
CA PRO B 469 18.77 -8.69 -12.86
C PRO B 469 20.10 -8.01 -12.52
N TYR B 470 20.22 -6.74 -12.86
CA TYR B 470 21.42 -5.97 -12.53
C TYR B 470 21.03 -5.02 -11.44
N LEU B 471 21.91 -4.85 -10.45
CA LEU B 471 21.61 -3.95 -9.36
C LEU B 471 21.62 -2.46 -9.70
N GLY B 472 20.71 -1.70 -9.08
CA GLY B 472 20.78 -0.25 -9.14
C GLY B 472 21.70 0.21 -8.02
N PRO B 473 22.95 0.66 -8.32
CA PRO B 473 23.88 0.99 -7.25
C PRO B 473 23.42 2.08 -6.29
N GLY B 474 23.77 1.87 -5.00
CA GLY B 474 23.50 2.81 -3.92
C GLY B 474 23.01 2.07 -2.69
N ARG B 475 21.85 2.46 -2.18
CA ARG B 475 21.23 1.80 -1.01
C ARG B 475 19.95 1.03 -1.33
N GLY B 476 19.59 0.13 -0.43
CA GLY B 476 18.24 -0.40 -0.35
C GLY B 476 17.53 0.35 0.76
N ILE B 477 16.31 -0.04 1.05
CA ILE B 477 15.58 0.52 2.20
C ILE B 477 14.78 -0.53 2.95
N ILE B 478 14.41 -0.16 4.17
CA ILE B 478 13.46 -0.91 4.97
C ILE B 478 12.17 -0.09 4.99
N GLU B 479 11.08 -0.63 4.45
CA GLU B 479 9.80 0.06 4.49
C GLU B 479 9.28 -0.01 5.93
N SER B 480 9.09 1.16 6.55
CA SER B 480 8.87 1.27 8.00
C SER B 480 7.64 0.55 8.49
N SER B 481 6.52 0.64 7.76
CA SER B 481 5.25 0.02 8.20
C SER B 481 5.22 -1.53 8.16
N THR B 482 5.84 -2.15 7.17
CA THR B 482 5.88 -3.61 7.02
C THR B 482 7.19 -4.25 7.45
N GLY B 483 8.26 -3.46 7.52
CA GLY B 483 9.61 -4.03 7.65
C GLY B 483 10.15 -4.73 6.39
N ARG B 484 9.53 -4.55 5.24
CA ARG B 484 10.03 -5.19 4.01
C ARG B 484 11.36 -4.59 3.61
N ILE B 485 12.31 -5.45 3.31
CA ILE B 485 13.59 -5.03 2.75
C ILE B 485 13.44 -4.89 1.22
N LEU B 486 13.76 -3.73 0.66
CA LEU B 486 13.72 -3.54 -0.77
C LEU B 486 15.07 -3.24 -1.36
N ILE B 487 15.43 -3.98 -2.40
CA ILE B 487 16.72 -3.82 -3.14
C ILE B 487 16.39 -3.49 -4.60
N PRO B 488 16.85 -2.34 -5.09
CA PRO B 488 16.52 -1.97 -6.46
C PRO B 488 17.40 -2.71 -7.51
N SER B 489 16.74 -3.18 -8.57
CA SER B 489 17.44 -3.79 -9.71
C SER B 489 16.62 -3.59 -10.98
N TYR B 490 17.17 -4.05 -12.09
CA TYR B 490 16.54 -3.88 -13.38
C TYR B 490 17.10 -4.89 -14.35
N THR B 491 16.39 -5.11 -15.46
CA THR B 491 16.71 -6.14 -16.45
C THR B 491 17.10 -5.63 -17.83
N GLY B 492 16.83 -4.35 -18.10
CA GLY B 492 16.96 -3.76 -19.44
C GLY B 492 15.59 -3.27 -19.93
N LYS B 493 14.56 -4.10 -19.75
CA LYS B 493 13.15 -3.83 -20.10
C LYS B 493 12.15 -3.68 -18.91
N GLU B 494 12.57 -3.98 -17.70
CA GLU B 494 11.69 -4.00 -16.54
C GLU B 494 12.45 -3.49 -15.32
N SER B 495 11.73 -3.00 -14.32
CA SER B 495 12.30 -2.91 -12.98
C SER B 495 12.15 -4.27 -12.26
N ALA B 496 13.15 -4.62 -11.44
CA ALA B 496 13.06 -5.80 -10.58
C ALA B 496 13.34 -5.38 -9.14
N PHE B 497 12.30 -5.29 -8.35
CA PHE B 497 12.45 -4.86 -6.98
C PHE B 497 12.52 -6.10 -6.15
N ILE B 498 13.73 -6.40 -5.73
CA ILE B 498 14.05 -7.58 -4.98
C ILE B 498 13.68 -7.26 -3.53
N TYR B 499 12.99 -8.18 -2.88
CA TYR B 499 12.54 -7.92 -1.51
C TYR B 499 12.48 -9.15 -0.62
N SER B 500 12.49 -8.89 0.69
CA SER B 500 12.32 -9.93 1.70
C SER B 500 11.31 -9.51 2.77
N ASP B 501 10.40 -10.41 3.09
CA ASP B 501 9.40 -10.18 4.15
C ASP B 501 9.73 -10.94 5.44
N ASP B 502 10.87 -11.59 5.48
CA ASP B 502 11.28 -12.36 6.65
C ASP B 502 12.69 -11.95 7.10
N ASN B 503 12.91 -10.63 7.11
CA ASN B 503 14.19 -10.02 7.55
CA ASN B 503 14.17 -10.03 7.57
C ASN B 503 15.44 -10.57 6.89
N GLY B 504 15.32 -10.93 5.61
CA GLY B 504 16.48 -11.31 4.80
C GLY B 504 16.85 -12.77 4.76
N ALA B 505 16.02 -13.63 5.31
CA ALA B 505 16.21 -15.07 5.19
C ALA B 505 15.90 -15.54 3.80
N SER B 506 14.85 -14.98 3.18
CA SER B 506 14.41 -15.37 1.82
C SER B 506 14.06 -14.12 1.00
N TRP B 507 14.15 -14.29 -0.33
CA TRP B 507 14.11 -13.20 -1.28
C TRP B 507 13.09 -13.51 -2.33
N LYS B 508 12.33 -12.50 -2.73
CA LYS B 508 11.43 -12.59 -3.89
C LYS B 508 11.64 -11.36 -4.74
N VAL B 509 10.88 -11.24 -5.81
CA VAL B 509 11.00 -10.09 -6.69
C VAL B 509 9.66 -9.65 -7.25
N LYS B 510 9.44 -8.33 -7.30
CA LYS B 510 8.36 -7.73 -8.08
C LYS B 510 8.96 -7.22 -9.37
N VAL B 511 8.52 -7.80 -10.49
CA VAL B 511 8.96 -7.39 -11.80
C VAL B 511 7.92 -6.42 -12.37
N VAL B 512 8.38 -5.26 -12.81
CA VAL B 512 7.51 -4.18 -13.26
C VAL B 512 7.89 -3.79 -14.67
N PRO B 513 7.02 -4.10 -15.66
CA PRO B 513 7.27 -3.68 -17.04
C PRO B 513 7.41 -2.16 -17.16
N LEU B 514 8.42 -1.69 -17.92
CA LEU B 514 8.64 -0.28 -18.13
C LEU B 514 8.20 0.11 -19.53
N PRO B 515 7.94 1.39 -19.76
CA PRO B 515 7.57 1.85 -21.09
C PRO B 515 8.63 1.63 -22.22
N SER B 516 9.90 1.46 -21.89
CA SER B 516 10.96 1.21 -22.93
C SER B 516 12.18 0.53 -22.29
N SER B 517 13.22 0.33 -23.10
CA SER B 517 14.45 -0.27 -22.60
C SER B 517 15.29 0.73 -21.80
N TRP B 518 14.88 0.98 -20.56
CA TRP B 518 15.56 1.88 -19.66
C TRP B 518 16.67 1.09 -19.01
N SER B 519 17.82 1.70 -18.76
CA SER B 519 18.79 1.11 -17.84
C SER B 519 18.35 1.58 -16.49
N ALA B 520 17.34 0.93 -15.94
CA ALA B 520 16.54 1.51 -14.85
C ALA B 520 17.21 1.38 -13.45
N GLU B 521 18.43 1.90 -13.34
CA GLU B 521 19.10 2.07 -12.05
C GLU B 521 18.20 2.99 -11.21
N ALA B 522 17.76 2.45 -10.07
CA ALA B 522 16.80 3.11 -9.21
C ALA B 522 17.25 3.22 -7.76
N GLN B 523 16.59 4.14 -7.04
CA GLN B 523 16.69 4.30 -5.61
C GLN B 523 15.30 4.61 -5.06
N PHE B 524 15.10 4.28 -3.80
CA PHE B 524 13.78 4.38 -3.19
C PHE B 524 13.71 5.49 -2.17
N VAL B 525 12.55 6.15 -2.06
CA VAL B 525 12.24 6.92 -0.85
C VAL B 525 10.87 6.53 -0.28
N GLU B 526 10.69 6.75 1.01
CA GLU B 526 9.42 6.54 1.69
C GLU B 526 8.77 7.90 1.93
N LEU B 527 7.54 8.08 1.46
CA LEU B 527 6.85 9.36 1.64
C LEU B 527 6.09 9.38 2.97
N SER B 528 5.43 8.26 3.27
CA SER B 528 4.61 8.08 4.48
C SER B 528 4.49 6.57 4.70
N PRO B 529 3.91 6.13 5.83
CA PRO B 529 3.77 4.68 6.06
C PRO B 529 3.05 3.94 4.92
N GLY B 530 3.68 2.85 4.46
CA GLY B 530 3.19 2.10 3.30
C GLY B 530 3.47 2.70 1.91
N VAL B 531 3.94 3.96 1.83
CA VAL B 531 4.00 4.68 0.55
C VAL B 531 5.44 4.92 0.15
N ILE B 532 5.87 4.27 -0.94
CA ILE B 532 7.25 4.42 -1.43
C ILE B 532 7.33 4.85 -2.91
N GLN B 533 8.43 5.49 -3.27
CA GLN B 533 8.66 5.92 -4.65
C GLN B 533 10.02 5.41 -5.11
N ALA B 534 10.07 4.91 -6.34
CA ALA B 534 11.32 4.52 -6.97
C ALA B 534 11.68 5.54 -8.04
N TYR B 535 12.81 6.19 -7.89
CA TYR B 535 13.29 7.19 -8.82
C TYR B 535 14.31 6.49 -9.68
N MET B 536 14.24 6.63 -11.00
CA MET B 536 15.14 5.89 -11.90
C MET B 536 15.55 6.58 -13.21
N ARG B 537 16.64 6.07 -13.74
CA ARG B 537 17.20 6.41 -15.02
C ARG B 537 16.32 5.79 -16.08
N THR B 538 16.23 6.47 -17.22
CA THR B 538 15.47 6.11 -18.36
C THR B 538 16.27 6.21 -19.62
N ASN B 539 15.68 5.85 -20.75
CA ASN B 539 16.28 6.12 -22.08
C ASN B 539 15.63 7.32 -22.83
N ASN B 540 14.88 8.19 -22.11
CA ASN B 540 14.18 9.29 -22.77
C ASN B 540 14.63 10.71 -22.38
N GLY B 541 15.59 10.80 -21.48
CA GLY B 541 16.15 12.07 -21.07
C GLY B 541 15.70 12.57 -19.69
N LYS B 542 14.72 11.91 -19.12
CA LYS B 542 14.12 12.33 -17.87
C LYS B 542 14.44 11.33 -16.78
N ILE B 543 14.28 11.79 -15.54
CA ILE B 543 14.24 10.90 -14.39
C ILE B 543 12.79 10.49 -14.22
N ALA B 544 12.52 9.19 -14.14
CA ALA B 544 11.17 8.68 -13.85
C ALA B 544 10.97 8.35 -12.38
N TYR B 545 9.73 8.42 -11.90
CA TYR B 545 9.40 7.92 -10.57
C TYR B 545 8.08 7.13 -10.60
N LEU B 546 8.12 5.95 -9.96
CA LEU B 546 6.97 5.07 -9.81
C LEU B 546 6.62 5.08 -8.35
N THR B 547 5.32 5.04 -8.05
CA THR B 547 4.81 5.12 -6.69
C THR B 547 4.08 3.84 -6.33
N SER B 548 4.31 3.37 -5.13
CA SER B 548 3.61 2.22 -4.54
C SER B 548 2.96 2.66 -3.24
N LYS B 549 1.68 2.39 -3.09
CA LYS B 549 0.99 2.69 -1.83
C LYS B 549 0.72 1.43 -1.03
N ASP B 550 1.32 0.31 -1.42
CA ASP B 550 1.22 -0.94 -0.65
C ASP B 550 2.63 -1.56 -0.40
N ALA B 551 3.57 -0.73 0.03
CA ALA B 551 4.91 -1.22 0.44
C ALA B 551 5.68 -1.99 -0.64
N GLY B 552 5.45 -1.64 -1.90
CA GLY B 552 6.19 -2.23 -3.01
C GLY B 552 5.51 -3.36 -3.75
N THR B 553 4.33 -3.75 -3.30
CA THR B 553 3.63 -4.87 -3.92
C THR B 553 3.13 -4.56 -5.35
N THR B 554 2.58 -3.36 -5.56
CA THR B 554 2.14 -2.90 -6.87
C THR B 554 2.60 -1.47 -7.08
N TRP B 555 2.77 -1.10 -8.35
CA TRP B 555 3.40 0.15 -8.75
C TRP B 555 2.62 0.92 -9.81
N SER B 556 2.49 2.22 -9.60
CA SER B 556 1.78 3.07 -10.52
C SER B 556 2.55 3.21 -11.84
N ALA B 557 1.85 3.72 -12.85
CA ALA B 557 2.45 4.17 -14.09
C ALA B 557 3.52 5.22 -13.82
N PRO B 558 4.54 5.30 -14.68
CA PRO B 558 5.61 6.26 -14.37
C PRO B 558 5.19 7.72 -14.52
N GLU B 559 5.75 8.57 -13.65
CA GLU B 559 5.73 10.02 -13.82
C GLU B 559 7.20 10.49 -13.98
N TYR B 560 7.38 11.73 -14.43
CA TYR B 560 8.70 12.26 -14.73
C TYR B 560 8.89 13.60 -14.05
N LEU B 561 10.08 13.81 -13.49
CA LEU B 561 10.49 15.10 -12.95
C LEU B 561 10.56 16.06 -14.12
N LYS B 562 10.06 17.27 -13.93
CA LYS B 562 9.96 18.26 -14.96
C LYS B 562 11.11 19.27 -15.00
N PHE B 563 12.03 19.18 -14.05
CA PHE B 563 13.10 20.14 -13.94
C PHE B 563 14.46 19.54 -14.24
N VAL B 564 14.54 18.24 -14.52
CA VAL B 564 15.80 17.63 -14.94
C VAL B 564 15.69 17.23 -16.39
N SER B 565 16.73 17.53 -17.15
CA SER B 565 16.71 17.23 -18.56
C SER B 565 18.13 16.78 -19.00
N ASN B 566 18.22 15.48 -19.31
CA ASN B 566 19.47 14.75 -19.51
C ASN B 566 19.52 14.14 -20.86
N PRO B 567 20.73 13.68 -21.30
CA PRO B 567 20.76 12.97 -22.60
C PRO B 567 20.00 11.65 -22.50
N SER B 568 19.62 11.13 -23.65
CA SER B 568 18.78 9.94 -23.74
C SER B 568 19.35 8.72 -22.99
N TYR B 569 20.68 8.56 -22.99
CA TYR B 569 21.33 7.43 -22.28
C TYR B 569 21.17 7.45 -20.78
N GLY B 570 20.99 8.62 -20.17
CA GLY B 570 20.78 8.72 -18.73
C GLY B 570 22.03 8.54 -17.85
N THR B 571 21.83 8.84 -16.56
CA THR B 571 22.82 8.58 -15.56
C THR B 571 22.13 8.05 -14.30
N GLN B 572 22.85 7.22 -13.55
CA GLN B 572 22.44 6.87 -12.21
C GLN B 572 22.20 8.13 -11.36
N LEU B 573 21.30 8.03 -10.39
CA LEU B 573 20.99 9.10 -9.48
C LEU B 573 21.14 8.61 -8.04
N SER B 574 21.06 9.54 -7.09
CA SER B 574 20.92 9.22 -5.68
C SER B 574 19.79 10.04 -5.08
N ILE B 575 18.95 9.41 -4.28
CA ILE B 575 17.94 10.15 -3.53
C ILE B 575 17.80 9.43 -2.18
N ILE B 576 17.71 10.21 -1.11
CA ILE B 576 17.57 9.66 0.25
C ILE B 576 16.46 10.35 1.03
N ASN B 577 15.97 9.66 2.04
CA ASN B 577 15.18 10.32 3.09
C ASN B 577 16.12 11.07 4.03
N TYR B 578 15.68 12.23 4.51
CA TYR B 578 16.42 13.03 5.48
C TYR B 578 15.63 12.97 6.78
N SER B 579 16.32 12.78 7.91
CA SER B 579 15.64 12.53 9.20
C SER B 579 15.02 13.77 9.86
N GLN B 580 15.50 14.95 9.52
CA GLN B 580 15.05 16.21 10.16
C GLN B 580 14.10 16.97 9.25
N LEU B 581 13.17 17.70 9.86
CA LEU B 581 12.21 18.53 9.11
C LEU B 581 12.92 19.71 8.47
N ILE B 582 12.48 20.10 7.28
CA ILE B 582 12.93 21.32 6.61
C ILE B 582 11.71 22.17 6.29
N ASP B 583 11.71 23.42 6.78
CA ASP B 583 10.54 24.31 6.72
C ASP B 583 9.30 23.62 7.28
N GLY B 584 9.49 22.83 8.34
CA GLY B 584 8.41 22.08 8.98
C GLY B 584 7.87 20.84 8.25
N LYS B 585 8.54 20.41 7.19
CA LYS B 585 8.08 19.32 6.35
C LYS B 585 9.12 18.23 6.24
N LYS B 586 8.63 17.02 6.03
CA LYS B 586 9.49 15.88 5.79
C LYS B 586 10.21 16.09 4.43
N ALA B 587 11.47 15.70 4.33
CA ALA B 587 12.26 16.01 3.16
C ALA B 587 12.97 14.82 2.61
N VAL B 588 13.19 14.91 1.30
CA VAL B 588 14.05 14.02 0.57
C VAL B 588 15.09 14.85 -0.14
N ILE B 589 16.20 14.20 -0.47
CA ILE B 589 17.34 14.87 -1.05
C ILE B 589 17.83 14.06 -2.23
N LEU B 590 17.90 14.72 -3.39
CA LEU B 590 18.22 14.10 -4.66
C LEU B 590 19.54 14.66 -5.24
N SER B 591 20.41 13.79 -5.74
CA SER B 591 21.59 14.16 -6.51
C SER B 591 21.60 13.55 -7.90
N THR B 592 21.82 14.38 -8.91
CA THR B 592 21.81 13.97 -10.33
C THR B 592 22.56 15.00 -11.15
N PRO B 593 23.18 14.58 -12.25
CA PRO B 593 23.48 15.62 -13.24
C PRO B 593 22.20 16.14 -13.88
N ASN B 594 22.34 17.25 -14.60
CA ASN B 594 21.20 17.95 -15.20
C ASN B 594 21.69 18.77 -16.36
N SER B 595 21.78 18.14 -17.51
CA SER B 595 22.36 18.71 -18.71
C SER B 595 22.15 17.75 -19.87
N THR B 596 21.77 18.28 -21.02
CA THR B 596 21.65 17.50 -22.26
C THR B 596 22.97 17.42 -23.06
N ASN B 597 24.00 18.14 -22.61
CA ASN B 597 25.30 18.13 -23.29
C ASN B 597 26.21 17.00 -22.83
N GLY B 598 25.85 16.35 -21.73
CA GLY B 598 26.68 15.29 -21.19
C GLY B 598 26.38 15.05 -19.71
N ARG B 599 27.24 14.27 -19.11
CA ARG B 599 27.17 14.01 -17.69
C ARG B 599 27.87 15.16 -16.99
N LYS B 600 27.07 16.18 -16.74
CA LYS B 600 27.51 17.50 -16.33
C LYS B 600 26.48 18.17 -15.42
N HIS B 601 26.92 19.28 -14.82
CA HIS B 601 26.03 20.19 -14.14
C HIS B 601 25.28 19.45 -13.01
N GLY B 602 26.06 18.92 -12.07
CA GLY B 602 25.52 18.24 -10.90
C GLY B 602 24.70 19.15 -10.04
N GLN B 603 23.60 18.64 -9.54
CA GLN B 603 22.72 19.40 -8.68
C GLN B 603 22.24 18.53 -7.54
N ILE B 604 22.04 19.18 -6.38
CA ILE B 604 21.40 18.60 -5.24
C ILE B 604 20.06 19.32 -5.01
N TRP B 605 18.96 18.58 -5.04
CA TRP B 605 17.61 19.11 -4.87
C TRP B 605 17.01 18.66 -3.56
N ILE B 606 16.39 19.60 -2.87
CA ILE B 606 15.66 19.30 -1.64
C ILE B 606 14.19 19.29 -2.00
N GLY B 607 13.55 18.17 -1.72
CA GLY B 607 12.12 18.00 -1.97
C GLY B 607 11.37 17.85 -0.67
N LEU B 608 10.30 18.60 -0.49
CA LEU B 608 9.54 18.59 0.72
C LEU B 608 8.19 17.92 0.45
N ILE B 609 7.85 16.95 1.27
CA ILE B 609 6.67 16.13 1.05
C ILE B 609 5.43 16.83 1.60
N ASN B 610 4.40 16.92 0.77
CA ASN B 610 3.14 17.54 1.15
C ASN B 610 2.17 16.51 1.77
N ASP B 611 1.11 17.01 2.38
CA ASP B 611 0.11 16.11 3.03
C ASP B 611 -0.47 15.07 2.08
N ASP B 612 -0.66 15.45 0.82
CA ASP B 612 -1.15 14.55 -0.23
C ASP B 612 -0.06 13.63 -0.84
N ASN B 613 1.14 13.67 -0.29
CA ASN B 613 2.28 12.86 -0.80
C ASN B 613 2.87 13.25 -2.16
N THR B 614 2.55 14.43 -2.69
CA THR B 614 3.33 15.01 -3.78
C THR B 614 4.49 15.74 -3.14
N ILE B 615 5.51 16.00 -3.94
CA ILE B 615 6.76 16.63 -3.45
C ILE B 615 6.88 18.07 -3.98
N ASP B 616 7.09 19.02 -3.05
CA ASP B 616 7.48 20.41 -3.36
C ASP B 616 9.01 20.48 -3.53
N TRP B 617 9.49 20.55 -4.77
CA TRP B 617 10.93 20.57 -5.03
C TRP B 617 11.42 22.02 -4.88
N ARG B 618 11.61 22.40 -3.62
CA ARG B 618 11.76 23.81 -3.23
C ARG B 618 13.15 24.42 -3.42
N TYR B 619 14.21 23.63 -3.26
CA TYR B 619 15.59 24.16 -3.25
C TYR B 619 16.46 23.33 -4.15
N HIS B 620 17.45 23.95 -4.76
CA HIS B 620 18.53 23.22 -5.38
C HIS B 620 19.86 23.95 -5.21
N HIS B 621 20.94 23.21 -5.28
CA HIS B 621 22.30 23.72 -5.23
C HIS B 621 23.12 23.12 -6.36
N ASP B 622 23.81 23.94 -7.15
CA ASP B 622 24.67 23.44 -8.24
C ASP B 622 26.02 23.05 -7.66
N VAL B 623 26.44 21.81 -7.86
CA VAL B 623 27.79 21.38 -7.50
C VAL B 623 28.73 21.73 -8.66
N ASP B 624 29.48 22.81 -8.47
CA ASP B 624 30.40 23.37 -9.45
C ASP B 624 29.67 23.93 -10.70
N TYR B 625 30.43 24.46 -11.65
CA TYR B 625 29.89 25.05 -12.85
C TYR B 625 29.17 24.06 -13.80
N SER B 626 28.37 24.62 -14.68
CA SER B 626 27.42 23.82 -15.45
C SER B 626 28.11 22.95 -16.49
N ASN B 627 29.28 23.32 -16.97
CA ASN B 627 29.96 22.48 -17.94
C ASN B 627 30.98 21.52 -17.33
N TYR B 628 31.10 21.50 -16.00
CA TYR B 628 32.01 20.54 -15.34
C TYR B 628 31.33 19.20 -15.22
N GLY B 629 32.14 18.14 -15.15
CA GLY B 629 31.66 16.77 -15.17
C GLY B 629 31.04 16.29 -13.83
N TYR B 630 29.96 15.52 -13.95
CA TYR B 630 29.26 14.98 -12.79
C TYR B 630 28.47 13.76 -13.23
N SER B 631 28.95 12.59 -12.81
CA SER B 631 28.34 11.33 -13.26
C SER B 631 27.58 10.63 -12.12
N TYR B 632 27.97 9.39 -11.77
CA TYR B 632 27.30 8.70 -10.69
C TYR B 632 27.59 9.37 -9.34
N SER B 633 26.61 9.31 -8.44
CA SER B 633 26.67 10.01 -7.16
C SER B 633 25.97 9.23 -6.06
N THR B 634 26.20 9.63 -4.83
CA THR B 634 25.65 8.98 -3.67
C THR B 634 25.63 10.02 -2.54
N LEU B 635 24.51 10.05 -1.86
CA LEU B 635 24.23 10.88 -0.73
C LEU B 635 24.06 10.04 0.52
N THR B 636 24.50 10.61 1.64
CA THR B 636 24.10 10.07 2.92
C THR B 636 23.87 11.21 3.92
N GLU B 637 23.02 10.93 4.90
CA GLU B 637 22.85 11.85 6.01
C GLU B 637 23.90 11.51 7.08
N LEU B 638 24.69 12.50 7.48
CA LEU B 638 25.70 12.29 8.53
C LEU B 638 25.02 12.26 9.92
N PRO B 639 25.67 11.68 10.92
CA PRO B 639 25.12 11.65 12.27
C PRO B 639 24.75 13.01 12.83
N ASN B 640 25.53 14.02 12.49
CA ASN B 640 25.21 15.41 12.88
C ASN B 640 24.18 16.14 11.99
N HIS B 641 23.59 15.40 11.05
CA HIS B 641 22.54 15.89 10.13
C HIS B 641 23.01 16.76 9.02
N GLU B 642 24.33 16.87 8.88
CA GLU B 642 24.89 17.31 7.59
C GLU B 642 24.71 16.21 6.55
N ILE B 643 25.04 16.54 5.31
CA ILE B 643 24.87 15.66 4.16
C ILE B 643 26.25 15.37 3.54
N GLY B 644 26.54 14.10 3.32
CA GLY B 644 27.72 13.66 2.64
C GLY B 644 27.39 13.31 1.19
N LEU B 645 28.29 13.71 0.31
CA LEU B 645 28.19 13.47 -1.11
C LEU B 645 29.51 12.91 -1.61
N MET B 646 29.43 11.84 -2.38
CA MET B 646 30.58 11.40 -3.15
C MET B 646 30.08 11.20 -4.57
N PHE B 647 30.90 11.54 -5.55
CA PHE B 647 30.46 11.58 -6.92
C PHE B 647 31.62 11.46 -7.87
N GLU B 648 31.34 10.94 -9.06
CA GLU B 648 32.32 10.90 -10.13
C GLU B 648 32.36 12.30 -10.72
N LYS B 649 33.42 13.04 -10.43
CA LYS B 649 33.63 14.40 -10.95
C LYS B 649 34.30 14.36 -12.33
N PHE B 650 33.58 13.81 -13.28
CA PHE B 650 34.00 13.68 -14.66
C PHE B 650 32.77 13.11 -15.33
N ASP B 651 32.81 13.08 -16.65
CA ASP B 651 31.77 12.47 -17.48
C ASP B 651 32.16 11.03 -17.80
N SER B 652 31.55 10.09 -17.09
CA SER B 652 31.88 8.66 -17.21
C SER B 652 31.25 7.97 -18.42
N TRP B 653 30.54 8.72 -19.25
CA TRP B 653 29.99 8.22 -20.50
C TRP B 653 30.97 8.47 -21.64
N SER B 654 31.54 9.67 -21.64
CA SER B 654 32.42 10.11 -22.70
C SER B 654 33.65 9.21 -22.87
N ARG B 655 33.91 8.84 -24.10
CA ARG B 655 35.10 8.07 -24.48
C ARG B 655 36.37 8.90 -24.34
N ASN B 656 36.20 10.22 -24.26
CA ASN B 656 37.30 11.15 -24.01
C ASN B 656 37.78 11.23 -22.53
N GLU B 657 37.00 10.70 -21.58
CA GLU B 657 37.30 10.88 -20.16
C GLU B 657 37.49 9.54 -19.44
N LEU B 658 37.87 8.53 -20.21
CA LEU B 658 38.13 7.20 -19.66
C LEU B 658 39.49 7.16 -18.96
N HIS B 659 39.62 6.26 -17.96
CA HIS B 659 40.92 5.90 -17.38
C HIS B 659 41.61 7.10 -16.76
N MET B 660 40.84 7.86 -15.99
CA MET B 660 41.35 9.00 -15.25
C MET B 660 41.49 8.68 -13.76
N LYS B 661 42.62 9.11 -13.22
CA LYS B 661 42.92 8.95 -11.76
C LYS B 661 42.43 10.10 -10.84
N ASN B 662 42.06 9.74 -9.62
CA ASN B 662 41.77 10.75 -8.55
C ASN B 662 40.65 11.76 -8.91
N VAL B 663 39.52 11.20 -9.31
CA VAL B 663 38.41 11.96 -9.81
C VAL B 663 37.08 11.63 -9.10
N VAL B 664 37.10 11.03 -7.89
CA VAL B 664 35.86 10.75 -7.16
C VAL B 664 35.92 11.34 -5.76
N PRO B 665 35.57 12.62 -5.61
CA PRO B 665 35.72 13.29 -4.33
C PRO B 665 34.52 13.10 -3.42
N TYR B 666 34.73 13.41 -2.16
CA TYR B 666 33.72 13.38 -1.10
C TYR B 666 33.61 14.81 -0.62
N ILE B 667 32.40 15.31 -0.47
CA ILE B 667 32.13 16.64 0.10
C ILE B 667 31.00 16.54 1.14
N THR B 668 31.10 17.37 2.18
CA THR B 668 30.07 17.48 3.24
C THR B 668 29.35 18.81 3.05
N PHE B 669 28.03 18.80 3.18
CA PHE B 669 27.23 20.01 3.06
C PHE B 669 26.37 20.20 4.30
N LYS B 670 26.15 21.46 4.70
CA LYS B 670 25.08 21.82 5.64
C LYS B 670 23.82 22.04 4.84
N ILE B 671 22.65 21.86 5.48
CA ILE B 671 21.38 22.13 4.76
C ILE B 671 21.35 23.54 4.21
N GLU B 672 21.85 24.50 4.98
CA GLU B 672 21.87 25.90 4.53
C GLU B 672 22.72 26.09 3.25
N ASP B 673 23.75 25.25 3.07
CA ASP B 673 24.50 25.24 1.78
C ASP B 673 23.62 24.77 0.61
N LEU B 674 22.83 23.73 0.86
CA LEU B 674 21.96 23.16 -0.19
C LEU B 674 20.75 24.03 -0.56
N LYS B 675 20.36 24.96 0.29
CA LYS B 675 19.31 25.93 -0.03
C LYS B 675 19.74 27.00 -1.03
N LYS B 676 21.05 27.17 -1.22
CA LYS B 676 21.58 28.26 -2.02
C LYS B 676 21.92 27.76 -3.41
N ASN B 677 21.46 28.45 -4.44
CA ASN B 677 21.74 27.96 -5.82
C ASN B 677 23.23 27.86 -6.06
C1 SIA C . -61.80 -23.25 3.94
C2 SIA C . -61.23 -21.88 3.58
C3 SIA C . -61.24 -20.87 4.74
C4 SIA C . -60.12 -21.16 5.74
C5 SIA C . -58.75 -21.29 5.06
C6 SIA C . -58.82 -22.30 3.91
C7 SIA C . -57.52 -22.38 3.09
C8 SIA C . -57.39 -23.55 2.09
C9 SIA C . -58.65 -24.08 1.45
C10 SIA C . -56.55 -21.07 6.24
C11 SIA C . -55.74 -21.52 7.42
N5 SIA C . -57.76 -21.66 6.08
O1A SIA C . -61.30 -24.30 3.45
O1B SIA C . -62.79 -23.32 4.70
O2 SIA C . -62.08 -21.36 2.56
O4 SIA C . -60.09 -20.11 6.70
O6 SIA C . -59.91 -21.94 3.05
O7 SIA C . -57.31 -21.11 2.44
O8 SIA C . -56.49 -23.24 1.03
O9 SIA C . -59.18 -25.15 2.24
O10 SIA C . -56.10 -20.21 5.49
S SO4 D . -36.39 -0.73 2.86
O1 SO4 D . -36.49 -1.87 3.75
O2 SO4 D . -35.50 -1.12 1.75
O3 SO4 D . -37.72 -0.41 2.28
O4 SO4 D . -35.83 0.46 3.53
S SO4 E . -53.37 -6.40 5.08
O1 SO4 E . -54.83 -6.65 5.04
O2 SO4 E . -52.60 -7.37 4.26
O3 SO4 E . -52.90 -6.53 6.47
O4 SO4 E . -53.12 -5.02 4.58
S SO4 F . -25.10 -25.78 13.64
O1 SO4 F . -24.24 -26.58 14.53
O2 SO4 F . -24.88 -26.20 12.22
O3 SO4 F . -24.74 -24.34 13.77
O4 SO4 F . -26.51 -25.98 14.02
S SO4 G . -39.08 -17.73 -7.44
O1 SO4 G . -38.94 -18.82 -8.43
O2 SO4 G . -40.35 -17.89 -6.68
O3 SO4 G . -37.96 -17.82 -6.48
O4 SO4 G . -39.07 -16.41 -8.12
S SO4 H . -34.48 36.62 11.43
O1 SO4 H . -35.80 36.35 12.05
O2 SO4 H . -33.72 35.35 11.46
O3 SO4 H . -33.77 37.67 12.20
O4 SO4 H . -34.65 37.09 10.04
S SO4 I . -56.40 -30.55 1.19
O1 SO4 I . -54.93 -30.75 1.09
O2 SO4 I . -57.05 -31.87 1.34
O3 SO4 I . -56.74 -29.68 2.34
O4 SO4 I . -56.89 -29.89 -0.05
C1 SIA J . 44.26 28.64 -32.86
C2 SIA J . 43.46 27.34 -32.83
C3 SIA J . 44.32 26.10 -32.57
C4 SIA J . 44.67 25.98 -31.09
C5 SIA J . 43.43 26.09 -30.21
C6 SIA J . 42.65 27.37 -30.48
C7 SIA J . 41.33 27.44 -29.68
C8 SIA J . 40.52 28.76 -29.72
C9 SIA J . 40.68 29.66 -30.93
C10 SIA J . 43.21 25.14 -27.94
C11 SIA J . 43.91 24.95 -26.63
N5 SIA J . 43.83 25.94 -28.81
O1A SIA J . 45.37 28.68 -33.44
O1B SIA J . 43.76 29.68 -32.32
O2 SIA J . 42.89 27.16 -34.11
O4 SIA J . 45.31 24.73 -30.86
O6 SIA J . 42.38 27.38 -31.89
O7 SIA J . 40.47 26.36 -30.07
O8 SIA J . 39.12 28.48 -29.58
O9 SIA J . 41.82 30.49 -30.71
O10 SIA J . 42.16 24.56 -28.17
S SO4 K . 27.45 3.67 -17.52
O1 SO4 K . 27.64 2.28 -17.09
O2 SO4 K . 27.63 3.78 -18.98
O3 SO4 K . 26.07 4.06 -17.15
O4 SO4 K . 28.41 4.59 -16.88
S SO4 L . 38.67 11.80 -29.70
O1 SO4 L . 39.76 11.97 -30.70
O2 SO4 L . 38.02 10.48 -29.91
O3 SO4 L . 37.67 12.88 -29.88
O4 SO4 L . 39.21 11.85 -28.33
S SO4 M . 35.17 22.45 4.01
O1 SO4 M . 36.25 22.43 2.99
O2 SO4 M . 34.71 21.07 4.30
O3 SO4 M . 35.70 23.07 5.25
O4 SO4 M . 34.04 23.26 3.49
S SO4 N . 22.03 23.21 -19.00
O1 SO4 N . 23.28 22.77 -18.32
O2 SO4 N . 21.64 22.17 -19.98
O3 SO4 N . 22.27 24.49 -19.69
O4 SO4 N . 20.97 23.40 -17.99
S SO4 O . 27.95 -34.53 -22.74
O1 SO4 O . 26.98 -34.82 -23.82
O2 SO4 O . 28.11 -35.79 -21.96
O3 SO4 O . 27.47 -33.44 -21.86
O4 SO4 O . 29.26 -34.09 -23.29
S SO4 P . 40.58 35.83 -27.09
O1 SO4 P . 39.11 35.80 -27.29
O2 SO4 P . 41.14 34.48 -27.33
O3 SO4 P . 40.86 36.27 -25.69
O4 SO4 P . 41.18 36.79 -28.04
#